data_4G8A
#
_entry.id   4G8A
#
_cell.length_a   158.038
_cell.length_b   124.680
_cell.length_c   109.140
_cell.angle_alpha   90.00
_cell.angle_beta   115.72
_cell.angle_gamma   90.00
#
_symmetry.space_group_name_H-M   'C 1 2 1'
#
loop_
_entity.id
_entity.type
_entity.pdbx_description
1 polymer 'Toll-like receptor 4'
2 polymer 'Lymphocyte antigen 96'
3 branched 2-acetamido-2-deoxy-beta-D-glucopyranose-(1-4)-2-acetamido-2-deoxy-beta-D-glucopyranose
4 non-polymer 2-acetamido-2-deoxy-beta-D-glucopyranose
5 non-polymer 2-deoxy-3-O-[(3R)-3-hydroxytetradecanoyl]-2-{[(3R)-3-hydroxytetradecanoyl]amino}-4-O-phosphono-beta-D-glucopyranose
6 non-polymer '(R)-((2R,3S,4R,5R,6R)-3-HYDROXY-2-(HYDROXYMETHYL)-5-((R)-3-HYDROXYTETRADECANAMIDO)-6-(PHOSPHONOOXY)TETRAHYDRO-2H-PYRAN-4-YL) 3-HYDROXYTETRADECANOATE'
7 non-polymer 'LAURIC ACID'
8 non-polymer 'MYRISTIC ACID'
9 non-polymer '3-deoxy-alpha-D-manno-oct-2-ulopyranosonic acid'
10 water water
#
loop_
_entity_poly.entity_id
_entity_poly.type
_entity_poly.pdbx_seq_one_letter_code
_entity_poly.pdbx_strand_id
1 'polypeptide(L)'
;RSPWDYKDDDDKLAAANSSIPESWEPCVEVVPNITYQCMELNFYKIPDNLPFSTKNLDLSFNPLRHLGSYSFFSFPELQV
LDLSRCEIQTIEDGAYQSLSHLSTLILTGNPIQSLALGAFSGLSSLQKLVAVETNLASLENFPIGHLKTLKELNVAHNLI
QSFKLPEYFSNLTNLEHLDLSSNKIQSIYCTDLRVLHQMPLLNLSLDLSLNPMNFIQPGAFKEIRLHKLTLRNNFDSLNV
MKTCIQGLAGLEVHRLVLGEFRNEGNLEKFDKSALEGLCNLTIEEFRLAYLDYYLDGIIDLFNCLTNVSSFSLVSVTIER
VKDFSYNFGWQHLELVNCKFGQFPTLKLKSLKRLTFTSNKGGNAFSEVDLPSLEFLDLSRNGLSFKGCCSQSDFGTISLK
YLDLSFNGVITMSSNFLGLEQLEHLDFQHSNLKQMSEFSVFLSLRNLIYLDISHTHTRVAFNGIFNGLSSLEVLKMAGNS
FQENFLPDIFTELRNLTFLDLSQCQLEQLSPTAFNSLSSLQVLNMSHNNFFSLDTFPYKCLNSLQVLDYSLNHIMTSKKQ
ELQHFPSSLAFLNLTQNDFACTCEHQSFLQWIKDQRQLLVEVERMECATPSDKQGMPVLSLNITCQMTGHHHHHH
;
A,B
2 'polypeptide(L)'
;EAQKQYWVCNSSDASISYTYCDKMQYPISINVNPCIELKGSKGLLHIFYIPRRDLKQLYFNLYITVNTMNLPKRKEVICR
GSDDDYSFCRALKGETVNTTISFSFKGIKFSKGKYKCVVEAISGSPEEMLFCLEFVILHQPNSN
;
C,D
#
# COMPACT_ATOMS: atom_id res chain seq x y z
N GLU A 25 58.80 0.04 -0.83
CA GLU A 25 57.38 -0.39 -0.75
C GLU A 25 56.43 0.71 -1.24
N PRO A 26 56.14 0.73 -2.56
CA PRO A 26 54.95 1.43 -3.03
C PRO A 26 53.68 0.57 -2.83
N CYS A 27 53.86 -0.68 -2.37
CA CYS A 27 52.76 -1.57 -1.99
C CYS A 27 51.98 -1.02 -0.79
N VAL A 28 50.66 -1.17 -0.80
CA VAL A 28 49.83 -0.77 0.34
C VAL A 28 49.92 -1.80 1.48
N GLU A 29 50.04 -1.30 2.70
CA GLU A 29 50.05 -2.14 3.89
C GLU A 29 48.62 -2.35 4.37
N VAL A 30 47.95 -3.37 3.84
CA VAL A 30 46.54 -3.64 4.20
C VAL A 30 46.41 -4.18 5.63
N VAL A 31 47.19 -5.19 5.97
CA VAL A 31 47.28 -5.66 7.35
C VAL A 31 48.76 -5.86 7.68
N PRO A 32 49.30 -4.98 8.58
CA PRO A 32 50.73 -5.00 8.94
C PRO A 32 51.27 -6.40 9.16
N ASN A 33 52.44 -6.69 8.60
CA ASN A 33 53.11 -8.00 8.71
C ASN A 33 52.36 -9.18 8.04
N ILE A 34 51.17 -8.92 7.50
CA ILE A 34 50.28 -9.99 7.02
C ILE A 34 49.90 -9.87 5.53
N THR A 35 49.20 -8.79 5.18
CA THR A 35 48.57 -8.64 3.86
C THR A 35 49.07 -7.37 3.13
N TYR A 36 49.54 -7.54 1.89
CA TYR A 36 50.04 -6.42 1.10
C TYR A 36 49.50 -6.37 -0.34
N GLN A 37 48.94 -5.22 -0.69
CA GLN A 37 48.39 -4.95 -2.02
C GLN A 37 49.47 -4.34 -2.90
N CYS A 38 50.12 -5.18 -3.70
CA CYS A 38 51.15 -4.71 -4.62
C CYS A 38 50.56 -4.59 -6.02
N MET A 39 49.27 -4.29 -6.09
CA MET A 39 48.52 -4.34 -7.34
C MET A 39 48.74 -3.10 -8.22
N GLU A 40 49.04 -3.35 -9.49
CA GLU A 40 49.12 -2.32 -10.54
C GLU A 40 50.16 -1.23 -10.29
N LEU A 41 51.40 -1.66 -10.12
CA LEU A 41 52.48 -0.77 -9.73
C LEU A 41 53.70 -0.95 -10.62
N ASN A 42 53.55 -1.63 -11.76
CA ASN A 42 54.62 -1.77 -12.72
C ASN A 42 55.75 -2.70 -12.30
N PHE A 43 55.47 -3.65 -11.41
CA PHE A 43 56.49 -4.61 -11.00
C PHE A 43 56.89 -5.51 -12.17
N TYR A 44 58.17 -5.45 -12.53
CA TYR A 44 58.77 -6.31 -13.58
C TYR A 44 59.21 -7.59 -12.88
N LYS A 45 59.35 -7.51 -11.56
CA LYS A 45 59.69 -8.68 -10.76
C LYS A 45 59.05 -8.61 -9.37
N ILE A 46 59.25 -9.68 -8.60
CA ILE A 46 58.57 -9.87 -7.33
C ILE A 46 59.21 -9.02 -6.23
N PRO A 47 58.40 -8.28 -5.45
CA PRO A 47 58.88 -7.48 -4.33
C PRO A 47 59.75 -8.26 -3.35
N ASP A 48 60.88 -7.69 -2.97
CA ASP A 48 61.83 -8.30 -2.06
C ASP A 48 61.86 -7.54 -0.74
N ASN A 49 61.11 -6.44 -0.68
CA ASN A 49 61.14 -5.54 0.46
C ASN A 49 59.91 -5.65 1.36
N LEU A 50 59.36 -6.86 1.44
CA LEU A 50 58.16 -7.10 2.25
C LEU A 50 58.49 -8.04 3.41
N PRO A 51 57.74 -7.94 4.54
CA PRO A 51 57.98 -8.83 5.68
C PRO A 51 58.08 -10.30 5.28
N PHE A 52 58.88 -11.05 6.01
CA PHE A 52 59.01 -12.50 5.79
C PHE A 52 57.69 -13.20 6.12
N SER A 53 56.87 -12.52 6.93
CA SER A 53 55.63 -13.07 7.47
C SER A 53 54.40 -12.68 6.67
N THR A 54 54.57 -12.37 5.38
CA THR A 54 53.44 -12.02 4.51
C THR A 54 52.56 -13.24 4.26
N LYS A 55 51.28 -13.12 4.62
CA LYS A 55 50.33 -14.21 4.43
C LYS A 55 49.54 -14.05 3.12
N ASN A 56 49.03 -12.84 2.88
CA ASN A 56 48.27 -12.55 1.68
C ASN A 56 48.96 -11.53 0.81
N LEU A 57 49.38 -11.95 -0.38
CA LEU A 57 50.06 -11.05 -1.32
C LEU A 57 49.31 -10.91 -2.64
N ASP A 58 48.89 -9.69 -2.93
CA ASP A 58 48.29 -9.42 -4.20
C ASP A 58 49.24 -8.67 -5.15
N LEU A 59 49.73 -9.40 -6.15
CA LEU A 59 50.59 -8.85 -7.20
C LEU A 59 49.90 -8.68 -8.56
N SER A 60 48.58 -8.52 -8.57
CA SER A 60 47.82 -8.43 -9.83
C SER A 60 48.18 -7.21 -10.66
N PHE A 61 48.07 -7.36 -11.98
CA PHE A 61 48.16 -6.25 -12.93
C PHE A 61 49.56 -5.64 -13.05
N ASN A 62 50.57 -6.45 -12.79
CA ASN A 62 51.96 -6.06 -12.99
C ASN A 62 52.54 -6.83 -14.15
N PRO A 63 53.42 -6.19 -14.94
CA PRO A 63 54.07 -6.95 -16.03
C PRO A 63 55.17 -7.93 -15.56
N LEU A 64 54.78 -8.95 -14.80
CA LEU A 64 55.73 -9.98 -14.36
C LEU A 64 56.25 -10.82 -15.53
N ARG A 65 55.34 -11.17 -16.45
CA ARG A 65 55.67 -11.80 -17.73
C ARG A 65 56.26 -13.19 -17.62
N HIS A 66 57.02 -13.40 -16.54
CA HIS A 66 57.85 -14.58 -16.41
C HIS A 66 58.04 -14.84 -14.95
N LEU A 67 57.85 -16.10 -14.56
CA LEU A 67 58.12 -16.56 -13.20
C LEU A 67 59.19 -17.65 -13.24
N GLY A 68 60.37 -17.33 -12.73
CA GLY A 68 61.47 -18.29 -12.71
C GLY A 68 61.45 -19.03 -11.39
N SER A 69 62.34 -20.02 -11.25
CA SER A 69 62.43 -20.83 -10.05
C SER A 69 62.47 -20.00 -8.78
N TYR A 70 61.83 -20.49 -7.74
CA TYR A 70 61.84 -19.85 -6.42
C TYR A 70 61.57 -18.37 -6.53
N SER A 71 60.54 -17.98 -7.30
CA SER A 71 60.22 -16.56 -7.48
C SER A 71 59.68 -15.97 -6.19
N PHE A 72 59.26 -16.86 -5.29
CA PHE A 72 58.64 -16.47 -4.03
C PHE A 72 59.41 -16.97 -2.80
N PHE A 73 60.69 -17.26 -3.01
CA PHE A 73 61.65 -17.59 -1.95
C PHE A 73 61.49 -16.69 -0.73
N SER A 74 61.16 -15.43 -0.96
CA SER A 74 61.06 -14.41 0.07
C SER A 74 59.83 -14.53 0.97
N PHE A 75 58.87 -15.38 0.59
CA PHE A 75 57.60 -15.43 1.30
C PHE A 75 57.26 -16.82 1.82
N PRO A 76 58.05 -17.34 2.78
CA PRO A 76 57.81 -18.71 3.20
C PRO A 76 56.42 -18.92 3.80
N GLU A 77 55.81 -17.84 4.24
CA GLU A 77 54.61 -17.87 5.09
C GLU A 77 53.35 -17.71 4.25
N LEU A 78 53.54 -17.52 2.94
CA LEU A 78 52.45 -17.18 2.00
C LEU A 78 51.30 -18.17 1.95
N GLN A 79 50.09 -17.63 1.99
CA GLN A 79 48.89 -18.43 1.96
C GLN A 79 48.04 -18.11 0.72
N VAL A 80 47.90 -16.82 0.42
CA VAL A 80 47.12 -16.36 -0.73
C VAL A 80 47.94 -15.47 -1.66
N LEU A 81 48.25 -16.02 -2.84
CA LEU A 81 49.02 -15.34 -3.87
C LEU A 81 48.16 -15.04 -5.10
N ASP A 82 47.84 -13.76 -5.28
CA ASP A 82 47.08 -13.33 -6.45
C ASP A 82 47.98 -12.77 -7.55
N LEU A 83 47.94 -13.44 -8.71
CA LEU A 83 48.79 -13.07 -9.83
C LEU A 83 47.97 -12.77 -11.06
N SER A 84 46.74 -12.31 -10.85
CA SER A 84 45.82 -11.95 -11.94
C SER A 84 46.41 -10.90 -12.85
N ARG A 85 46.35 -11.17 -14.15
CA ARG A 85 46.67 -10.20 -15.19
C ARG A 85 48.11 -9.72 -15.12
N CYS A 86 49.04 -10.65 -14.92
CA CYS A 86 50.44 -10.26 -14.79
C CYS A 86 51.25 -10.52 -16.05
N GLU A 87 50.54 -10.65 -17.17
CA GLU A 87 51.16 -10.86 -18.48
C GLU A 87 52.12 -12.05 -18.53
N ILE A 88 51.93 -12.99 -17.60
CA ILE A 88 52.80 -14.15 -17.46
C ILE A 88 52.64 -15.13 -18.62
N GLN A 89 53.70 -15.27 -19.41
CA GLN A 89 53.72 -16.23 -20.51
C GLN A 89 54.35 -17.59 -20.15
N THR A 90 55.31 -17.57 -19.24
CA THR A 90 56.03 -18.78 -18.90
C THR A 90 56.13 -18.86 -17.38
N ILE A 91 55.88 -20.05 -16.84
CA ILE A 91 56.17 -20.34 -15.45
C ILE A 91 57.15 -21.52 -15.38
N GLU A 92 58.31 -21.28 -14.78
CA GLU A 92 59.37 -22.27 -14.74
C GLU A 92 59.14 -23.30 -13.63
N ASP A 93 59.85 -24.43 -13.73
CA ASP A 93 59.94 -25.42 -12.67
C ASP A 93 60.29 -24.77 -11.35
N GLY A 94 59.50 -25.04 -10.33
CA GLY A 94 59.82 -24.58 -9.00
C GLY A 94 59.56 -23.11 -8.82
N ALA A 95 58.79 -22.52 -9.75
CA ALA A 95 58.35 -21.14 -9.60
C ALA A 95 57.80 -20.84 -8.20
N TYR A 96 57.06 -21.78 -7.62
CA TYR A 96 56.45 -21.57 -6.31
C TYR A 96 57.01 -22.49 -5.22
N GLN A 97 58.15 -23.12 -5.50
CA GLN A 97 58.73 -24.15 -4.64
C GLN A 97 58.71 -23.90 -3.13
N SER A 98 59.01 -22.68 -2.72
CA SER A 98 59.10 -22.37 -1.29
C SER A 98 57.74 -22.28 -0.58
N LEU A 99 56.65 -22.22 -1.35
CA LEU A 99 55.34 -21.88 -0.78
C LEU A 99 54.52 -23.10 -0.36
N SER A 100 55.07 -23.86 0.58
CA SER A 100 54.41 -25.04 1.10
C SER A 100 53.10 -24.70 1.83
N HIS A 101 52.89 -23.43 2.17
CA HIS A 101 51.68 -23.02 2.91
C HIS A 101 50.63 -22.45 2.01
N LEU A 102 50.95 -22.27 0.73
CA LEU A 102 50.05 -21.59 -0.18
C LEU A 102 48.79 -22.42 -0.35
N SER A 103 47.65 -21.87 0.07
CA SER A 103 46.35 -22.53 -0.11
C SER A 103 45.52 -22.00 -1.32
N THR A 104 45.76 -20.76 -1.73
CA THR A 104 45.11 -20.16 -2.89
C THR A 104 46.11 -19.52 -3.86
N LEU A 105 46.09 -19.98 -5.10
CA LEU A 105 46.85 -19.36 -6.17
C LEU A 105 45.93 -18.85 -7.28
N ILE A 106 46.08 -17.59 -7.65
CA ILE A 106 45.20 -16.97 -8.65
C ILE A 106 46.00 -16.54 -9.88
N LEU A 107 45.72 -17.17 -11.02
CA LEU A 107 46.45 -16.89 -12.26
C LEU A 107 45.61 -16.31 -13.41
N THR A 108 44.40 -15.86 -13.07
CA THR A 108 43.43 -15.32 -14.00
C THR A 108 44.06 -14.38 -15.03
N GLY A 109 43.78 -14.61 -16.30
CA GLY A 109 44.05 -13.61 -17.33
C GLY A 109 45.50 -13.45 -17.71
N ASN A 110 46.29 -14.50 -17.51
CA ASN A 110 47.66 -14.51 -17.95
C ASN A 110 47.77 -15.34 -19.21
N PRO A 111 48.38 -14.77 -20.27
CA PRO A 111 48.46 -15.45 -21.55
C PRO A 111 49.58 -16.49 -21.51
N ILE A 112 49.35 -17.54 -20.73
CA ILE A 112 50.33 -18.60 -20.52
C ILE A 112 50.59 -19.40 -21.80
N GLN A 113 51.86 -19.43 -22.21
CA GLN A 113 52.31 -20.17 -23.38
C GLN A 113 53.02 -21.43 -22.92
N SER A 114 53.97 -21.27 -22.00
CA SER A 114 54.77 -22.38 -21.54
C SER A 114 54.51 -22.71 -20.07
N LEU A 115 54.22 -23.99 -19.81
CA LEU A 115 54.05 -24.50 -18.46
C LEU A 115 54.75 -25.86 -18.36
N ALA A 116 55.78 -25.95 -17.52
CA ALA A 116 56.50 -27.21 -17.31
C ALA A 116 55.92 -27.96 -16.12
N LEU A 117 56.24 -29.26 -15.99
CA LEU A 117 55.62 -30.10 -14.94
C LEU A 117 55.82 -29.58 -13.52
N GLY A 118 57.01 -29.04 -13.26
CA GLY A 118 57.34 -28.55 -11.92
C GLY A 118 56.81 -27.18 -11.64
N ALA A 119 56.05 -26.63 -12.61
CA ALA A 119 55.44 -25.32 -12.48
C ALA A 119 54.74 -25.15 -11.15
N PHE A 120 54.06 -26.18 -10.67
CA PHE A 120 53.37 -26.12 -9.38
C PHE A 120 53.97 -27.03 -8.31
N SER A 121 55.20 -27.48 -8.53
CA SER A 121 55.86 -28.29 -7.51
C SER A 121 56.02 -27.44 -6.26
N GLY A 122 55.80 -28.06 -5.10
CA GLY A 122 56.00 -27.38 -3.83
C GLY A 122 54.77 -26.76 -3.21
N LEU A 123 53.65 -26.78 -3.92
CA LEU A 123 52.40 -26.23 -3.37
C LEU A 123 51.64 -27.32 -2.63
N SER A 124 52.22 -27.77 -1.53
CA SER A 124 51.69 -28.94 -0.84
C SER A 124 50.50 -28.66 0.05
N SER A 125 50.17 -27.38 0.23
CA SER A 125 48.96 -27.00 0.97
C SER A 125 47.83 -26.52 0.07
N LEU A 126 48.06 -26.51 -1.25
CA LEU A 126 47.17 -25.75 -2.14
C LEU A 126 45.76 -26.32 -2.23
N GLN A 127 44.78 -25.49 -1.86
CA GLN A 127 43.39 -25.91 -1.86
C GLN A 127 42.57 -25.30 -3.01
N LYS A 128 43.00 -24.15 -3.51
CA LYS A 128 42.23 -23.43 -4.52
C LYS A 128 43.13 -22.92 -5.63
N LEU A 129 42.89 -23.42 -6.84
CA LEU A 129 43.67 -23.00 -8.00
C LEU A 129 42.77 -22.36 -9.07
N VAL A 130 42.93 -21.04 -9.24
CA VAL A 130 42.19 -20.29 -10.24
C VAL A 130 43.09 -20.05 -11.45
N ALA A 131 42.75 -20.69 -12.54
CA ALA A 131 43.43 -20.52 -13.80
C ALA A 131 42.44 -20.09 -14.90
N VAL A 132 41.48 -19.24 -14.51
CA VAL A 132 40.50 -18.67 -15.43
C VAL A 132 41.24 -17.86 -16.50
N GLU A 133 40.82 -17.99 -17.75
CA GLU A 133 41.41 -17.27 -18.89
C GLU A 133 42.94 -17.30 -18.89
N THR A 134 43.49 -18.51 -18.99
CA THR A 134 44.93 -18.65 -19.00
C THR A 134 45.39 -19.34 -20.25
N ASN A 135 44.63 -19.21 -21.33
CA ASN A 135 45.04 -19.78 -22.60
C ASN A 135 45.23 -21.30 -22.43
N LEU A 136 44.37 -21.89 -21.60
CA LEU A 136 44.42 -23.32 -21.32
C LEU A 136 43.60 -24.07 -22.36
N ALA A 137 44.26 -24.91 -23.14
CA ALA A 137 43.63 -25.65 -24.23
C ALA A 137 43.30 -27.07 -23.80
N SER A 138 44.04 -27.59 -22.83
CA SER A 138 43.79 -28.94 -22.38
C SER A 138 44.15 -29.11 -20.92
N LEU A 139 43.33 -29.93 -20.25
CA LEU A 139 43.63 -30.36 -18.89
C LEU A 139 44.80 -31.33 -18.86
N GLU A 140 45.04 -32.00 -19.99
CA GLU A 140 46.13 -32.98 -20.11
C GLU A 140 47.48 -32.30 -19.92
N ASN A 141 47.60 -31.09 -20.46
CA ASN A 141 48.82 -30.31 -20.35
C ASN A 141 48.75 -29.28 -19.25
N PHE A 142 48.30 -29.74 -18.09
CA PHE A 142 48.14 -28.89 -16.94
C PHE A 142 48.66 -29.65 -15.74
N PRO A 143 49.90 -29.33 -15.32
CA PRO A 143 50.67 -30.07 -14.31
C PRO A 143 50.19 -29.89 -12.88
N ILE A 144 49.06 -30.51 -12.57
CA ILE A 144 48.47 -30.34 -11.23
C ILE A 144 48.18 -31.69 -10.60
N GLY A 145 48.63 -32.76 -11.28
CA GLY A 145 48.33 -34.13 -10.87
C GLY A 145 48.78 -34.48 -9.46
N HIS A 146 49.65 -33.65 -8.91
CA HIS A 146 50.30 -33.90 -7.63
C HIS A 146 49.79 -33.01 -6.52
N LEU A 147 48.84 -32.12 -6.83
CA LEU A 147 48.28 -31.22 -5.81
C LEU A 147 47.12 -31.88 -5.06
N LYS A 148 47.43 -32.95 -4.33
CA LYS A 148 46.41 -33.83 -3.79
C LYS A 148 45.48 -33.12 -2.82
N THR A 149 45.92 -31.98 -2.31
CA THR A 149 45.12 -31.18 -1.39
C THR A 149 44.07 -30.31 -2.08
N LEU A 150 44.05 -30.34 -3.41
CA LEU A 150 43.24 -29.43 -4.24
C LEU A 150 41.76 -29.63 -4.03
N LYS A 151 41.08 -28.55 -3.62
CA LYS A 151 39.64 -28.55 -3.37
C LYS A 151 38.86 -27.82 -4.47
N GLU A 152 39.39 -26.71 -4.96
CA GLU A 152 38.72 -26.05 -6.07
C GLU A 152 39.66 -25.72 -7.21
N LEU A 153 39.17 -26.04 -8.40
CA LEU A 153 39.89 -25.79 -9.65
C LEU A 153 38.97 -24.96 -10.51
N ASN A 154 39.42 -23.77 -10.87
CA ASN A 154 38.65 -22.93 -11.73
C ASN A 154 39.44 -22.72 -13.00
N VAL A 155 38.99 -23.36 -14.07
CA VAL A 155 39.61 -23.21 -15.38
C VAL A 155 38.57 -22.67 -16.37
N ALA A 156 37.66 -21.86 -15.85
CA ALA A 156 36.67 -21.14 -16.67
C ALA A 156 37.38 -20.26 -17.67
N HIS A 157 36.69 -19.95 -18.77
CA HIS A 157 37.15 -18.96 -19.73
C HIS A 157 38.50 -19.35 -20.34
N ASN A 158 38.57 -20.57 -20.84
CA ASN A 158 39.74 -21.05 -21.57
C ASN A 158 39.37 -21.68 -22.90
N LEU A 159 40.20 -22.60 -23.40
CA LEU A 159 40.01 -23.13 -24.76
C LEU A 159 39.85 -24.64 -24.74
N ILE A 160 39.53 -25.18 -23.58
CA ILE A 160 39.32 -26.60 -23.41
C ILE A 160 38.19 -27.11 -24.32
N GLN A 161 38.50 -28.13 -25.13
CA GLN A 161 37.56 -28.67 -26.13
C GLN A 161 36.97 -30.01 -25.73
N SER A 162 37.64 -30.68 -24.82
CA SER A 162 37.27 -32.02 -24.44
C SER A 162 36.94 -32.04 -22.96
N PHE A 163 35.89 -32.77 -22.61
CA PHE A 163 35.53 -33.01 -21.23
C PHE A 163 36.28 -34.20 -20.60
N LYS A 164 37.18 -34.82 -21.35
CA LYS A 164 37.99 -35.93 -20.84
C LYS A 164 38.81 -35.42 -19.65
N LEU A 165 38.55 -35.97 -18.47
CA LEU A 165 39.41 -35.67 -17.34
C LEU A 165 40.62 -36.59 -17.40
N PRO A 166 41.83 -36.00 -17.39
CA PRO A 166 43.08 -36.72 -17.41
C PRO A 166 43.16 -37.75 -16.29
N GLU A 167 44.05 -38.73 -16.48
CA GLU A 167 44.25 -39.76 -15.48
C GLU A 167 44.61 -39.18 -14.11
N TYR A 168 45.36 -38.07 -14.08
CA TYR A 168 45.82 -37.50 -12.80
C TYR A 168 44.71 -37.03 -11.86
N PHE A 169 43.52 -36.84 -12.40
CA PHE A 169 42.36 -36.50 -11.58
C PHE A 169 42.07 -37.51 -10.48
N SER A 170 42.42 -38.78 -10.69
CA SER A 170 42.28 -39.80 -9.63
C SER A 170 43.14 -39.50 -8.41
N ASN A 171 44.19 -38.71 -8.62
CA ASN A 171 45.05 -38.26 -7.53
C ASN A 171 44.43 -37.05 -6.82
N LEU A 172 43.49 -36.40 -7.50
CA LEU A 172 42.88 -35.19 -6.96
C LEU A 172 41.67 -35.58 -6.14
N THR A 173 41.95 -36.22 -5.02
CA THR A 173 40.97 -36.98 -4.28
C THR A 173 40.14 -36.11 -3.31
N ASN A 174 40.57 -34.86 -3.18
CA ASN A 174 39.88 -33.87 -2.34
C ASN A 174 39.11 -32.82 -3.14
N LEU A 175 39.24 -32.87 -4.47
CA LEU A 175 38.53 -31.95 -5.38
C LEU A 175 37.04 -31.93 -5.13
N GLU A 176 36.46 -30.74 -5.00
CA GLU A 176 35.06 -30.61 -4.70
C GLU A 176 34.36 -29.70 -5.70
N HIS A 177 35.11 -28.76 -6.24
CA HIS A 177 34.59 -27.77 -7.18
C HIS A 177 35.44 -27.73 -8.41
N LEU A 178 34.82 -28.06 -9.53
CA LEU A 178 35.46 -27.90 -10.82
C LEU A 178 34.64 -26.95 -11.71
N ASP A 179 35.24 -25.83 -12.10
CA ASP A 179 34.61 -24.86 -12.99
C ASP A 179 35.17 -24.97 -14.41
N LEU A 180 34.37 -25.55 -15.30
CA LEU A 180 34.78 -25.72 -16.69
C LEU A 180 33.98 -24.82 -17.64
N SER A 181 33.32 -23.81 -17.07
CA SER A 181 32.41 -22.98 -17.84
C SER A 181 33.15 -22.05 -18.78
N SER A 182 32.43 -21.53 -19.76
CA SER A 182 33.00 -20.66 -20.77
C SER A 182 34.26 -21.25 -21.41
N ASN A 183 34.19 -22.54 -21.70
CA ASN A 183 35.21 -23.18 -22.52
C ASN A 183 34.63 -23.50 -23.89
N LYS A 184 35.19 -24.46 -24.59
CA LYS A 184 34.76 -24.77 -25.95
C LYS A 184 34.31 -26.21 -26.05
N ILE A 185 33.73 -26.75 -24.99
CA ILE A 185 33.36 -28.15 -25.01
C ILE A 185 32.04 -28.30 -25.75
N GLN A 186 32.06 -29.08 -26.83
CA GLN A 186 30.88 -29.25 -27.69
C GLN A 186 30.16 -30.56 -27.44
N SER A 187 30.87 -31.55 -26.96
CA SER A 187 30.27 -32.85 -26.80
C SER A 187 30.91 -33.61 -25.66
N ILE A 188 30.19 -34.58 -25.11
CA ILE A 188 30.68 -35.37 -23.99
C ILE A 188 30.44 -36.83 -24.34
N TYR A 189 31.52 -37.60 -24.32
CA TYR A 189 31.47 -39.02 -24.64
C TYR A 189 31.69 -39.83 -23.38
N CYS A 190 31.25 -41.08 -23.39
CA CYS A 190 31.37 -41.96 -22.23
C CYS A 190 32.81 -42.09 -21.77
N THR A 191 33.74 -42.23 -22.70
CA THR A 191 35.13 -42.45 -22.33
C THR A 191 35.72 -41.22 -21.65
N ASP A 192 35.06 -40.07 -21.84
CA ASP A 192 35.45 -38.84 -21.14
C ASP A 192 35.39 -38.96 -19.64
N LEU A 193 34.51 -39.83 -19.14
CA LEU A 193 34.22 -39.90 -17.73
C LEU A 193 34.96 -41.01 -17.00
N ARG A 194 35.76 -41.78 -17.74
CA ARG A 194 36.51 -42.91 -17.20
C ARG A 194 37.10 -42.63 -15.81
N VAL A 195 37.87 -41.56 -15.67
CA VAL A 195 38.51 -41.25 -14.38
C VAL A 195 37.53 -41.16 -13.21
N LEU A 196 36.43 -40.43 -13.41
CA LEU A 196 35.38 -40.30 -12.41
C LEU A 196 34.71 -41.63 -12.06
N HIS A 197 34.56 -42.53 -13.03
CA HIS A 197 34.02 -43.86 -12.75
C HIS A 197 34.87 -44.60 -11.77
N GLN A 198 36.18 -44.35 -11.80
CA GLN A 198 37.15 -44.93 -10.87
C GLN A 198 37.25 -44.13 -9.56
N MET A 199 36.53 -43.01 -9.45
CA MET A 199 36.47 -42.24 -8.21
C MET A 199 35.04 -42.13 -7.62
N PRO A 200 34.47 -43.27 -7.18
CA PRO A 200 33.06 -43.27 -6.75
C PRO A 200 32.77 -42.38 -5.53
N LEU A 201 33.80 -42.05 -4.76
CA LEU A 201 33.66 -41.22 -3.54
C LEU A 201 33.89 -39.72 -3.72
N LEU A 202 34.22 -39.29 -4.92
CA LEU A 202 34.43 -37.88 -5.21
C LEU A 202 33.13 -37.11 -5.02
N ASN A 203 33.22 -36.02 -4.24
CA ASN A 203 32.10 -35.13 -3.97
C ASN A 203 32.25 -33.87 -4.84
N LEU A 204 31.81 -33.97 -6.10
CA LEU A 204 32.14 -32.95 -7.10
C LEU A 204 30.98 -32.06 -7.47
N SER A 205 31.23 -30.76 -7.40
CA SER A 205 30.35 -29.76 -7.97
C SER A 205 30.97 -29.27 -9.28
N LEU A 206 30.19 -29.32 -10.35
CA LEU A 206 30.71 -29.11 -11.68
C LEU A 206 29.95 -28.05 -12.45
N ASP A 207 30.67 -27.06 -12.93
CA ASP A 207 30.05 -26.02 -13.73
C ASP A 207 30.52 -26.17 -15.16
N LEU A 208 29.57 -26.43 -16.05
CA LEU A 208 29.88 -26.60 -17.46
C LEU A 208 29.16 -25.51 -18.26
N SER A 209 28.70 -24.48 -17.56
CA SER A 209 27.91 -23.42 -18.18
C SER A 209 28.64 -22.78 -19.36
N LEU A 210 27.89 -22.32 -20.35
CA LEU A 210 28.45 -21.52 -21.45
C LEU A 210 29.47 -22.30 -22.29
N ASN A 211 29.26 -23.60 -22.40
CA ASN A 211 29.98 -24.41 -23.35
C ASN A 211 28.99 -24.70 -24.47
N PRO A 212 29.41 -24.57 -25.73
CA PRO A 212 28.53 -24.76 -26.89
C PRO A 212 28.24 -26.24 -27.12
N MET A 213 27.51 -26.82 -26.18
CA MET A 213 27.29 -28.25 -26.15
C MET A 213 26.25 -28.67 -27.19
N ASN A 214 26.59 -29.59 -28.07
CA ASN A 214 25.58 -30.14 -29.00
C ASN A 214 25.32 -31.64 -28.85
N PHE A 215 26.07 -32.28 -27.97
CA PHE A 215 25.95 -33.72 -27.80
C PHE A 215 26.49 -34.24 -26.48
N ILE A 216 25.69 -35.09 -25.83
CA ILE A 216 26.17 -35.83 -24.68
C ILE A 216 25.82 -37.28 -24.96
N GLN A 217 26.82 -38.13 -24.95
CA GLN A 217 26.61 -39.53 -25.25
C GLN A 217 25.80 -40.25 -24.18
N PRO A 218 24.61 -40.76 -24.57
CA PRO A 218 23.78 -41.54 -23.65
C PRO A 218 24.61 -42.60 -22.96
N GLY A 219 24.38 -42.84 -21.69
CA GLY A 219 25.26 -43.71 -20.93
C GLY A 219 26.47 -43.02 -20.32
N ALA A 220 26.88 -41.87 -20.83
CA ALA A 220 28.09 -41.21 -20.30
C ALA A 220 28.05 -40.88 -18.80
N PHE A 221 26.84 -40.77 -18.24
CA PHE A 221 26.69 -40.35 -16.85
C PHE A 221 26.01 -41.41 -16.02
N LYS A 222 25.86 -42.59 -16.63
CA LYS A 222 25.36 -43.74 -15.91
C LYS A 222 26.34 -44.02 -14.78
N GLU A 223 25.79 -44.16 -13.58
CA GLU A 223 26.55 -44.39 -12.35
C GLU A 223 27.48 -43.23 -11.96
N ILE A 224 27.29 -42.06 -12.56
CA ILE A 224 28.00 -40.88 -12.09
C ILE A 224 27.15 -40.20 -11.02
N ARG A 225 27.81 -39.78 -9.96
CA ARG A 225 27.17 -39.00 -8.93
C ARG A 225 27.89 -37.69 -8.76
N LEU A 226 27.14 -36.62 -8.88
CA LEU A 226 27.66 -35.28 -8.69
C LEU A 226 26.92 -34.65 -7.53
N HIS A 227 27.63 -33.91 -6.70
CA HIS A 227 26.93 -33.04 -5.78
C HIS A 227 26.17 -31.95 -6.51
N LYS A 228 26.78 -31.40 -7.54
CA LYS A 228 26.14 -30.29 -8.23
C LYS A 228 26.54 -30.27 -9.67
N LEU A 229 25.57 -30.00 -10.55
CA LEU A 229 25.87 -29.74 -11.94
C LEU A 229 25.15 -28.44 -12.30
N THR A 230 25.91 -27.47 -12.79
CA THR A 230 25.32 -26.27 -13.37
C THR A 230 25.58 -26.31 -14.85
N LEU A 231 24.50 -26.20 -15.61
CA LEU A 231 24.50 -26.22 -17.06
C LEU A 231 23.68 -25.05 -17.60
N ARG A 232 24.21 -23.84 -17.48
CA ARG A 232 23.43 -22.70 -17.93
C ARG A 232 23.95 -22.24 -19.27
N ASN A 233 23.00 -22.00 -20.18
CA ASN A 233 23.29 -21.38 -21.47
C ASN A 233 24.25 -22.22 -22.32
N ASN A 234 23.99 -23.51 -22.40
CA ASN A 234 24.83 -24.46 -23.11
C ASN A 234 24.30 -24.79 -24.51
N PHE A 235 23.04 -24.44 -24.77
CA PHE A 235 22.36 -25.00 -25.93
C PHE A 235 21.75 -23.94 -26.81
N ASP A 236 21.95 -24.11 -28.11
CA ASP A 236 21.42 -23.22 -29.14
C ASP A 236 19.93 -23.29 -29.14
N SER A 237 19.41 -24.51 -29.08
CA SER A 237 18.00 -24.75 -29.34
C SER A 237 17.42 -25.77 -28.40
N LEU A 238 16.10 -25.79 -28.39
CA LEU A 238 15.32 -26.67 -27.56
C LEU A 238 15.67 -28.13 -27.87
N ASN A 239 15.76 -28.47 -29.16
CA ASN A 239 16.11 -29.83 -29.56
C ASN A 239 17.49 -30.27 -29.10
N VAL A 240 18.46 -29.35 -29.15
CA VAL A 240 19.82 -29.63 -28.69
C VAL A 240 19.81 -29.86 -27.18
N MET A 241 19.07 -29.03 -26.46
CA MET A 241 18.92 -29.18 -25.02
C MET A 241 18.41 -30.58 -24.68
N LYS A 242 17.29 -30.97 -25.30
CA LYS A 242 16.63 -32.25 -25.05
C LYS A 242 17.54 -33.46 -25.30
N THR A 243 18.31 -33.39 -26.38
CA THR A 243 19.22 -34.45 -26.75
C THR A 243 20.34 -34.57 -25.72
N CYS A 244 20.88 -33.44 -25.30
CA CYS A 244 21.96 -33.44 -24.33
C CYS A 244 21.52 -33.89 -22.92
N ILE A 245 20.28 -33.53 -22.55
CA ILE A 245 19.68 -34.01 -21.32
C ILE A 245 19.48 -35.52 -21.37
N GLN A 246 19.00 -36.05 -22.49
CA GLN A 246 18.95 -37.50 -22.66
C GLN A 246 20.31 -38.14 -22.43
N GLY A 247 21.37 -37.39 -22.77
CA GLY A 247 22.74 -37.85 -22.57
C GLY A 247 23.15 -37.90 -21.11
N LEU A 248 22.33 -37.30 -20.26
CA LEU A 248 22.58 -37.25 -18.83
C LEU A 248 21.91 -38.42 -18.09
N ALA A 249 21.08 -39.18 -18.80
CA ALA A 249 20.33 -40.30 -18.20
C ALA A 249 21.23 -41.09 -17.27
N GLY A 250 20.69 -41.39 -16.07
CA GLY A 250 21.38 -42.16 -15.05
C GLY A 250 22.18 -41.34 -14.04
N LEU A 251 22.47 -40.09 -14.38
CA LEU A 251 23.21 -39.22 -13.48
C LEU A 251 22.50 -39.07 -12.15
N GLU A 252 23.26 -39.12 -11.07
CA GLU A 252 22.75 -38.75 -9.76
C GLU A 252 23.35 -37.41 -9.36
N VAL A 253 22.49 -36.41 -9.21
CA VAL A 253 22.95 -35.10 -8.82
C VAL A 253 22.17 -34.61 -7.63
N HIS A 254 22.88 -34.17 -6.60
CA HIS A 254 22.21 -33.53 -5.50
C HIS A 254 21.54 -32.26 -5.95
N ARG A 255 22.25 -31.44 -6.71
CA ARG A 255 21.72 -30.13 -7.05
C ARG A 255 21.99 -29.83 -8.51
N LEU A 256 20.91 -29.77 -9.29
CA LEU A 256 20.98 -29.46 -10.70
C LEU A 256 20.48 -28.02 -10.99
N VAL A 257 21.33 -27.23 -11.65
CA VAL A 257 21.04 -25.88 -12.02
C VAL A 257 21.09 -25.79 -13.54
N LEU A 258 19.91 -25.53 -14.12
CA LEU A 258 19.78 -25.23 -15.52
C LEU A 258 19.47 -23.76 -15.72
N GLY A 259 19.37 -23.35 -16.97
CA GLY A 259 18.91 -22.03 -17.32
C GLY A 259 19.89 -21.40 -18.28
N GLU A 260 19.97 -20.08 -18.24
CA GLU A 260 20.74 -19.36 -19.23
C GLU A 260 21.00 -17.94 -18.72
N PHE A 261 21.59 -17.13 -19.57
CA PHE A 261 22.07 -15.83 -19.14
C PHE A 261 21.43 -14.76 -19.98
N ARG A 262 20.98 -13.72 -19.29
CA ARG A 262 20.24 -12.62 -19.88
C ARG A 262 20.99 -11.97 -21.03
N ASN A 263 22.31 -11.89 -20.92
CA ASN A 263 23.16 -11.24 -21.92
C ASN A 263 23.84 -12.23 -22.87
N GLU A 264 23.27 -13.41 -23.04
CA GLU A 264 23.78 -14.33 -24.06
C GLU A 264 22.70 -14.84 -24.96
N GLY A 265 23.11 -15.66 -25.92
CA GLY A 265 22.18 -16.40 -26.78
C GLY A 265 21.34 -17.31 -25.92
N ASN A 266 20.03 -17.31 -26.18
CA ASN A 266 19.06 -18.02 -25.36
C ASN A 266 18.21 -18.94 -26.20
N LEU A 267 17.62 -19.94 -25.55
CA LEU A 267 16.68 -20.84 -26.20
C LEU A 267 15.52 -20.12 -26.88
N GLU A 268 15.23 -20.51 -28.12
CA GLU A 268 14.18 -19.87 -28.94
C GLU A 268 12.77 -20.26 -28.47
N LYS A 269 12.61 -21.52 -28.08
CA LYS A 269 11.35 -22.00 -27.47
C LYS A 269 11.65 -22.74 -26.18
N PHE A 270 10.60 -23.16 -25.48
CA PHE A 270 10.69 -23.93 -24.26
C PHE A 270 9.29 -24.46 -23.94
N ASP A 271 9.00 -25.65 -24.45
CA ASP A 271 7.70 -26.27 -24.28
C ASP A 271 7.75 -27.34 -23.20
N LYS A 272 6.65 -28.05 -23.03
CA LYS A 272 6.49 -29.07 -22.01
C LYS A 272 7.48 -30.22 -22.15
N SER A 273 8.05 -30.39 -23.33
CA SER A 273 9.01 -31.46 -23.60
C SER A 273 10.45 -31.13 -23.16
N ALA A 274 10.70 -29.86 -22.87
CA ALA A 274 12.04 -29.37 -22.57
C ALA A 274 12.80 -30.17 -21.50
N LEU A 275 12.08 -30.63 -20.49
CA LEU A 275 12.69 -31.25 -19.33
C LEU A 275 12.29 -32.72 -19.18
N GLU A 276 11.75 -33.31 -20.24
CA GLU A 276 11.44 -34.74 -20.30
C GLU A 276 12.53 -35.68 -19.80
N GLY A 277 13.77 -35.44 -20.23
CA GLY A 277 14.89 -36.32 -19.90
C GLY A 277 15.26 -36.32 -18.43
N LEU A 278 14.86 -35.28 -17.71
CA LEU A 278 15.14 -35.19 -16.28
C LEU A 278 14.52 -36.34 -15.49
N CYS A 279 13.46 -36.91 -16.03
CA CYS A 279 12.85 -38.13 -15.48
C CYS A 279 13.84 -39.28 -15.31
N ASN A 280 14.97 -39.22 -16.03
CA ASN A 280 15.98 -40.27 -16.01
C ASN A 280 17.22 -39.98 -15.19
N LEU A 281 17.20 -38.88 -14.45
CA LEU A 281 18.28 -38.67 -13.50
C LEU A 281 17.67 -38.66 -12.13
N THR A 282 18.51 -38.79 -11.12
CA THR A 282 18.07 -38.65 -9.76
C THR A 282 18.53 -37.29 -9.28
N ILE A 283 17.56 -36.42 -9.03
CA ILE A 283 17.84 -35.06 -8.65
C ILE A 283 17.29 -34.78 -7.27
N GLU A 284 18.12 -34.27 -6.38
CA GLU A 284 17.65 -33.85 -5.08
C GLU A 284 17.07 -32.42 -5.11
N GLU A 285 17.82 -31.49 -5.70
CA GLU A 285 17.42 -30.08 -5.81
C GLU A 285 17.58 -29.63 -7.23
N PHE A 286 16.62 -28.83 -7.65
CA PHE A 286 16.61 -28.35 -9.01
C PHE A 286 16.43 -26.85 -9.00
N ARG A 287 17.22 -26.19 -9.83
CA ARG A 287 16.97 -24.80 -10.08
C ARG A 287 17.01 -24.46 -11.58
N LEU A 288 16.05 -23.64 -11.97
CA LEU A 288 16.08 -23.03 -13.28
C LEU A 288 16.43 -21.57 -13.06
N ALA A 289 17.65 -21.20 -13.40
CA ALA A 289 18.16 -19.87 -13.18
C ALA A 289 18.13 -19.11 -14.50
N TYR A 290 17.16 -18.20 -14.62
CA TYR A 290 16.91 -17.35 -15.80
C TYR A 290 16.47 -18.08 -17.06
N LEU A 291 15.33 -17.67 -17.61
CA LEU A 291 14.78 -18.21 -18.83
C LEU A 291 14.23 -17.05 -19.61
N ASP A 292 14.72 -16.84 -20.82
CA ASP A 292 14.31 -15.69 -21.59
C ASP A 292 12.88 -15.82 -22.08
N TYR A 293 12.54 -17.02 -22.54
CA TYR A 293 11.22 -17.36 -23.06
C TYR A 293 10.13 -17.23 -22.00
N TYR A 294 9.16 -16.34 -22.26
CA TYR A 294 7.97 -16.17 -21.43
C TYR A 294 7.09 -17.41 -21.44
N LEU A 295 7.03 -18.11 -20.32
CA LEU A 295 6.14 -19.26 -20.21
C LEU A 295 4.69 -18.83 -20.07
N ASP A 296 3.81 -19.51 -20.81
CA ASP A 296 2.37 -19.32 -20.67
C ASP A 296 1.91 -19.98 -19.39
N GLY A 297 2.19 -21.27 -19.28
CA GLY A 297 1.91 -22.04 -18.07
C GLY A 297 2.93 -23.14 -17.88
N ILE A 298 2.95 -23.70 -16.66
CA ILE A 298 3.92 -24.71 -16.28
C ILE A 298 3.33 -26.12 -16.21
N ILE A 299 2.15 -26.27 -16.82
CA ILE A 299 1.46 -27.56 -16.92
C ILE A 299 2.33 -28.56 -17.71
N ASP A 300 2.75 -29.64 -17.05
CA ASP A 300 3.57 -30.72 -17.66
C ASP A 300 5.08 -30.42 -17.74
N LEU A 301 5.42 -29.15 -17.69
CA LEU A 301 6.78 -28.71 -17.87
C LEU A 301 7.70 -29.30 -16.81
N PHE A 302 7.20 -29.42 -15.60
CA PHE A 302 8.06 -29.77 -14.50
C PHE A 302 7.69 -31.11 -13.90
N ASN A 303 6.89 -31.90 -14.58
CA ASN A 303 6.40 -33.11 -13.94
C ASN A 303 7.45 -34.22 -13.78
N CYS A 304 8.59 -34.08 -14.47
CA CYS A 304 9.77 -34.91 -14.18
C CYS A 304 10.43 -34.51 -12.86
N LEU A 305 10.09 -33.34 -12.34
CA LEU A 305 10.67 -32.87 -11.09
C LEU A 305 9.67 -32.92 -9.95
N THR A 306 8.60 -33.68 -10.11
CA THR A 306 7.56 -33.76 -9.08
C THR A 306 8.03 -34.08 -7.65
N ASN A 307 9.09 -34.89 -7.52
CA ASN A 307 9.52 -35.41 -6.22
C ASN A 307 10.93 -34.95 -5.85
N VAL A 308 11.39 -33.91 -6.52
CA VAL A 308 12.61 -33.25 -6.13
C VAL A 308 12.33 -32.63 -4.75
N SER A 309 13.25 -32.75 -3.80
CA SER A 309 12.98 -32.20 -2.48
C SER A 309 13.01 -30.67 -2.49
N SER A 310 13.82 -30.08 -3.36
CA SER A 310 13.93 -28.62 -3.48
C SER A 310 13.79 -28.13 -4.91
N PHE A 311 12.84 -27.22 -5.11
CA PHE A 311 12.54 -26.70 -6.44
C PHE A 311 12.61 -25.19 -6.44
N SER A 312 13.41 -24.67 -7.34
CA SER A 312 13.68 -23.26 -7.37
C SER A 312 13.57 -22.72 -8.79
N LEU A 313 12.82 -21.64 -8.95
CA LEU A 313 12.87 -20.87 -10.19
C LEU A 313 13.37 -19.48 -9.88
N VAL A 314 14.39 -19.07 -10.62
CA VAL A 314 14.82 -17.68 -10.51
C VAL A 314 14.80 -16.99 -11.86
N SER A 315 14.24 -15.77 -11.88
CA SER A 315 14.18 -14.93 -13.07
C SER A 315 13.49 -15.61 -14.25
N VAL A 316 12.31 -16.15 -13.99
CA VAL A 316 11.50 -16.80 -15.01
C VAL A 316 10.21 -16.00 -15.09
N THR A 317 9.64 -15.90 -16.28
CA THR A 317 8.36 -15.25 -16.48
C THR A 317 7.32 -16.31 -16.76
N ILE A 318 6.24 -16.29 -15.99
CA ILE A 318 5.14 -17.23 -16.15
C ILE A 318 3.85 -16.47 -15.98
N GLU A 319 3.00 -16.46 -17.00
CA GLU A 319 1.72 -15.72 -16.92
C GLU A 319 0.69 -16.49 -16.10
N ARG A 320 0.32 -17.67 -16.59
CA ARG A 320 -0.71 -18.52 -15.95
C ARG A 320 -0.07 -19.42 -14.92
N VAL A 321 -0.43 -19.19 -13.66
CA VAL A 321 0.23 -19.84 -12.54
C VAL A 321 -0.71 -20.67 -11.67
N LYS A 322 -1.91 -20.90 -12.19
CA LYS A 322 -2.88 -21.74 -11.51
C LYS A 322 -2.42 -23.20 -11.56
N ASP A 323 -1.40 -23.46 -12.38
CA ASP A 323 -0.84 -24.80 -12.57
C ASP A 323 -0.10 -25.35 -11.35
N PHE A 324 0.18 -24.47 -10.39
CA PHE A 324 0.85 -24.86 -9.15
C PHE A 324 -0.13 -25.50 -8.16
N SER A 325 -1.40 -25.59 -8.54
CA SER A 325 -2.41 -26.31 -7.76
C SER A 325 -2.20 -27.81 -7.89
N TYR A 326 -1.38 -28.19 -8.88
CA TYR A 326 -0.91 -29.56 -9.06
C TYR A 326 -0.13 -29.99 -7.83
N ASN A 327 -0.33 -31.24 -7.41
CA ASN A 327 0.27 -31.76 -6.20
C ASN A 327 1.70 -32.34 -6.37
N PHE A 328 2.67 -31.43 -6.51
CA PHE A 328 4.09 -31.79 -6.51
C PHE A 328 4.50 -32.20 -5.10
N GLY A 329 5.58 -32.97 -4.97
CA GLY A 329 6.06 -33.45 -3.68
C GLY A 329 7.16 -32.59 -3.06
N TRP A 330 7.39 -31.40 -3.61
CA TRP A 330 8.46 -30.51 -3.10
C TRP A 330 8.38 -30.23 -1.64
N GLN A 331 9.54 -30.10 -1.03
CA GLN A 331 9.65 -29.77 0.38
C GLN A 331 10.15 -28.35 0.58
N HIS A 332 10.81 -27.84 -0.45
CA HIS A 332 11.29 -26.47 -0.48
C HIS A 332 10.97 -25.95 -1.86
N LEU A 333 10.31 -24.80 -1.87
CA LEU A 333 10.00 -24.11 -3.10
C LEU A 333 10.55 -22.70 -2.98
N GLU A 334 11.26 -22.30 -4.02
CA GLU A 334 11.88 -21.01 -4.07
C GLU A 334 11.47 -20.37 -5.40
N LEU A 335 10.88 -19.20 -5.33
CA LEU A 335 10.49 -18.45 -6.50
C LEU A 335 11.01 -17.06 -6.23
N VAL A 336 12.07 -16.71 -6.95
CA VAL A 336 12.72 -15.45 -6.73
C VAL A 336 12.98 -14.72 -8.04
N ASN A 337 12.70 -13.43 -8.00
CA ASN A 337 12.90 -12.54 -9.13
C ASN A 337 12.19 -12.99 -10.40
N CYS A 338 11.04 -13.63 -10.23
CA CYS A 338 10.18 -14.01 -11.34
C CYS A 338 9.09 -12.96 -11.59
N LYS A 339 8.39 -13.15 -12.70
CA LYS A 339 7.27 -12.30 -13.05
C LYS A 339 6.08 -13.19 -13.34
N PHE A 340 5.08 -13.08 -12.48
CA PHE A 340 3.83 -13.85 -12.57
C PHE A 340 2.71 -12.92 -12.96
N GLY A 341 1.73 -13.42 -13.71
CA GLY A 341 0.56 -12.63 -14.07
C GLY A 341 -0.33 -12.48 -12.86
N GLN A 342 -0.27 -13.48 -11.99
CA GLN A 342 -1.17 -13.61 -10.88
C GLN A 342 -0.32 -14.27 -9.81
N PHE A 343 -0.66 -14.06 -8.54
CA PHE A 343 0.06 -14.75 -7.49
C PHE A 343 -0.27 -16.23 -7.65
N PRO A 344 0.74 -17.11 -7.55
CA PRO A 344 0.47 -18.51 -7.88
C PRO A 344 -0.35 -19.23 -6.82
N THR A 345 -1.34 -20.01 -7.25
CA THR A 345 -2.20 -20.72 -6.31
C THR A 345 -1.53 -22.04 -5.94
N LEU A 346 -0.93 -22.07 -4.75
CA LEU A 346 -0.15 -23.22 -4.31
C LEU A 346 -0.93 -24.13 -3.39
N LYS A 347 -1.07 -25.38 -3.81
CA LYS A 347 -1.62 -26.44 -2.99
C LYS A 347 -0.60 -27.58 -3.03
N LEU A 348 0.24 -27.67 -2.01
CA LEU A 348 1.32 -28.65 -1.97
C LEU A 348 1.33 -29.27 -0.60
N LYS A 349 1.10 -30.58 -0.54
CA LYS A 349 0.88 -31.23 0.75
C LYS A 349 2.15 -31.30 1.58
N SER A 350 3.31 -31.34 0.92
CA SER A 350 4.54 -31.69 1.60
C SER A 350 5.52 -30.55 1.80
N LEU A 351 5.16 -29.37 1.35
CA LEU A 351 6.06 -28.22 1.38
C LEU A 351 6.26 -27.71 2.78
N LYS A 352 7.51 -27.71 3.24
CA LYS A 352 7.88 -27.18 4.57
C LYS A 352 8.38 -25.74 4.55
N ARG A 353 9.00 -25.35 3.44
CA ARG A 353 9.66 -24.05 3.35
C ARG A 353 9.31 -23.44 2.01
N LEU A 354 8.83 -22.20 2.05
CA LEU A 354 8.53 -21.45 0.82
C LEU A 354 9.23 -20.10 0.85
N THR A 355 9.98 -19.83 -0.21
CA THR A 355 10.64 -18.55 -0.41
C THR A 355 10.10 -17.99 -1.72
N PHE A 356 9.27 -16.98 -1.57
CA PHE A 356 8.66 -16.28 -2.68
C PHE A 356 9.08 -14.83 -2.46
N THR A 357 10.22 -14.45 -3.03
CA THR A 357 10.83 -13.14 -2.76
C THR A 357 11.30 -12.49 -4.03
N SER A 358 11.33 -11.15 -4.01
CA SER A 358 11.79 -10.31 -5.13
C SER A 358 11.12 -10.58 -6.44
N ASN A 359 9.90 -11.09 -6.41
CA ASN A 359 9.12 -11.28 -7.61
C ASN A 359 8.43 -9.98 -8.01
N LYS A 360 8.15 -9.78 -9.29
CA LYS A 360 7.78 -8.44 -9.71
C LYS A 360 6.66 -8.30 -10.72
N GLY A 361 5.58 -9.06 -10.56
CA GLY A 361 4.45 -8.95 -11.50
C GLY A 361 3.12 -8.73 -10.82
N GLY A 362 2.16 -9.58 -11.22
CA GLY A 362 0.86 -9.76 -10.54
C GLY A 362 1.09 -10.26 -9.12
N ASN A 363 0.48 -9.56 -8.15
CA ASN A 363 0.99 -9.51 -6.79
C ASN A 363 -0.02 -9.15 -5.68
N ALA A 364 -1.30 -9.41 -5.87
CA ALA A 364 -2.20 -9.52 -4.72
C ALA A 364 -2.01 -10.93 -4.18
N PHE A 365 -1.73 -11.05 -2.89
CA PHE A 365 -1.64 -12.38 -2.30
C PHE A 365 -3.00 -13.07 -2.39
N SER A 366 -3.02 -14.34 -2.75
CA SER A 366 -4.24 -15.14 -2.55
C SER A 366 -3.93 -16.43 -1.82
N GLU A 367 -4.96 -16.94 -1.12
CA GLU A 367 -4.86 -18.11 -0.24
C GLU A 367 -4.03 -19.21 -0.86
N VAL A 368 -3.09 -19.72 -0.09
CA VAL A 368 -2.40 -20.95 -0.45
C VAL A 368 -2.81 -22.03 0.52
N ASP A 369 -2.66 -23.28 0.12
CA ASP A 369 -2.99 -24.39 0.95
C ASP A 369 -1.74 -25.25 1.10
N LEU A 370 -1.04 -25.08 2.22
CA LEU A 370 0.27 -25.68 2.42
C LEU A 370 0.39 -26.31 3.82
N PRO A 371 -0.24 -27.48 4.03
CA PRO A 371 -0.40 -28.07 5.38
C PRO A 371 0.88 -28.41 6.16
N SER A 372 1.98 -28.63 5.45
CA SER A 372 3.26 -28.93 6.10
C SER A 372 4.16 -27.71 6.32
N LEU A 373 3.68 -26.55 5.90
CA LEU A 373 4.51 -25.35 5.91
C LEU A 373 4.94 -24.87 7.29
N GLU A 374 6.24 -24.77 7.49
CA GLU A 374 6.77 -24.25 8.74
C GLU A 374 7.46 -22.91 8.52
N PHE A 375 7.84 -22.61 7.29
CA PHE A 375 8.70 -21.47 7.02
C PHE A 375 8.20 -20.78 5.74
N LEU A 376 7.71 -19.55 5.91
CA LEU A 376 7.18 -18.75 4.82
C LEU A 376 7.97 -17.46 4.73
N ASP A 377 8.65 -17.30 3.59
CA ASP A 377 9.28 -16.04 3.28
C ASP A 377 8.56 -15.50 2.05
N LEU A 378 7.85 -14.41 2.28
CA LEU A 378 7.01 -13.84 1.26
C LEU A 378 7.41 -12.37 1.07
N SER A 379 8.66 -12.07 1.41
CA SER A 379 9.15 -10.70 1.43
C SER A 379 9.57 -10.14 0.06
N ARG A 380 9.63 -8.81 -0.04
CA ARG A 380 10.30 -8.11 -1.14
C ARG A 380 9.63 -8.31 -2.49
N ASN A 381 8.30 -8.50 -2.47
CA ASN A 381 7.52 -8.66 -3.66
C ASN A 381 6.66 -7.47 -4.00
N GLY A 382 6.56 -6.51 -3.08
CA GLY A 382 5.57 -5.47 -3.17
C GLY A 382 4.17 -6.08 -3.17
N LEU A 383 4.02 -7.23 -2.50
CA LEU A 383 2.74 -7.93 -2.44
C LEU A 383 1.68 -7.12 -1.70
N SER A 384 0.47 -7.29 -2.18
CA SER A 384 -0.71 -6.79 -1.55
C SER A 384 -1.24 -7.98 -0.75
N PHE A 385 -1.75 -7.71 0.44
CA PHE A 385 -2.28 -8.77 1.29
C PHE A 385 -3.53 -8.25 2.01
N LYS A 386 -4.69 -8.55 1.44
CA LYS A 386 -5.97 -8.27 2.02
C LYS A 386 -6.30 -9.29 3.14
N GLY A 387 -6.54 -8.79 4.34
CA GLY A 387 -7.08 -9.62 5.41
C GLY A 387 -6.12 -10.63 5.98
N CYS A 388 -4.96 -10.15 6.40
CA CYS A 388 -3.94 -10.94 7.06
C CYS A 388 -4.30 -11.06 8.52
N CYS A 389 -3.87 -12.13 9.22
CA CYS A 389 -3.28 -13.35 8.65
C CYS A 389 -3.92 -14.46 9.44
N SER A 390 -4.07 -15.61 8.80
CA SER A 390 -4.90 -16.65 9.36
C SER A 390 -4.41 -17.97 8.81
N GLN A 391 -4.70 -19.06 9.51
CA GLN A 391 -4.38 -20.36 8.97
C GLN A 391 -5.07 -20.62 7.63
N SER A 392 -6.22 -20.01 7.39
CA SER A 392 -6.90 -20.20 6.10
C SER A 392 -6.29 -19.37 4.96
N ASP A 393 -5.31 -18.55 5.28
CA ASP A 393 -4.55 -17.85 4.26
C ASP A 393 -3.47 -18.80 3.69
N PHE A 394 -2.94 -19.66 4.56
CA PHE A 394 -1.77 -20.49 4.25
C PHE A 394 -2.01 -21.98 4.28
N GLY A 395 -3.14 -22.41 4.86
CA GLY A 395 -3.50 -23.84 4.99
C GLY A 395 -2.63 -24.65 5.96
N THR A 396 -1.85 -23.96 6.80
CA THR A 396 -0.97 -24.63 7.75
C THR A 396 -1.29 -24.15 9.16
N ILE A 397 -1.10 -25.05 10.13
CA ILE A 397 -1.13 -24.66 11.55
C ILE A 397 0.27 -24.81 12.17
N SER A 398 1.25 -25.06 11.31
CA SER A 398 2.60 -25.35 11.78
C SER A 398 3.58 -24.22 11.46
N LEU A 399 3.06 -23.08 11.00
CA LEU A 399 3.90 -21.96 10.62
C LEU A 399 4.76 -21.51 11.79
N LYS A 400 6.07 -21.49 11.60
CA LYS A 400 7.02 -21.01 12.62
C LYS A 400 7.65 -19.66 12.32
N TYR A 401 7.66 -19.30 11.04
CA TYR A 401 8.45 -18.18 10.57
C TYR A 401 7.68 -17.50 9.44
N LEU A 402 7.41 -16.21 9.59
CA LEU A 402 6.64 -15.52 8.58
C LEU A 402 7.28 -14.19 8.26
N ASP A 403 7.85 -14.10 7.06
CA ASP A 403 8.45 -12.85 6.59
C ASP A 403 7.55 -12.23 5.56
N LEU A 404 6.91 -11.13 5.93
CA LEU A 404 6.06 -10.41 4.96
C LEU A 404 6.59 -9.00 4.72
N SER A 405 7.89 -8.81 4.94
CA SER A 405 8.53 -7.51 4.81
C SER A 405 8.69 -7.08 3.37
N PHE A 406 8.94 -5.78 3.23
CA PHE A 406 9.10 -5.09 1.95
C PHE A 406 8.02 -5.43 0.95
N ASN A 407 6.77 -5.36 1.42
CA ASN A 407 5.62 -5.51 0.57
C ASN A 407 4.78 -4.26 0.53
N GLY A 408 3.62 -4.35 -0.11
CA GLY A 408 2.73 -3.20 -0.26
C GLY A 408 1.84 -3.13 0.94
N VAL A 409 0.54 -3.03 0.70
CA VAL A 409 -0.41 -2.87 1.78
C VAL A 409 -0.82 -4.22 2.34
N ILE A 410 -0.63 -4.37 3.64
CA ILE A 410 -1.10 -5.54 4.34
C ILE A 410 -2.17 -5.06 5.33
N THR A 411 -3.41 -5.51 5.09
CA THR A 411 -4.54 -5.17 5.94
C THR A 411 -4.75 -6.26 7.01
N MET A 412 -4.73 -5.86 8.28
CA MET A 412 -4.93 -6.81 9.36
C MET A 412 -6.41 -7.03 9.62
N SER A 413 -6.90 -8.24 9.40
CA SER A 413 -8.28 -8.51 9.70
C SER A 413 -8.47 -9.81 10.49
N SER A 414 -7.38 -10.48 10.84
CA SER A 414 -7.46 -11.72 11.60
C SER A 414 -6.21 -11.84 12.46
N ASN A 415 -6.37 -11.99 13.77
CA ASN A 415 -5.19 -12.01 14.65
C ASN A 415 -4.52 -13.37 14.81
N PHE A 416 -4.17 -13.97 13.68
CA PHE A 416 -3.32 -15.17 13.60
C PHE A 416 -3.96 -16.39 14.21
N LEU A 417 -5.23 -16.58 13.90
CA LEU A 417 -5.94 -17.77 14.29
C LEU A 417 -5.33 -18.95 13.55
N GLY A 418 -4.91 -19.96 14.32
CA GLY A 418 -4.29 -21.15 13.75
C GLY A 418 -2.79 -21.03 13.52
N LEU A 419 -2.20 -19.90 13.89
CA LEU A 419 -0.77 -19.63 13.68
C LEU A 419 -0.05 -19.40 14.99
N GLU A 420 -0.61 -20.01 16.02
CA GLU A 420 -0.13 -19.90 17.40
C GLU A 420 1.32 -20.36 17.58
N GLN A 421 1.84 -21.14 16.64
CA GLN A 421 3.20 -21.62 16.76
C GLN A 421 4.24 -20.69 16.16
N LEU A 422 3.82 -19.52 15.68
CA LEU A 422 4.75 -18.55 15.07
C LEU A 422 5.75 -18.00 16.07
N GLU A 423 7.03 -17.97 15.68
CA GLU A 423 8.12 -17.49 16.54
C GLU A 423 8.82 -16.25 16.00
N HIS A 424 8.78 -16.11 14.68
CA HIS A 424 9.40 -15.04 13.96
C HIS A 424 8.36 -14.45 13.01
N LEU A 425 8.16 -13.13 13.09
CA LEU A 425 7.23 -12.43 12.23
C LEU A 425 7.84 -11.10 11.85
N ASP A 426 7.86 -10.84 10.56
CA ASP A 426 8.54 -9.69 10.04
C ASP A 426 7.68 -9.01 9.01
N PHE A 427 7.40 -7.73 9.26
CA PHE A 427 6.53 -6.93 8.38
C PHE A 427 7.27 -5.70 7.90
N GLN A 428 8.49 -5.53 8.37
CA GLN A 428 9.33 -4.37 8.07
C GLN A 428 9.04 -3.76 6.69
N HIS A 429 8.69 -2.47 6.64
CA HIS A 429 8.57 -1.70 5.37
C HIS A 429 7.41 -2.08 4.50
N SER A 430 6.55 -2.96 4.98
CA SER A 430 5.26 -3.16 4.35
C SER A 430 4.28 -2.14 4.98
N ASN A 431 3.25 -1.76 4.25
CA ASN A 431 2.31 -0.79 4.77
C ASN A 431 1.20 -1.54 5.52
N LEU A 432 1.29 -1.52 6.85
CA LEU A 432 0.34 -2.26 7.68
C LEU A 432 -0.84 -1.39 8.03
N LYS A 433 -2.03 -1.95 7.88
CA LYS A 433 -3.25 -1.22 8.18
C LYS A 433 -4.11 -1.97 9.18
N GLN A 434 -4.85 -1.21 9.98
CA GLN A 434 -5.83 -1.72 10.93
C GLN A 434 -5.24 -2.29 12.21
N MET A 435 -3.98 -1.94 12.46
CA MET A 435 -3.20 -2.42 13.60
C MET A 435 -3.76 -1.98 14.94
N SER A 436 -4.48 -0.85 14.94
CA SER A 436 -5.08 -0.32 16.16
C SER A 436 -6.57 -0.63 16.27
N GLU A 437 -7.07 -1.53 15.43
CA GLU A 437 -8.51 -1.77 15.38
C GLU A 437 -8.91 -3.01 16.19
N PHE A 438 -7.90 -3.72 16.69
CA PHE A 438 -8.07 -4.86 17.60
C PHE A 438 -6.68 -5.34 17.98
N SER A 439 -6.59 -6.41 18.76
CA SER A 439 -5.31 -6.96 19.16
C SER A 439 -4.84 -7.87 18.07
N VAL A 440 -4.02 -7.35 17.15
CA VAL A 440 -3.75 -8.05 15.89
C VAL A 440 -2.81 -9.22 16.06
N PHE A 441 -2.11 -9.28 17.19
CA PHE A 441 -1.19 -10.39 17.46
C PHE A 441 -1.69 -11.26 18.60
N LEU A 442 -2.98 -11.10 18.94
CA LEU A 442 -3.51 -11.70 20.16
C LEU A 442 -3.12 -13.16 20.32
N SER A 443 -3.13 -13.91 19.22
CA SER A 443 -2.96 -15.37 19.24
C SER A 443 -1.51 -15.78 19.43
N LEU A 444 -0.60 -14.84 19.27
CA LEU A 444 0.80 -15.17 19.06
C LEU A 444 1.56 -15.37 20.37
N ARG A 445 1.15 -16.38 21.14
CA ARG A 445 1.69 -16.62 22.48
C ARG A 445 3.13 -17.11 22.44
N ASN A 446 3.56 -17.59 21.28
CA ASN A 446 4.91 -18.14 21.11
C ASN A 446 5.85 -17.27 20.30
N LEU A 447 5.38 -16.11 19.87
CA LEU A 447 6.23 -15.24 19.05
C LEU A 447 7.40 -14.69 19.84
N ILE A 448 8.59 -14.76 19.24
CA ILE A 448 9.80 -14.35 19.92
C ILE A 448 10.35 -13.06 19.33
N TYR A 449 10.11 -12.90 18.04
CA TYR A 449 10.68 -11.85 17.25
C TYR A 449 9.54 -11.22 16.46
N LEU A 450 9.48 -9.89 16.49
CA LEU A 450 8.49 -9.13 15.76
C LEU A 450 9.11 -7.87 15.24
N ASP A 451 9.06 -7.72 13.92
CA ASP A 451 9.46 -6.48 13.28
C ASP A 451 8.31 -5.86 12.51
N ILE A 452 7.86 -4.69 13.01
CA ILE A 452 6.87 -3.84 12.34
C ILE A 452 7.44 -2.44 12.06
N SER A 453 8.76 -2.35 11.96
CA SER A 453 9.44 -1.10 11.66
C SER A 453 8.97 -0.56 10.31
N HIS A 454 8.78 0.75 10.27
CA HIS A 454 8.45 1.47 9.03
C HIS A 454 7.25 0.87 8.35
N THR A 455 6.20 0.60 9.12
CA THR A 455 5.01 -0.03 8.53
C THR A 455 3.82 0.93 8.43
N HIS A 456 4.11 2.20 8.70
CA HIS A 456 3.12 3.28 8.78
C HIS A 456 2.03 3.01 9.77
N THR A 457 2.43 2.36 10.86
CA THR A 457 1.56 2.09 11.98
C THR A 457 1.52 3.33 12.87
N ARG A 458 0.34 3.90 13.02
CA ARG A 458 0.11 4.90 14.05
C ARG A 458 -0.56 4.17 15.22
N VAL A 459 0.17 3.96 16.31
CA VAL A 459 -0.37 3.25 17.47
C VAL A 459 -1.44 4.09 18.16
N ALA A 460 -2.65 3.54 18.24
CA ALA A 460 -3.79 4.24 18.84
C ALA A 460 -4.67 3.27 19.61
N PHE A 461 -4.11 2.10 19.91
CA PHE A 461 -4.82 1.15 20.75
C PHE A 461 -3.84 0.58 21.76
N ASN A 462 -4.21 0.61 23.03
CA ASN A 462 -3.29 0.19 24.10
C ASN A 462 -3.17 -1.30 24.17
N GLY A 463 -4.04 -1.99 23.44
CA GLY A 463 -4.02 -3.45 23.39
C GLY A 463 -3.32 -3.97 22.15
N ILE A 464 -2.68 -3.08 21.40
CA ILE A 464 -1.95 -3.47 20.18
C ILE A 464 -1.06 -4.71 20.33
N PHE A 465 -0.38 -4.85 21.47
CA PHE A 465 0.59 -5.95 21.64
C PHE A 465 0.14 -7.03 22.61
N ASN A 466 -1.13 -7.00 22.99
CA ASN A 466 -1.69 -8.07 23.81
C ASN A 466 -1.51 -9.43 23.11
N GLY A 467 -1.22 -10.45 23.91
CA GLY A 467 -0.98 -11.80 23.39
C GLY A 467 0.48 -12.18 23.33
N LEU A 468 1.35 -11.19 23.20
CA LEU A 468 2.79 -11.43 22.98
C LEU A 468 3.59 -11.76 24.23
N SER A 469 3.18 -12.78 24.98
CA SER A 469 3.84 -13.05 26.27
C SER A 469 5.26 -13.61 26.14
N SER A 470 5.61 -14.20 25.00
CA SER A 470 6.94 -14.76 24.83
C SER A 470 7.87 -13.88 24.02
N LEU A 471 7.35 -12.74 23.60
CA LEU A 471 8.10 -11.86 22.71
C LEU A 471 9.40 -11.38 23.33
N GLU A 472 10.50 -11.46 22.58
CA GLU A 472 11.79 -11.01 23.08
C GLU A 472 12.37 -9.87 22.29
N VAL A 473 12.07 -9.83 21.01
CA VAL A 473 12.58 -8.76 20.18
C VAL A 473 11.41 -8.06 19.51
N LEU A 474 11.29 -6.77 19.79
CA LEU A 474 10.27 -5.97 19.17
C LEU A 474 10.97 -4.78 18.55
N LYS A 475 10.89 -4.69 17.22
CA LYS A 475 11.37 -3.55 16.49
C LYS A 475 10.18 -2.86 15.87
N MET A 476 10.00 -1.57 16.17
CA MET A 476 8.88 -0.81 15.61
C MET A 476 9.29 0.61 15.28
N ALA A 477 10.59 0.80 15.08
CA ALA A 477 11.15 2.03 14.56
C ALA A 477 10.35 2.60 13.39
N GLY A 478 10.27 3.93 13.32
CA GLY A 478 9.73 4.58 12.13
C GLY A 478 8.22 4.64 12.07
N ASN A 479 7.58 4.37 13.19
CA ASN A 479 6.13 4.44 13.27
C ASN A 479 5.72 5.70 14.02
N SER A 480 4.51 5.73 14.57
CA SER A 480 4.08 6.87 15.32
C SER A 480 2.99 6.48 16.29
N PHE A 481 2.74 7.38 17.22
CA PHE A 481 1.81 7.13 18.30
C PHE A 481 0.81 8.26 18.36
N GLN A 482 -0.44 7.92 18.66
CA GLN A 482 -1.42 8.95 18.91
C GLN A 482 -0.83 9.95 19.90
N GLU A 483 -0.76 11.22 19.50
CA GLU A 483 -0.44 12.31 20.42
C GLU A 483 1.07 12.34 20.73
N ASN A 484 1.85 11.57 19.95
CA ASN A 484 3.29 11.40 20.15
C ASN A 484 3.63 10.99 21.58
N PHE A 485 2.71 10.21 22.14
CA PHE A 485 2.77 9.76 23.52
C PHE A 485 3.00 8.25 23.56
N LEU A 486 3.97 7.79 24.35
CA LEU A 486 4.17 6.35 24.52
C LEU A 486 3.38 5.81 25.72
N PRO A 487 2.31 5.05 25.45
CA PRO A 487 1.48 4.53 26.54
C PRO A 487 1.94 3.16 27.03
N ASP A 488 1.29 2.67 28.07
CA ASP A 488 1.63 1.37 28.64
C ASP A 488 1.11 0.27 27.72
N ILE A 489 1.85 0.03 26.64
CA ILE A 489 1.42 -0.95 25.65
C ILE A 489 2.26 -2.21 25.74
N PHE A 490 3.16 -2.21 26.72
CA PHE A 490 4.17 -3.24 26.87
C PHE A 490 4.00 -4.12 28.10
N THR A 491 2.97 -3.89 28.92
CA THR A 491 2.92 -4.52 30.25
C THR A 491 2.91 -6.05 30.19
N GLU A 492 2.30 -6.58 29.14
CA GLU A 492 2.23 -8.02 28.89
C GLU A 492 3.53 -8.62 28.33
N LEU A 493 4.50 -7.77 27.96
CA LEU A 493 5.66 -8.26 27.24
C LEU A 493 6.87 -8.49 28.14
N ARG A 494 6.69 -9.31 29.17
CA ARG A 494 7.69 -9.45 30.24
C ARG A 494 9.03 -9.97 29.74
N ASN A 495 9.03 -10.71 28.64
CA ASN A 495 10.23 -11.33 28.12
C ASN A 495 11.06 -10.50 27.14
N LEU A 496 10.65 -9.26 26.89
CA LEU A 496 11.38 -8.39 25.95
C LEU A 496 12.79 -8.17 26.42
N THR A 497 13.73 -8.39 25.51
CA THR A 497 15.14 -8.13 25.79
C THR A 497 15.63 -7.03 24.84
N PHE A 498 14.86 -6.78 23.78
CA PHE A 498 15.23 -5.81 22.75
C PHE A 498 14.01 -5.04 22.25
N LEU A 499 14.07 -3.72 22.39
CA LEU A 499 12.97 -2.88 22.00
C LEU A 499 13.48 -1.66 21.24
N ASP A 500 12.92 -1.46 20.06
CA ASP A 500 13.34 -0.40 19.17
C ASP A 500 12.15 0.50 18.88
N LEU A 501 12.19 1.68 19.48
CA LEU A 501 11.16 2.72 19.31
C LEU A 501 11.75 3.95 18.68
N SER A 502 12.84 3.76 17.94
CA SER A 502 13.51 4.90 17.32
C SER A 502 12.66 5.41 16.14
N GLN A 503 12.84 6.68 15.80
CA GLN A 503 12.17 7.30 14.67
C GLN A 503 10.65 7.23 14.76
N CYS A 504 10.10 7.38 15.96
CA CYS A 504 8.67 7.20 16.15
C CYS A 504 7.94 8.49 16.51
N GLN A 505 8.60 9.62 16.31
CA GLN A 505 8.07 10.95 16.65
C GLN A 505 7.61 11.06 18.10
N LEU A 506 8.23 10.29 18.98
CA LEU A 506 7.78 10.30 20.36
C LEU A 506 8.18 11.60 21.04
N GLU A 507 7.26 12.11 21.87
CA GLU A 507 7.49 13.37 22.58
C GLU A 507 7.39 13.17 24.09
N GLN A 508 6.54 12.24 24.49
CA GLN A 508 6.26 11.99 25.90
C GLN A 508 6.17 10.48 26.12
N LEU A 509 6.49 10.09 27.34
CA LEU A 509 6.45 8.72 27.79
C LEU A 509 5.50 8.61 28.97
N SER A 510 4.71 7.55 29.01
CA SER A 510 4.11 7.16 30.26
C SER A 510 5.24 6.79 31.24
N PRO A 511 5.19 7.34 32.47
CA PRO A 511 6.25 6.97 33.43
C PRO A 511 6.30 5.46 33.64
N THR A 512 5.18 4.78 33.39
CA THR A 512 5.07 3.35 33.62
C THR A 512 5.16 2.48 32.33
N ALA A 513 5.51 3.12 31.21
CA ALA A 513 5.63 2.45 29.91
C ALA A 513 6.49 1.18 29.88
N PHE A 514 7.57 1.18 30.64
CA PHE A 514 8.57 0.10 30.61
C PHE A 514 8.59 -0.68 31.91
N ASN A 515 7.66 -0.39 32.80
CA ASN A 515 7.65 -0.94 34.16
C ASN A 515 7.89 -2.43 34.29
N SER A 516 7.24 -3.20 33.41
CA SER A 516 7.23 -4.66 33.54
C SER A 516 8.40 -5.30 32.81
N LEU A 517 9.24 -4.49 32.17
CA LEU A 517 10.26 -5.02 31.26
C LEU A 517 11.59 -5.40 31.92
N SER A 518 11.54 -6.24 32.94
CA SER A 518 12.74 -6.55 33.73
C SER A 518 13.87 -7.33 33.01
N SER A 519 13.61 -7.84 31.81
CA SER A 519 14.64 -8.53 31.02
C SER A 519 15.17 -7.66 29.85
N LEU A 520 14.58 -6.48 29.66
CA LEU A 520 15.01 -5.58 28.61
C LEU A 520 16.48 -5.22 28.73
N GLN A 521 17.24 -5.51 27.68
CA GLN A 521 18.69 -5.22 27.66
C GLN A 521 19.03 -4.04 26.77
N VAL A 522 18.27 -3.87 25.70
CA VAL A 522 18.53 -2.85 24.70
C VAL A 522 17.24 -2.09 24.40
N LEU A 523 17.28 -0.80 24.63
CA LEU A 523 16.16 0.08 24.36
C LEU A 523 16.60 1.20 23.40
N ASN A 524 15.92 1.31 22.27
CA ASN A 524 16.28 2.32 21.30
C ASN A 524 15.22 3.41 21.16
N MET A 525 15.55 4.56 21.72
CA MET A 525 14.70 5.73 21.73
C MET A 525 15.28 6.81 20.80
N SER A 526 16.20 6.38 19.96
CA SER A 526 16.91 7.27 19.08
C SER A 526 15.95 7.94 18.10
N HIS A 527 16.26 9.17 17.71
CA HIS A 527 15.62 9.79 16.57
C HIS A 527 14.17 10.05 16.85
N ASN A 528 13.89 10.41 18.09
CA ASN A 528 12.57 10.89 18.45
C ASN A 528 12.62 12.39 18.71
N ASN A 529 11.60 12.93 19.38
CA ASN A 529 11.52 14.37 19.64
C ASN A 529 11.39 14.69 21.12
N PHE A 530 12.19 14.00 21.93
CA PHE A 530 12.25 14.29 23.36
C PHE A 530 13.11 15.50 23.58
N PHE A 531 12.65 16.39 24.47
CA PHE A 531 13.38 17.60 24.82
C PHE A 531 14.06 17.52 26.17
N SER A 532 13.78 16.45 26.90
CA SER A 532 14.45 16.26 28.18
C SER A 532 14.72 14.79 28.43
N LEU A 533 15.70 14.53 29.28
CA LEU A 533 15.99 13.20 29.73
C LEU A 533 15.37 12.99 31.10
N ASP A 534 14.32 12.19 31.16
CA ASP A 534 13.78 11.77 32.45
C ASP A 534 14.15 10.32 32.62
N THR A 535 14.92 10.01 33.66
CA THR A 535 15.36 8.64 33.88
C THR A 535 14.35 7.82 34.68
N PHE A 536 13.30 8.46 35.19
CA PHE A 536 12.26 7.71 35.93
C PHE A 536 11.67 6.46 35.25
N PRO A 537 11.23 6.56 33.97
CA PRO A 537 10.66 5.40 33.27
C PRO A 537 11.59 4.18 33.23
N TYR A 538 12.87 4.40 33.51
CA TYR A 538 13.93 3.39 33.33
C TYR A 538 14.35 2.71 34.61
N LYS A 539 13.78 3.13 35.73
CA LYS A 539 14.26 2.67 37.03
C LYS A 539 14.02 1.18 37.34
N CYS A 540 12.98 0.59 36.77
CA CYS A 540 12.69 -0.83 37.03
C CYS A 540 13.42 -1.78 36.08
N LEU A 541 14.29 -1.21 35.26
CA LEU A 541 14.97 -1.96 34.21
C LEU A 541 16.30 -2.60 34.63
N ASN A 542 16.20 -3.64 35.47
CA ASN A 542 17.38 -4.36 36.01
C ASN A 542 18.35 -4.88 34.96
N SER A 543 17.84 -5.23 33.78
CA SER A 543 18.68 -5.85 32.74
C SER A 543 19.23 -4.87 31.70
N LEU A 544 18.84 -3.61 31.80
CA LEU A 544 19.18 -2.62 30.78
C LEU A 544 20.69 -2.36 30.64
N GLN A 545 21.25 -2.71 29.49
CA GLN A 545 22.66 -2.49 29.22
C GLN A 545 22.86 -1.31 28.29
N VAL A 546 21.93 -1.18 27.33
CA VAL A 546 22.04 -0.17 26.30
C VAL A 546 20.76 0.64 26.17
N LEU A 547 20.92 1.95 26.35
CA LEU A 547 19.83 2.88 26.15
C LEU A 547 20.30 3.89 25.13
N ASP A 548 19.56 3.98 24.02
CA ASP A 548 19.94 4.87 22.92
C ASP A 548 18.98 6.05 22.84
N TYR A 549 19.50 7.22 23.19
CA TYR A 549 18.75 8.47 23.14
C TYR A 549 19.38 9.44 22.19
N SER A 550 20.23 8.93 21.30
CA SER A 550 20.87 9.77 20.29
C SER A 550 19.84 10.39 19.37
N LEU A 551 20.12 11.61 18.90
CA LEU A 551 19.38 12.18 17.77
C LEU A 551 17.97 12.62 18.15
N ASN A 552 17.84 13.00 19.40
CA ASN A 552 16.63 13.60 19.87
C ASN A 552 16.88 15.08 20.00
N HIS A 553 16.13 15.77 20.85
CA HIS A 553 16.37 17.18 21.06
C HIS A 553 16.57 17.48 22.51
N ILE A 554 17.26 16.57 23.20
CA ILE A 554 17.44 16.73 24.63
C ILE A 554 18.30 17.96 24.87
N MET A 555 17.84 18.82 25.79
CA MET A 555 18.59 20.00 26.21
C MET A 555 18.77 20.05 27.73
N THR A 556 17.81 19.50 28.46
CA THR A 556 17.80 19.50 29.91
C THR A 556 17.40 18.13 30.43
N SER A 557 17.59 17.92 31.72
CA SER A 557 16.85 16.89 32.41
C SER A 557 15.95 17.63 33.37
N LYS A 558 14.66 17.67 33.05
CA LYS A 558 13.66 18.43 33.81
C LYS A 558 13.31 17.78 35.15
N LYS A 559 12.85 16.53 35.12
CA LYS A 559 12.65 15.77 36.35
C LYS A 559 14.04 15.38 36.89
N GLN A 560 14.41 15.98 38.03
CA GLN A 560 15.68 15.66 38.70
C GLN A 560 15.69 14.24 39.23
N GLU A 561 15.16 13.34 38.39
CA GLU A 561 15.24 11.91 38.59
C GLU A 561 16.45 11.38 37.82
N LEU A 562 17.32 12.28 37.37
CA LEU A 562 18.62 11.91 36.80
C LEU A 562 19.32 10.76 37.54
N GLN A 563 18.86 10.45 38.75
CA GLN A 563 19.51 9.46 39.60
C GLN A 563 19.14 8.01 39.35
N HIS A 564 17.92 7.74 38.86
CA HIS A 564 17.42 6.36 38.82
C HIS A 564 17.64 5.53 37.57
N PHE A 565 18.80 5.68 36.94
CA PHE A 565 19.26 4.69 35.96
C PHE A 565 19.67 3.42 36.68
N PRO A 566 19.33 2.25 36.10
CA PRO A 566 19.67 0.99 36.78
C PRO A 566 21.17 0.74 36.81
N SER A 567 21.64 0.04 37.84
CA SER A 567 23.06 -0.27 37.99
C SER A 567 23.61 -1.02 36.78
N SER A 568 22.74 -1.78 36.12
CA SER A 568 23.10 -2.59 34.95
C SER A 568 23.48 -1.80 33.70
N LEU A 569 23.19 -0.51 33.68
CA LEU A 569 23.34 0.28 32.46
C LEU A 569 24.81 0.56 32.15
N ALA A 570 25.20 0.28 30.92
CA ALA A 570 26.59 0.33 30.53
C ALA A 570 26.82 1.26 29.34
N PHE A 571 25.79 1.47 28.54
CA PHE A 571 25.90 2.28 27.33
C PHE A 571 24.72 3.22 27.19
N LEU A 572 24.96 4.49 27.41
CA LEU A 572 23.96 5.51 27.28
C LEU A 572 24.42 6.41 26.16
N ASN A 573 23.75 6.30 25.02
CA ASN A 573 24.05 7.13 23.86
C ASN A 573 23.23 8.41 23.88
N LEU A 574 23.89 9.52 24.15
CA LEU A 574 23.20 10.80 24.15
C LEU A 574 23.72 11.72 23.07
N THR A 575 24.43 11.17 22.08
CA THR A 575 25.05 11.99 21.04
C THR A 575 23.99 12.62 20.17
N GLN A 576 24.36 13.74 19.55
CA GLN A 576 23.54 14.46 18.58
C GLN A 576 22.22 14.97 19.15
N ASN A 577 22.31 15.43 20.40
CA ASN A 577 21.24 16.15 21.05
C ASN A 577 21.51 17.64 21.11
N ASP A 578 20.54 18.41 21.60
CA ASP A 578 20.60 19.87 21.56
C ASP A 578 20.88 20.47 22.93
N PHE A 579 21.96 20.04 23.55
CA PHE A 579 22.28 20.47 24.90
C PHE A 579 22.29 21.98 25.06
N ALA A 580 21.59 22.44 26.09
CA ALA A 580 21.57 23.84 26.44
C ALA A 580 22.68 24.03 27.46
N CYS A 581 23.73 24.72 27.04
CA CYS A 581 24.91 24.92 27.86
C CYS A 581 24.87 26.26 28.57
N THR A 582 23.89 26.44 29.44
CA THR A 582 23.77 27.64 30.28
C THR A 582 23.76 27.23 31.74
N CYS A 583 23.98 28.21 32.63
CA CYS A 583 24.04 27.97 34.07
C CYS A 583 22.73 27.38 34.59
N GLU A 584 21.64 27.69 33.89
CA GLU A 584 20.31 27.20 34.23
C GLU A 584 20.17 25.66 34.17
N HIS A 585 21.07 25.01 33.44
CA HIS A 585 21.01 23.56 33.27
C HIS A 585 22.23 22.91 33.82
N GLN A 586 22.88 23.60 34.77
CA GLN A 586 24.18 23.18 35.32
C GLN A 586 24.15 21.77 35.92
N SER A 587 23.03 21.41 36.52
CA SER A 587 22.89 20.14 37.20
C SER A 587 23.02 18.99 36.21
N PHE A 588 22.17 18.99 35.20
CA PHE A 588 22.25 18.05 34.08
C PHE A 588 23.63 18.03 33.42
N LEU A 589 24.13 19.22 33.12
CA LEU A 589 25.43 19.39 32.49
C LEU A 589 26.57 18.82 33.34
N GLN A 590 26.44 18.98 34.65
CA GLN A 590 27.34 18.39 35.62
C GLN A 590 27.23 16.88 35.59
N TRP A 591 25.99 16.41 35.70
CA TRP A 591 25.65 15.01 35.70
C TRP A 591 26.25 14.29 34.52
N ILE A 592 26.24 14.96 33.37
CA ILE A 592 26.87 14.45 32.15
C ILE A 592 28.31 14.05 32.44
N LYS A 593 29.06 14.96 33.08
CA LYS A 593 30.44 14.70 33.48
C LYS A 593 30.55 13.63 34.57
N ASP A 594 29.56 13.59 35.46
CA ASP A 594 29.55 12.64 36.60
C ASP A 594 29.62 11.18 36.17
N GLN A 595 29.02 10.86 35.03
CA GLN A 595 29.07 9.51 34.49
C GLN A 595 29.38 9.48 32.99
N ARG A 596 30.56 9.96 32.62
CA ARG A 596 31.06 9.86 31.26
C ARG A 596 31.43 8.41 30.90
N GLN A 597 31.43 7.55 31.92
CA GLN A 597 31.73 6.12 31.77
C GLN A 597 30.63 5.43 30.95
N LEU A 598 29.38 5.74 31.29
CA LEU A 598 28.20 5.23 30.60
C LEU A 598 28.06 5.80 29.19
N LEU A 599 28.31 7.10 29.04
CA LEU A 599 28.17 7.82 27.76
C LEU A 599 29.07 7.27 26.67
N VAL A 600 28.60 7.29 25.42
CA VAL A 600 29.26 6.50 24.38
C VAL A 600 30.28 7.24 23.50
N GLU A 601 29.87 8.34 22.86
CA GLU A 601 30.83 9.07 22.04
C GLU A 601 30.86 10.51 22.48
N VAL A 602 31.42 10.71 23.67
CA VAL A 602 31.44 11.99 24.36
C VAL A 602 31.69 13.22 23.48
N GLU A 603 32.61 13.10 22.53
CA GLU A 603 32.91 14.22 21.62
C GLU A 603 31.69 14.60 20.77
N ARG A 604 30.92 13.60 20.35
CA ARG A 604 29.73 13.83 19.52
C ARG A 604 28.55 14.36 20.35
N MET A 605 28.86 14.80 21.56
CA MET A 605 27.91 15.51 22.41
C MET A 605 28.30 16.99 22.51
N GLU A 606 27.59 17.80 21.74
CA GLU A 606 27.95 19.19 21.57
C GLU A 606 26.82 20.10 22.00
N CYS A 607 27.20 21.21 22.61
CA CYS A 607 26.27 22.27 22.95
C CYS A 607 25.54 22.71 21.71
N ALA A 608 24.25 22.96 21.86
CA ALA A 608 23.50 23.60 20.78
C ALA A 608 23.21 25.08 21.03
N THR A 609 22.76 25.43 22.24
CA THR A 609 21.82 26.58 22.41
C THR A 609 22.37 27.93 22.86
N PRO A 610 23.43 27.98 23.68
CA PRO A 610 23.99 29.33 23.71
C PRO A 610 24.88 29.45 22.46
N SER A 611 24.54 30.34 21.51
CA SER A 611 25.27 30.42 20.22
C SER A 611 26.78 30.59 20.35
N ASP A 612 27.23 31.18 21.46
CA ASP A 612 28.64 31.34 21.77
C ASP A 612 29.31 30.05 22.28
N LYS A 613 28.49 29.07 22.65
CA LYS A 613 28.99 27.75 23.04
C LYS A 613 28.60 26.67 22.03
N GLN A 614 27.83 27.05 21.03
CA GLN A 614 27.37 26.13 20.00
C GLN A 614 28.53 25.43 19.31
N GLY A 615 28.53 24.10 19.38
CA GLY A 615 29.61 23.29 18.82
C GLY A 615 30.50 22.63 19.87
N MET A 616 30.64 23.28 21.02
CA MET A 616 31.56 22.86 22.06
C MET A 616 31.17 21.53 22.73
N PRO A 617 32.14 20.61 22.88
CA PRO A 617 31.84 19.38 23.64
C PRO A 617 31.31 19.69 25.04
N VAL A 618 30.23 19.01 25.42
CA VAL A 618 29.55 19.22 26.72
C VAL A 618 30.49 18.90 27.89
N LEU A 619 31.35 17.91 27.69
CA LEU A 619 32.30 17.48 28.70
C LEU A 619 33.56 18.35 28.77
N SER A 620 33.59 19.41 27.95
CA SER A 620 34.64 20.43 28.03
C SER A 620 34.15 21.71 28.70
N LEU A 621 32.83 21.83 28.86
CA LEU A 621 32.18 23.06 29.32
C LEU A 621 32.67 23.58 30.68
N ASN A 622 32.70 24.91 30.83
CA ASN A 622 33.02 25.57 32.09
C ASN A 622 31.83 25.68 33.06
N ILE A 623 31.90 24.89 34.14
CA ILE A 623 30.81 24.75 35.14
C ILE A 623 31.01 25.69 36.35
N THR A 624 31.24 26.98 36.10
CA THR A 624 31.25 28.00 37.18
C THR A 624 30.58 29.30 36.72
N CYS A 625 29.69 29.84 37.56
CA CYS A 625 28.87 30.98 37.19
C CYS A 625 29.18 32.22 38.02
N PRO B 21 -37.11 32.46 27.52
CA PRO B 21 -38.21 31.53 27.20
C PRO B 21 -39.25 32.22 26.34
N GLU B 22 -39.32 31.83 25.06
CA GLU B 22 -40.09 32.56 24.07
C GLU B 22 -41.49 31.99 23.84
N SER B 23 -42.33 32.76 23.15
CA SER B 23 -43.74 32.41 22.90
C SER B 23 -43.96 31.15 22.04
N TRP B 24 -42.94 30.76 21.26
CA TRP B 24 -43.04 29.59 20.40
C TRP B 24 -42.64 28.29 21.06
N GLU B 25 -42.06 28.38 22.25
CA GLU B 25 -41.65 27.20 23.00
C GLU B 25 -42.87 26.38 23.47
N PRO B 26 -42.72 25.05 23.64
CA PRO B 26 -41.50 24.23 23.60
C PRO B 26 -40.95 23.91 22.20
N CYS B 27 -41.68 24.25 21.13
CA CYS B 27 -41.18 24.09 19.77
C CYS B 27 -39.79 24.69 19.65
N VAL B 28 -38.97 24.13 18.77
CA VAL B 28 -37.62 24.65 18.55
C VAL B 28 -37.60 25.54 17.32
N GLU B 29 -37.01 26.71 17.47
CA GLU B 29 -36.85 27.63 16.36
C GLU B 29 -35.63 27.24 15.58
N VAL B 30 -35.82 26.66 14.40
CA VAL B 30 -34.69 26.29 13.57
C VAL B 30 -34.20 27.50 12.78
N VAL B 31 -35.12 28.22 12.14
CA VAL B 31 -34.80 29.48 11.46
C VAL B 31 -35.85 30.51 11.86
N PRO B 32 -35.44 31.59 12.57
CA PRO B 32 -36.38 32.55 13.16
C PRO B 32 -37.45 32.99 12.17
N ASN B 33 -38.71 33.00 12.62
CA ASN B 33 -39.86 33.44 11.81
C ASN B 33 -40.28 32.42 10.73
N ILE B 34 -39.35 31.54 10.34
CA ILE B 34 -39.48 30.69 9.15
C ILE B 34 -39.78 29.20 9.43
N THR B 35 -38.92 28.56 10.22
CA THR B 35 -38.94 27.11 10.42
C THR B 35 -39.00 26.74 11.91
N TYR B 36 -40.04 26.00 12.26
CA TYR B 36 -40.26 25.56 13.65
C TYR B 36 -40.41 24.07 13.75
N GLN B 37 -39.71 23.48 14.72
CA GLN B 37 -39.85 22.08 14.93
C GLN B 37 -40.59 21.81 16.22
N CYS B 38 -41.82 21.31 16.08
CA CYS B 38 -42.70 20.98 17.18
C CYS B 38 -42.87 19.47 17.28
N MET B 39 -41.78 18.77 16.95
CA MET B 39 -41.76 17.32 16.97
C MET B 39 -41.86 16.76 18.40
N GLU B 40 -42.82 15.87 18.60
CA GLU B 40 -42.90 15.04 19.81
C GLU B 40 -42.96 15.86 21.09
N LEU B 41 -44.09 16.55 21.26
CA LEU B 41 -44.25 17.50 22.34
C LEU B 41 -45.64 17.37 22.95
N ASN B 42 -46.24 16.21 22.74
CA ASN B 42 -47.61 15.91 23.18
C ASN B 42 -48.65 16.95 22.80
N PHE B 43 -48.44 17.60 21.65
CA PHE B 43 -49.43 18.52 21.12
C PHE B 43 -50.66 17.74 20.69
N TYR B 44 -51.79 18.04 21.32
CA TYR B 44 -53.06 17.44 20.98
C TYR B 44 -53.82 18.25 19.94
N LYS B 45 -53.30 19.45 19.67
CA LYS B 45 -53.86 20.36 18.66
C LYS B 45 -52.76 21.16 17.99
N ILE B 46 -53.05 21.58 16.75
CA ILE B 46 -52.15 22.45 16.00
C ILE B 46 -51.85 23.62 16.91
N PRO B 47 -50.55 23.84 17.20
CA PRO B 47 -50.17 24.91 18.11
C PRO B 47 -50.61 26.27 17.58
N ASP B 48 -50.91 27.18 18.50
CA ASP B 48 -51.33 28.53 18.14
C ASP B 48 -50.25 29.55 18.49
N ASN B 49 -49.09 29.08 18.90
CA ASN B 49 -48.08 29.94 19.49
C ASN B 49 -46.94 30.26 18.55
N LEU B 50 -47.17 30.08 17.26
CA LEU B 50 -46.11 30.28 16.29
C LEU B 50 -46.38 31.50 15.40
N PRO B 51 -45.31 32.11 14.84
CA PRO B 51 -45.44 33.23 13.91
C PRO B 51 -46.31 32.90 12.70
N PHE B 52 -47.08 33.89 12.26
CA PHE B 52 -47.91 33.78 11.06
C PHE B 52 -47.07 33.69 9.77
N SER B 53 -45.78 34.00 9.89
CA SER B 53 -44.83 34.00 8.77
C SER B 53 -44.16 32.64 8.53
N THR B 54 -44.49 31.66 9.38
CA THR B 54 -43.89 30.33 9.35
C THR B 54 -44.09 29.63 8.00
N LYS B 55 -43.00 29.19 7.40
CA LYS B 55 -43.06 28.52 6.10
C LYS B 55 -42.90 27.01 6.23
N ASN B 56 -42.14 26.57 7.24
CA ASN B 56 -41.84 25.15 7.46
C ASN B 56 -42.20 24.72 8.86
N LEU B 57 -43.18 23.84 8.96
CA LEU B 57 -43.63 23.37 10.25
C LEU B 57 -43.48 21.87 10.36
N ASP B 58 -42.71 21.45 11.35
CA ASP B 58 -42.55 20.05 11.72
C ASP B 58 -43.39 19.77 12.99
N LEU B 59 -44.50 19.09 12.81
CA LEU B 59 -45.36 18.69 13.90
C LEU B 59 -45.38 17.16 14.05
N SER B 60 -44.38 16.49 13.49
CA SER B 60 -44.32 15.01 13.56
C SER B 60 -44.40 14.49 14.99
N PHE B 61 -44.94 13.28 15.16
CA PHE B 61 -44.98 12.55 16.45
C PHE B 61 -45.78 13.27 17.55
N ASN B 62 -46.91 13.85 17.18
CA ASN B 62 -47.83 14.49 18.14
C ASN B 62 -49.21 13.86 18.05
N PRO B 63 -49.86 13.62 19.20
CA PRO B 63 -51.17 12.96 19.18
C PRO B 63 -52.31 13.86 18.69
N LEU B 64 -52.22 14.25 17.41
CA LEU B 64 -53.21 15.16 16.77
C LEU B 64 -54.51 14.45 16.39
N ARG B 65 -54.41 13.15 16.09
CA ARG B 65 -55.54 12.21 15.97
C ARG B 65 -56.62 12.51 14.92
N HIS B 66 -56.86 13.80 14.69
CA HIS B 66 -58.03 14.24 13.96
C HIS B 66 -57.74 15.60 13.43
N LEU B 67 -58.11 15.83 12.18
CA LEU B 67 -57.83 17.09 11.53
C LEU B 67 -59.13 17.61 10.92
N GLY B 68 -59.79 18.52 11.65
CA GLY B 68 -61.03 19.14 11.18
C GLY B 68 -60.73 20.28 10.22
N SER B 69 -61.79 20.85 9.65
CA SER B 69 -61.67 21.94 8.67
C SER B 69 -60.80 23.09 9.18
N TYR B 70 -60.06 23.71 8.25
CA TYR B 70 -59.27 24.91 8.55
C TYR B 70 -58.34 24.72 9.74
N SER B 71 -57.77 23.52 9.86
CA SER B 71 -56.87 23.19 10.96
C SER B 71 -55.60 24.05 10.96
N PHE B 72 -55.20 24.54 9.79
CA PHE B 72 -53.98 25.34 9.68
C PHE B 72 -54.20 26.78 9.25
N PHE B 73 -55.35 27.33 9.63
CA PHE B 73 -55.69 28.73 9.41
C PHE B 73 -54.61 29.69 9.91
N SER B 74 -53.93 29.31 10.99
CA SER B 74 -52.88 30.13 11.61
C SER B 74 -51.62 30.22 10.77
N PHE B 75 -51.54 29.43 9.70
CA PHE B 75 -50.29 29.35 8.95
C PHE B 75 -50.43 29.64 7.44
N PRO B 76 -50.98 30.82 7.08
CA PRO B 76 -51.26 31.08 5.66
C PRO B 76 -50.02 31.02 4.76
N GLU B 77 -48.84 31.13 5.37
CA GLU B 77 -47.58 31.17 4.64
C GLU B 77 -46.93 29.80 4.40
N LEU B 78 -47.49 28.76 5.01
CA LEU B 78 -46.84 27.44 5.04
C LEU B 78 -46.55 26.88 3.67
N GLN B 79 -45.35 26.34 3.54
CA GLN B 79 -44.89 25.71 2.31
C GLN B 79 -44.59 24.24 2.55
N VAL B 80 -43.99 23.96 3.71
CA VAL B 80 -43.65 22.60 4.12
C VAL B 80 -44.32 22.30 5.45
N LEU B 81 -45.07 21.21 5.48
CA LEU B 81 -45.81 20.80 6.66
C LEU B 81 -45.60 19.32 6.91
N ASP B 82 -45.02 19.00 8.05
CA ASP B 82 -44.77 17.61 8.40
C ASP B 82 -45.68 17.14 9.54
N LEU B 83 -46.51 16.14 9.24
CA LEU B 83 -47.42 15.56 10.23
C LEU B 83 -47.18 14.05 10.38
N SER B 84 -45.94 13.62 10.22
CA SER B 84 -45.59 12.21 10.32
C SER B 84 -45.86 11.67 11.71
N ARG B 85 -46.35 10.44 11.76
CA ARG B 85 -46.60 9.72 13.01
C ARG B 85 -47.38 10.56 14.01
N CYS B 86 -48.45 11.19 13.54
CA CYS B 86 -49.31 12.03 14.37
C CYS B 86 -50.63 11.36 14.73
N GLU B 87 -50.70 10.05 14.57
CA GLU B 87 -51.87 9.26 14.98
C GLU B 87 -53.16 9.74 14.28
N ILE B 88 -53.01 10.43 13.15
CA ILE B 88 -54.15 11.04 12.47
C ILE B 88 -55.04 10.01 11.81
N GLN B 89 -56.29 9.98 12.24
CA GLN B 89 -57.22 8.92 11.89
C GLN B 89 -58.26 9.42 10.91
N THR B 90 -58.54 10.71 10.95
CA THR B 90 -59.55 11.32 10.06
C THR B 90 -59.13 12.74 9.67
N ILE B 91 -59.29 13.04 8.39
CA ILE B 91 -59.00 14.36 7.88
C ILE B 91 -60.24 14.85 7.14
N GLU B 92 -60.77 15.98 7.57
CA GLU B 92 -62.04 16.46 7.03
C GLU B 92 -61.89 17.52 5.93
N ASP B 93 -62.99 17.74 5.22
CA ASP B 93 -63.02 18.67 4.09
C ASP B 93 -62.43 20.00 4.53
N GLY B 94 -61.51 20.51 3.73
CA GLY B 94 -60.96 21.83 3.98
C GLY B 94 -59.91 21.89 5.08
N ALA B 95 -59.64 20.75 5.73
CA ALA B 95 -58.60 20.69 6.78
C ALA B 95 -57.36 21.53 6.50
N TYR B 96 -56.96 21.64 5.23
CA TYR B 96 -55.80 22.45 4.83
C TYR B 96 -56.18 23.66 3.99
N GLN B 97 -57.47 23.99 3.98
CA GLN B 97 -58.09 24.99 3.07
C GLN B 97 -57.38 26.34 2.90
N SER B 98 -56.69 26.80 3.94
CA SER B 98 -56.05 28.12 3.92
C SER B 98 -54.63 28.12 3.36
N LEU B 99 -54.11 26.92 3.11
CA LEU B 99 -52.69 26.75 2.76
C LEU B 99 -52.47 26.65 1.25
N SER B 100 -52.73 27.76 0.58
CA SER B 100 -52.61 27.85 -0.88
C SER B 100 -51.15 27.93 -1.33
N HIS B 101 -50.23 28.06 -0.38
CA HIS B 101 -48.79 28.10 -0.65
C HIS B 101 -48.09 26.81 -0.35
N LEU B 102 -48.79 25.85 0.25
CA LEU B 102 -48.13 24.61 0.66
C LEU B 102 -47.68 23.82 -0.56
N SER B 103 -46.37 23.52 -0.60
CA SER B 103 -45.81 22.66 -1.66
C SER B 103 -45.52 21.24 -1.19
N THR B 104 -45.14 21.09 0.07
CA THR B 104 -44.85 19.79 0.65
C THR B 104 -45.77 19.50 1.83
N LEU B 105 -46.42 18.34 1.76
CA LEU B 105 -47.24 17.83 2.84
C LEU B 105 -46.81 16.40 3.12
N ILE B 106 -46.46 16.14 4.37
CA ILE B 106 -45.96 14.85 4.79
C ILE B 106 -46.88 14.20 5.83
N LEU B 107 -47.46 13.06 5.44
CA LEU B 107 -48.46 12.35 6.24
C LEU B 107 -48.02 10.98 6.73
N THR B 108 -46.75 10.64 6.51
CA THR B 108 -46.20 9.32 6.86
C THR B 108 -46.68 8.76 8.18
N GLY B 109 -47.03 7.47 8.16
CA GLY B 109 -47.32 6.72 9.38
C GLY B 109 -48.48 7.23 10.22
N ASN B 110 -49.55 7.65 9.55
CA ASN B 110 -50.79 7.99 10.23
C ASN B 110 -51.83 6.94 9.84
N PRO B 111 -52.46 6.28 10.81
CA PRO B 111 -53.42 5.24 10.46
C PRO B 111 -54.76 5.86 10.05
N ILE B 112 -54.79 6.36 8.81
CA ILE B 112 -55.94 7.12 8.35
C ILE B 112 -57.11 6.19 8.07
N GLN B 113 -58.20 6.41 8.79
CA GLN B 113 -59.40 5.59 8.63
C GLN B 113 -60.42 6.31 7.77
N SER B 114 -60.40 7.63 7.82
CA SER B 114 -61.39 8.44 7.15
C SER B 114 -60.75 9.67 6.57
N LEU B 115 -60.93 9.85 5.28
CA LEU B 115 -60.27 10.90 4.54
C LEU B 115 -61.28 11.60 3.63
N ALA B 116 -61.79 12.73 4.07
CA ALA B 116 -62.90 13.37 3.36
C ALA B 116 -62.54 13.73 1.92
N LEU B 117 -63.55 13.80 1.06
CA LEU B 117 -63.39 14.12 -0.35
C LEU B 117 -62.63 15.41 -0.56
N GLY B 118 -62.88 16.39 0.30
CA GLY B 118 -62.22 17.69 0.20
C GLY B 118 -61.03 17.81 1.15
N ALA B 119 -60.58 16.68 1.68
CA ALA B 119 -59.43 16.64 2.58
C ALA B 119 -58.32 17.60 2.12
N PHE B 120 -58.04 17.60 0.82
CA PHE B 120 -56.92 18.38 0.26
C PHE B 120 -57.31 19.57 -0.61
N SER B 121 -58.57 19.99 -0.56
CA SER B 121 -58.95 21.24 -1.23
C SER B 121 -58.20 22.41 -0.61
N GLY B 122 -57.96 23.44 -1.41
CA GLY B 122 -57.14 24.58 -0.98
C GLY B 122 -55.64 24.39 -1.19
N LEU B 123 -55.20 23.15 -1.36
CA LEU B 123 -53.78 22.90 -1.59
C LEU B 123 -53.40 23.20 -3.04
N SER B 124 -53.54 24.46 -3.43
CA SER B 124 -53.41 24.84 -4.84
C SER B 124 -51.97 24.85 -5.33
N SER B 125 -51.00 24.78 -4.41
CA SER B 125 -49.58 24.77 -4.79
C SER B 125 -48.85 23.46 -4.50
N LEU B 126 -49.59 22.43 -4.11
CA LEU B 126 -48.98 21.21 -3.63
C LEU B 126 -48.18 20.53 -4.73
N GLN B 127 -46.90 20.35 -4.47
CA GLN B 127 -45.95 19.70 -5.38
C GLN B 127 -45.54 18.32 -4.89
N LYS B 128 -45.49 18.15 -3.57
CA LYS B 128 -45.05 16.90 -2.97
C LYS B 128 -46.01 16.41 -1.90
N LEU B 129 -46.54 15.21 -2.10
CA LEU B 129 -47.43 14.61 -1.13
C LEU B 129 -46.87 13.26 -0.69
N VAL B 130 -46.49 13.19 0.57
CA VAL B 130 -45.96 11.96 1.12
C VAL B 130 -47.02 11.31 2.00
N ALA B 131 -47.55 10.19 1.52
CA ALA B 131 -48.59 9.44 2.18
C ALA B 131 -48.09 8.04 2.53
N VAL B 132 -46.79 7.90 2.76
CA VAL B 132 -46.22 6.62 3.14
C VAL B 132 -46.93 6.08 4.37
N GLU B 133 -47.36 4.83 4.31
CA GLU B 133 -47.91 4.14 5.47
C GLU B 133 -49.02 4.95 6.14
N THR B 134 -50.07 5.23 5.37
CA THR B 134 -51.24 5.94 5.83
C THR B 134 -52.45 5.05 5.60
N ASN B 135 -52.23 3.74 5.54
CA ASN B 135 -53.33 2.79 5.40
C ASN B 135 -54.11 2.94 4.09
N LEU B 136 -53.41 3.32 3.03
CA LEU B 136 -54.04 3.52 1.73
C LEU B 136 -54.29 2.17 1.07
N ALA B 137 -55.53 1.93 0.66
CA ALA B 137 -55.90 0.63 0.07
C ALA B 137 -56.06 0.70 -1.44
N SER B 138 -56.34 1.90 -1.94
CA SER B 138 -56.64 2.10 -3.35
C SER B 138 -56.41 3.57 -3.72
N LEU B 139 -55.89 3.80 -4.92
CA LEU B 139 -55.69 5.16 -5.40
C LEU B 139 -57.01 5.74 -5.94
N GLU B 140 -57.94 4.85 -6.31
CA GLU B 140 -59.21 5.24 -6.93
C GLU B 140 -59.94 6.30 -6.12
N ASN B 141 -60.15 6.02 -4.84
CA ASN B 141 -60.90 6.89 -3.96
C ASN B 141 -60.02 7.89 -3.23
N PHE B 142 -58.72 7.89 -3.55
CA PHE B 142 -57.74 8.77 -2.90
C PHE B 142 -57.86 10.19 -3.43
N PRO B 143 -58.46 11.10 -2.64
CA PRO B 143 -58.96 12.40 -3.11
C PRO B 143 -57.89 13.42 -3.49
N ILE B 144 -57.20 13.19 -4.60
CA ILE B 144 -56.11 14.07 -5.02
C ILE B 144 -56.21 14.55 -6.47
N GLY B 145 -57.24 14.07 -7.18
CA GLY B 145 -57.44 14.39 -8.59
C GLY B 145 -57.30 15.85 -8.97
N HIS B 146 -57.61 16.75 -8.05
CA HIS B 146 -57.62 18.18 -8.33
C HIS B 146 -56.27 18.85 -8.15
N LEU B 147 -55.27 18.11 -7.68
CA LEU B 147 -53.96 18.70 -7.41
C LEU B 147 -53.09 18.66 -8.66
N LYS B 148 -53.42 19.50 -9.63
CA LYS B 148 -52.71 19.47 -10.91
C LYS B 148 -51.24 19.85 -10.78
N THR B 149 -50.90 20.58 -9.70
CA THR B 149 -49.51 20.97 -9.44
C THR B 149 -48.60 19.85 -8.86
N LEU B 150 -49.18 18.72 -8.49
CA LEU B 150 -48.42 17.64 -7.87
C LEU B 150 -47.27 17.14 -8.76
N LYS B 151 -46.04 17.27 -8.25
CA LYS B 151 -44.83 16.72 -8.89
C LYS B 151 -44.48 15.34 -8.34
N GLU B 152 -44.65 15.15 -7.03
CA GLU B 152 -44.45 13.82 -6.47
C GLU B 152 -45.43 13.32 -5.45
N LEU B 153 -45.83 12.08 -5.71
CA LEU B 153 -46.75 11.34 -4.91
C LEU B 153 -45.97 10.15 -4.37
N ASN B 154 -45.84 10.08 -3.06
CA ASN B 154 -45.19 8.94 -2.44
C ASN B 154 -46.20 8.20 -1.56
N VAL B 155 -46.57 7.01 -2.00
CA VAL B 155 -47.58 6.21 -1.31
C VAL B 155 -47.04 4.82 -1.07
N ALA B 156 -45.73 4.76 -0.84
CA ALA B 156 -45.04 3.54 -0.43
C ALA B 156 -45.54 3.07 0.92
N HIS B 157 -45.36 1.78 1.18
CA HIS B 157 -45.71 1.18 2.48
C HIS B 157 -47.20 1.31 2.76
N ASN B 158 -48.02 0.97 1.78
CA ASN B 158 -49.46 0.96 1.95
C ASN B 158 -50.05 -0.38 1.49
N LEU B 159 -51.36 -0.41 1.27
CA LEU B 159 -52.01 -1.69 0.97
C LEU B 159 -52.61 -1.74 -0.41
N ILE B 160 -52.01 -1.02 -1.36
CA ILE B 160 -52.52 -0.99 -2.72
C ILE B 160 -52.24 -2.30 -3.44
N GLN B 161 -53.30 -2.91 -3.98
CA GLN B 161 -53.21 -4.18 -4.70
C GLN B 161 -53.26 -4.01 -6.20
N SER B 162 -53.59 -2.81 -6.64
CA SER B 162 -53.92 -2.56 -8.02
C SER B 162 -53.09 -1.43 -8.59
N PHE B 163 -52.45 -1.71 -9.72
CA PHE B 163 -51.71 -0.71 -10.47
C PHE B 163 -52.60 -0.02 -11.50
N LYS B 164 -53.91 -0.30 -11.47
CA LYS B 164 -54.84 0.51 -12.24
C LYS B 164 -54.71 1.97 -11.80
N LEU B 165 -54.13 2.79 -12.66
CA LEU B 165 -54.07 4.22 -12.38
C LEU B 165 -55.45 4.82 -12.63
N PRO B 166 -56.03 5.46 -11.59
CA PRO B 166 -57.35 6.10 -11.72
C PRO B 166 -57.35 7.17 -12.80
N GLU B 167 -58.55 7.48 -13.31
CA GLU B 167 -58.69 8.42 -14.43
C GLU B 167 -58.22 9.84 -14.10
N TYR B 168 -58.28 10.22 -12.83
CA TYR B 168 -57.84 11.56 -12.42
C TYR B 168 -56.33 11.75 -12.59
N PHE B 169 -55.60 10.66 -12.79
CA PHE B 169 -54.19 10.78 -13.12
C PHE B 169 -53.96 11.57 -14.41
N SER B 170 -54.93 11.53 -15.32
CA SER B 170 -54.94 12.34 -16.51
C SER B 170 -54.80 13.82 -16.15
N ASN B 171 -55.26 14.15 -14.95
CA ASN B 171 -55.22 15.49 -14.41
C ASN B 171 -53.86 15.87 -13.81
N LEU B 172 -53.16 14.87 -13.28
CA LEU B 172 -51.89 15.11 -12.62
C LEU B 172 -50.81 15.34 -13.66
N THR B 173 -50.92 16.49 -14.31
CA THR B 173 -50.10 16.87 -15.48
C THR B 173 -48.62 17.11 -15.17
N ASN B 174 -48.28 17.37 -13.90
CA ASN B 174 -46.87 17.64 -13.61
C ASN B 174 -46.16 16.54 -12.82
N LEU B 175 -46.85 15.41 -12.66
CA LEU B 175 -46.35 14.29 -11.88
C LEU B 175 -45.02 13.73 -12.40
N GLU B 176 -43.94 13.95 -11.65
CA GLU B 176 -42.59 13.48 -12.02
C GLU B 176 -42.11 12.26 -11.23
N HIS B 177 -42.71 12.02 -10.07
CA HIS B 177 -42.34 10.87 -9.24
C HIS B 177 -43.52 10.21 -8.59
N LEU B 178 -43.72 8.93 -8.88
CA LEU B 178 -44.75 8.13 -8.24
C LEU B 178 -44.10 6.92 -7.59
N ASP B 179 -44.26 6.80 -6.28
CA ASP B 179 -43.63 5.72 -5.53
C ASP B 179 -44.72 4.79 -5.00
N LEU B 180 -44.72 3.56 -5.51
CA LEU B 180 -45.70 2.55 -5.14
C LEU B 180 -45.01 1.34 -4.52
N SER B 181 -43.77 1.53 -4.10
CA SER B 181 -42.99 0.43 -3.52
C SER B 181 -43.61 0.01 -2.21
N SER B 182 -43.37 -1.24 -1.82
CA SER B 182 -43.89 -1.76 -0.55
C SER B 182 -45.42 -1.64 -0.45
N ASN B 183 -46.08 -2.05 -1.52
CA ASN B 183 -47.53 -2.23 -1.52
C ASN B 183 -47.87 -3.68 -1.79
N LYS B 184 -49.06 -3.95 -2.30
CA LYS B 184 -49.49 -5.33 -2.44
C LYS B 184 -49.86 -5.69 -3.89
N ILE B 185 -49.16 -5.09 -4.85
CA ILE B 185 -49.43 -5.36 -6.26
C ILE B 185 -48.78 -6.67 -6.71
N GLN B 186 -49.60 -7.57 -7.25
CA GLN B 186 -49.14 -8.87 -7.71
C GLN B 186 -49.13 -8.95 -9.22
N SER B 187 -49.93 -8.08 -9.83
CA SER B 187 -50.22 -8.17 -11.26
C SER B 187 -50.37 -6.79 -11.87
N ILE B 188 -49.88 -6.65 -13.09
CA ILE B 188 -50.06 -5.43 -13.85
C ILE B 188 -50.60 -5.79 -15.23
N TYR B 189 -51.76 -5.25 -15.53
CA TYR B 189 -52.44 -5.53 -16.78
C TYR B 189 -52.33 -4.38 -17.78
N CYS B 190 -52.46 -4.68 -19.07
CA CYS B 190 -52.48 -3.61 -20.07
C CYS B 190 -53.47 -2.50 -19.74
N THR B 191 -54.69 -2.86 -19.35
CA THR B 191 -55.75 -1.88 -19.11
C THR B 191 -55.58 -1.15 -17.78
N ASP B 192 -54.57 -1.55 -17.01
CA ASP B 192 -54.19 -0.87 -15.77
C ASP B 192 -53.54 0.48 -16.04
N LEU B 193 -52.86 0.60 -17.18
CA LEU B 193 -52.18 1.84 -17.57
C LEU B 193 -52.93 2.62 -18.65
N ARG B 194 -54.21 2.32 -18.83
CA ARG B 194 -55.06 3.02 -19.79
C ARG B 194 -54.87 4.55 -19.71
N VAL B 195 -54.85 5.10 -18.50
CA VAL B 195 -54.75 6.55 -18.31
C VAL B 195 -53.45 7.16 -18.84
N LEU B 196 -52.35 6.44 -18.70
CA LEU B 196 -51.05 6.99 -19.10
C LEU B 196 -50.91 7.30 -20.59
N HIS B 197 -51.66 6.60 -21.43
CA HIS B 197 -51.57 6.77 -22.89
C HIS B 197 -52.17 8.07 -23.37
N GLN B 198 -52.99 8.69 -22.53
CA GLN B 198 -53.62 9.96 -22.83
C GLN B 198 -52.76 11.15 -22.42
N MET B 199 -51.63 10.86 -21.78
CA MET B 199 -50.93 11.85 -20.96
C MET B 199 -49.71 12.56 -21.56
N PRO B 200 -49.73 13.91 -21.54
CA PRO B 200 -48.69 14.78 -22.11
C PRO B 200 -47.36 14.75 -21.34
N LEU B 201 -47.09 15.78 -20.53
CA LEU B 201 -45.76 16.04 -19.91
C LEU B 201 -45.18 14.83 -19.15
N LEU B 202 -44.28 14.09 -19.79
CA LEU B 202 -43.73 12.87 -19.20
C LEU B 202 -42.26 13.01 -18.81
N ASN B 203 -42.05 13.23 -17.53
CA ASN B 203 -40.78 13.01 -16.87
C ASN B 203 -41.15 12.18 -15.64
N LEU B 204 -41.72 11.01 -15.89
CA LEU B 204 -42.30 10.19 -14.82
C LEU B 204 -41.41 9.06 -14.34
N SER B 205 -41.02 9.14 -13.07
CA SER B 205 -40.27 8.10 -12.38
C SER B 205 -41.22 7.26 -11.55
N LEU B 206 -41.04 5.95 -11.63
CA LEU B 206 -41.94 5.04 -11.02
C LEU B 206 -41.14 4.03 -10.24
N ASP B 207 -41.40 3.95 -8.92
CA ASP B 207 -40.81 2.93 -8.06
C ASP B 207 -41.87 1.89 -7.69
N LEU B 208 -41.54 0.64 -7.97
CA LEU B 208 -42.47 -0.47 -7.79
C LEU B 208 -41.79 -1.55 -7.01
N SER B 209 -40.70 -1.17 -6.34
CA SER B 209 -39.91 -2.10 -5.54
C SER B 209 -40.73 -2.72 -4.43
N LEU B 210 -40.36 -3.95 -4.09
CA LEU B 210 -40.98 -4.66 -2.96
C LEU B 210 -42.50 -4.82 -3.07
N ASN B 211 -43.02 -4.90 -4.30
CA ASN B 211 -44.37 -5.42 -4.51
C ASN B 211 -44.26 -6.89 -4.88
N PRO B 212 -45.10 -7.76 -4.28
CA PRO B 212 -45.02 -9.20 -4.57
C PRO B 212 -45.53 -9.47 -5.99
N MET B 213 -44.70 -9.16 -6.95
CA MET B 213 -45.08 -9.11 -8.34
C MET B 213 -44.99 -10.51 -8.92
N ASN B 214 -46.12 -11.07 -9.33
CA ASN B 214 -46.08 -12.41 -9.92
C ASN B 214 -46.27 -12.39 -11.44
N PHE B 215 -46.86 -11.32 -11.96
CA PHE B 215 -47.19 -11.25 -13.38
C PHE B 215 -47.29 -9.83 -13.89
N ILE B 216 -46.59 -9.55 -14.99
CA ILE B 216 -46.87 -8.34 -15.75
C ILE B 216 -47.24 -8.73 -17.16
N GLN B 217 -48.33 -8.17 -17.63
CA GLN B 217 -48.88 -8.54 -18.92
C GLN B 217 -48.09 -7.99 -20.09
N PRO B 218 -47.62 -8.89 -20.97
CA PRO B 218 -46.96 -8.42 -22.19
C PRO B 218 -47.87 -7.41 -22.87
N GLY B 219 -47.35 -6.21 -23.11
CA GLY B 219 -48.13 -5.17 -23.74
C GLY B 219 -48.43 -4.06 -22.78
N ALA B 220 -48.32 -4.34 -21.49
CA ALA B 220 -48.67 -3.35 -20.47
C ALA B 220 -47.88 -2.05 -20.61
N PHE B 221 -46.62 -2.14 -21.03
CA PHE B 221 -45.79 -0.95 -21.11
C PHE B 221 -45.42 -0.58 -22.55
N LYS B 222 -46.05 -1.24 -23.53
CA LYS B 222 -45.95 -0.83 -24.93
C LYS B 222 -46.24 0.66 -25.07
N GLU B 223 -45.35 1.36 -25.76
CA GLU B 223 -45.48 2.79 -26.01
C GLU B 223 -45.60 3.65 -24.74
N ILE B 224 -45.29 3.08 -23.58
CA ILE B 224 -45.13 3.87 -22.36
C ILE B 224 -43.70 4.47 -22.33
N ARG B 225 -43.59 5.72 -21.90
CA ARG B 225 -42.29 6.34 -21.73
C ARG B 225 -42.10 6.75 -20.28
N LEU B 226 -41.04 6.23 -19.68
CA LEU B 226 -40.72 6.53 -18.29
C LEU B 226 -39.35 7.13 -18.23
N HIS B 227 -39.17 8.09 -17.35
CA HIS B 227 -37.84 8.53 -17.01
C HIS B 227 -37.12 7.44 -16.27
N LYS B 228 -37.73 6.94 -15.19
CA LYS B 228 -37.07 5.97 -14.32
C LYS B 228 -38.05 4.88 -13.85
N LEU B 229 -37.63 3.63 -13.95
CA LEU B 229 -38.39 2.55 -13.35
C LEU B 229 -37.48 1.83 -12.38
N THR B 230 -37.92 1.73 -11.14
CA THR B 230 -37.20 0.94 -10.15
C THR B 230 -38.05 -0.29 -9.82
N LEU B 231 -37.45 -1.46 -10.01
CA LEU B 231 -38.10 -2.73 -9.76
C LEU B 231 -37.17 -3.59 -8.96
N ARG B 232 -36.98 -3.26 -7.68
CA ARG B 232 -36.08 -4.06 -6.90
C ARG B 232 -36.88 -4.95 -5.98
N ASN B 233 -36.49 -6.22 -5.90
CA ASN B 233 -37.02 -7.17 -4.94
C ASN B 233 -38.52 -7.40 -5.14
N ASN B 234 -38.91 -7.52 -6.40
CA ASN B 234 -40.30 -7.74 -6.76
C ASN B 234 -40.64 -9.18 -7.00
N PHE B 235 -39.63 -10.01 -7.15
CA PHE B 235 -39.82 -11.31 -7.75
C PHE B 235 -39.40 -12.48 -6.88
N ASP B 236 -40.36 -13.36 -6.64
CA ASP B 236 -40.15 -14.54 -5.82
C ASP B 236 -39.07 -15.45 -6.41
N SER B 237 -39.12 -15.64 -7.72
CA SER B 237 -38.20 -16.54 -8.41
C SER B 237 -37.75 -15.98 -9.74
N LEU B 238 -36.71 -16.62 -10.27
CA LEU B 238 -36.10 -16.29 -11.54
C LEU B 238 -37.12 -16.35 -12.69
N ASN B 239 -38.00 -17.35 -12.66
CA ASN B 239 -39.03 -17.50 -13.69
C ASN B 239 -40.08 -16.41 -13.62
N VAL B 240 -40.48 -16.07 -12.40
CA VAL B 240 -41.40 -14.98 -12.20
C VAL B 240 -40.71 -13.71 -12.69
N MET B 241 -39.43 -13.54 -12.37
CA MET B 241 -38.68 -12.39 -12.88
C MET B 241 -38.74 -12.33 -14.40
N LYS B 242 -38.30 -13.41 -15.05
CA LYS B 242 -38.32 -13.50 -16.51
C LYS B 242 -39.70 -13.17 -17.07
N THR B 243 -40.75 -13.80 -16.51
CA THR B 243 -42.13 -13.52 -16.90
C THR B 243 -42.42 -12.03 -16.83
N CYS B 244 -42.12 -11.42 -15.69
CA CYS B 244 -42.46 -10.02 -15.52
C CYS B 244 -41.66 -9.06 -16.40
N ILE B 245 -40.42 -9.40 -16.69
CA ILE B 245 -39.63 -8.57 -17.60
C ILE B 245 -40.21 -8.57 -19.03
N GLN B 246 -40.60 -9.74 -19.53
CA GLN B 246 -41.36 -9.84 -20.79
C GLN B 246 -42.55 -8.91 -20.86
N GLY B 247 -43.19 -8.62 -19.72
CA GLY B 247 -44.36 -7.73 -19.67
C GLY B 247 -44.01 -6.26 -19.76
N LEU B 248 -42.71 -5.98 -19.71
CA LEU B 248 -42.16 -4.64 -19.91
C LEU B 248 -41.86 -4.36 -21.39
N ALA B 249 -41.98 -5.38 -22.23
CA ALA B 249 -41.67 -5.27 -23.66
C ALA B 249 -42.18 -3.98 -24.30
N GLY B 250 -41.32 -3.26 -25.01
CA GLY B 250 -41.71 -2.02 -25.68
C GLY B 250 -41.68 -0.78 -24.79
N LEU B 251 -41.35 -0.98 -23.52
CA LEU B 251 -41.19 0.14 -22.59
C LEU B 251 -40.02 1.01 -23.05
N GLU B 252 -40.18 2.32 -22.98
CA GLU B 252 -39.08 3.21 -23.23
C GLU B 252 -38.68 3.84 -21.89
N VAL B 253 -37.51 3.47 -21.37
CA VAL B 253 -37.06 3.99 -20.08
C VAL B 253 -35.70 4.64 -20.16
N HIS B 254 -35.61 5.87 -19.68
CA HIS B 254 -34.32 6.48 -19.57
C HIS B 254 -33.48 5.66 -18.58
N ARG B 255 -34.03 5.40 -17.40
CA ARG B 255 -33.25 4.73 -16.38
C ARG B 255 -34.02 3.58 -15.76
N LEU B 256 -33.46 2.37 -15.89
CA LEU B 256 -33.99 1.14 -15.30
C LEU B 256 -33.08 0.62 -14.20
N VAL B 257 -33.66 0.45 -13.02
CA VAL B 257 -32.96 -0.06 -11.87
C VAL B 257 -33.61 -1.37 -11.45
N LEU B 258 -32.86 -2.45 -11.61
CA LEU B 258 -33.24 -3.76 -11.12
C LEU B 258 -32.41 -4.11 -9.89
N GLY B 259 -32.78 -5.21 -9.23
CA GLY B 259 -31.98 -5.80 -8.20
C GLY B 259 -32.87 -6.18 -7.06
N GLU B 260 -32.30 -6.22 -5.86
CA GLU B 260 -33.05 -6.66 -4.69
C GLU B 260 -32.37 -6.15 -3.42
N PHE B 261 -32.98 -6.42 -2.29
CA PHE B 261 -32.47 -5.92 -1.02
C PHE B 261 -31.80 -7.02 -0.25
N ARG B 262 -30.73 -6.64 0.44
CA ARG B 262 -29.94 -7.55 1.26
C ARG B 262 -30.71 -8.14 2.43
N ASN B 263 -31.68 -7.36 2.96
CA ASN B 263 -32.42 -7.73 4.17
C ASN B 263 -33.84 -8.17 3.79
N GLU B 264 -33.92 -8.87 2.69
CA GLU B 264 -35.20 -9.08 2.04
C GLU B 264 -35.12 -10.44 1.32
N GLY B 265 -36.26 -11.06 1.05
CA GLY B 265 -36.31 -12.31 0.27
C GLY B 265 -35.67 -12.13 -1.10
N ASN B 266 -34.77 -13.03 -1.47
CA ASN B 266 -33.97 -12.87 -2.68
C ASN B 266 -34.05 -14.05 -3.64
N LEU B 267 -33.81 -13.76 -4.91
CA LEU B 267 -33.74 -14.76 -5.97
C LEU B 267 -32.72 -15.85 -5.69
N GLU B 268 -33.09 -17.09 -5.93
CA GLU B 268 -32.22 -18.22 -5.56
C GLU B 268 -31.20 -18.57 -6.61
N LYS B 269 -31.48 -18.19 -7.86
CA LYS B 269 -30.57 -18.41 -8.97
C LYS B 269 -30.66 -17.24 -9.92
N PHE B 270 -29.65 -17.13 -10.79
CA PHE B 270 -29.54 -15.98 -11.69
C PHE B 270 -28.59 -16.28 -12.86
N ASP B 271 -29.15 -16.74 -13.98
CA ASP B 271 -28.34 -17.17 -15.12
C ASP B 271 -28.40 -16.20 -16.31
N LYS B 272 -27.84 -16.61 -17.45
CA LYS B 272 -27.80 -15.80 -18.66
C LYS B 272 -29.18 -15.42 -19.21
N SER B 273 -30.20 -16.21 -18.90
CA SER B 273 -31.54 -15.94 -19.42
C SER B 273 -32.31 -14.90 -18.60
N ALA B 274 -31.76 -14.52 -17.45
CA ALA B 274 -32.47 -13.67 -16.49
C ALA B 274 -32.88 -12.30 -17.02
N LEU B 275 -32.03 -11.72 -17.85
CA LEU B 275 -32.24 -10.38 -18.38
C LEU B 275 -32.54 -10.40 -19.88
N GLU B 276 -32.70 -11.59 -20.45
CA GLU B 276 -32.99 -11.75 -21.87
C GLU B 276 -34.16 -10.89 -22.35
N GLY B 277 -35.10 -10.58 -21.47
CA GLY B 277 -36.27 -9.76 -21.81
C GLY B 277 -35.98 -8.27 -22.00
N LEU B 278 -34.80 -7.85 -21.58
CA LEU B 278 -34.40 -6.44 -21.70
C LEU B 278 -34.17 -6.02 -23.14
N CYS B 279 -33.92 -7.00 -24.01
CA CYS B 279 -33.72 -6.74 -25.46
C CYS B 279 -34.96 -6.11 -26.12
N ASN B 280 -36.08 -6.11 -25.40
CA ASN B 280 -37.36 -5.66 -25.92
C ASN B 280 -37.79 -4.32 -25.35
N LEU B 281 -36.96 -3.71 -24.52
CA LEU B 281 -37.23 -2.34 -24.09
C LEU B 281 -36.15 -1.42 -24.67
N THR B 282 -36.40 -0.12 -24.61
CA THR B 282 -35.38 0.86 -24.91
C THR B 282 -34.96 1.50 -23.59
N ILE B 283 -33.70 1.29 -23.22
CA ILE B 283 -33.15 1.69 -21.95
C ILE B 283 -31.91 2.57 -22.18
N GLU B 284 -31.90 3.79 -21.66
CA GLU B 284 -30.70 4.60 -21.79
C GLU B 284 -29.64 4.29 -20.72
N GLU B 285 -30.09 4.04 -19.50
CA GLU B 285 -29.20 3.83 -18.36
C GLU B 285 -29.70 2.64 -17.60
N PHE B 286 -28.79 1.78 -17.21
CA PHE B 286 -29.17 0.60 -16.46
C PHE B 286 -28.38 0.49 -15.18
N ARG B 287 -29.06 0.11 -14.12
CA ARG B 287 -28.36 -0.27 -12.90
C ARG B 287 -28.92 -1.59 -12.38
N LEU B 288 -28.03 -2.49 -11.98
CA LEU B 288 -28.42 -3.61 -11.14
C LEU B 288 -27.92 -3.31 -9.72
N ALA B 289 -28.86 -3.07 -8.81
CA ALA B 289 -28.52 -2.64 -7.46
C ALA B 289 -28.76 -3.79 -6.47
N TYR B 290 -27.65 -4.37 -6.02
CA TYR B 290 -27.60 -5.56 -5.14
C TYR B 290 -28.19 -6.80 -5.77
N LEU B 291 -27.41 -7.88 -5.73
CA LEU B 291 -27.83 -9.22 -6.12
C LEU B 291 -27.27 -10.15 -5.07
N ASP B 292 -28.12 -10.98 -4.51
CA ASP B 292 -27.71 -11.96 -3.51
C ASP B 292 -26.83 -13.05 -4.15
N TYR B 293 -27.26 -13.56 -5.30
CA TYR B 293 -26.62 -14.66 -5.99
C TYR B 293 -25.20 -14.30 -6.46
N TYR B 294 -24.22 -15.11 -6.06
CA TYR B 294 -22.84 -15.01 -6.54
C TYR B 294 -22.80 -15.37 -8.01
N LEU B 295 -22.36 -14.45 -8.85
CA LEU B 295 -22.16 -14.74 -10.28
C LEU B 295 -20.78 -15.33 -10.53
N ASP B 296 -20.73 -16.52 -11.11
CA ASP B 296 -19.47 -17.13 -11.52
C ASP B 296 -18.78 -16.21 -12.53
N GLY B 297 -19.53 -15.81 -13.55
CA GLY B 297 -19.07 -14.86 -14.57
C GLY B 297 -20.26 -14.30 -15.32
N ILE B 298 -20.02 -13.32 -16.18
CA ILE B 298 -21.08 -12.55 -16.83
C ILE B 298 -21.27 -12.82 -18.32
N ILE B 299 -20.63 -13.88 -18.81
CA ILE B 299 -20.82 -14.35 -20.19
C ILE B 299 -22.31 -14.31 -20.50
N ASP B 300 -22.70 -13.47 -21.46
CA ASP B 300 -24.08 -13.43 -22.00
C ASP B 300 -25.13 -12.80 -21.08
N LEU B 301 -24.76 -12.52 -19.83
CA LEU B 301 -25.70 -12.00 -18.87
C LEU B 301 -26.29 -10.65 -19.31
N PHE B 302 -25.43 -9.77 -19.79
CA PHE B 302 -25.83 -8.40 -20.05
C PHE B 302 -25.86 -8.10 -21.55
N ASN B 303 -26.19 -9.11 -22.33
CA ASN B 303 -26.17 -8.99 -23.78
C ASN B 303 -27.17 -7.98 -24.33
N CYS B 304 -28.31 -7.86 -23.66
CA CYS B 304 -29.34 -6.89 -24.03
C CYS B 304 -28.98 -5.46 -23.65
N LEU B 305 -27.93 -5.29 -22.85
CA LEU B 305 -27.51 -3.97 -22.40
C LEU B 305 -26.17 -3.51 -22.98
N THR B 306 -25.71 -4.14 -24.07
CA THR B 306 -24.40 -3.80 -24.64
C THR B 306 -24.31 -2.36 -25.12
N ASN B 307 -25.44 -1.75 -25.44
CA ASN B 307 -25.40 -0.41 -26.01
C ASN B 307 -26.14 0.64 -25.18
N VAL B 308 -26.48 0.26 -23.97
CA VAL B 308 -27.06 1.17 -23.03
C VAL B 308 -25.95 2.20 -22.81
N SER B 309 -26.29 3.48 -22.66
CA SER B 309 -25.22 4.45 -22.60
C SER B 309 -24.57 4.48 -21.21
N SER B 310 -25.33 4.08 -20.21
CA SER B 310 -24.82 4.03 -18.85
C SER B 310 -25.18 2.70 -18.21
N PHE B 311 -24.17 2.03 -17.69
CA PHE B 311 -24.32 0.70 -17.15
C PHE B 311 -23.70 0.69 -15.77
N SER B 312 -24.47 0.23 -14.80
CA SER B 312 -24.06 0.31 -13.41
C SER B 312 -24.34 -0.99 -12.67
N LEU B 313 -23.34 -1.48 -11.95
CA LEU B 313 -23.55 -2.57 -11.01
C LEU B 313 -23.18 -2.10 -9.63
N VAL B 314 -24.09 -2.33 -8.69
CA VAL B 314 -23.76 -2.05 -7.31
C VAL B 314 -24.02 -3.25 -6.41
N SER B 315 -23.01 -3.59 -5.62
CA SER B 315 -23.09 -4.66 -4.62
C SER B 315 -23.37 -6.00 -5.24
N VAL B 316 -22.74 -6.29 -6.38
CA VAL B 316 -22.88 -7.61 -6.94
C VAL B 316 -21.54 -8.31 -6.88
N THR B 317 -21.56 -9.63 -6.84
CA THR B 317 -20.36 -10.43 -6.76
C THR B 317 -20.11 -11.16 -8.07
N ILE B 318 -18.88 -11.08 -8.57
CA ILE B 318 -18.51 -11.70 -9.82
C ILE B 318 -17.11 -12.26 -9.67
N GLU B 319 -16.98 -13.59 -9.76
CA GLU B 319 -15.66 -14.24 -9.63
C GLU B 319 -14.79 -13.97 -10.86
N ARG B 320 -15.22 -14.47 -12.01
CA ARG B 320 -14.47 -14.33 -13.26
C ARG B 320 -14.87 -13.04 -13.99
N VAL B 321 -13.98 -12.05 -13.91
CA VAL B 321 -14.24 -10.74 -14.48
C VAL B 321 -13.55 -10.61 -15.83
N LYS B 322 -13.09 -11.75 -16.34
CA LYS B 322 -12.45 -11.89 -17.64
C LYS B 322 -13.42 -11.44 -18.72
N ASP B 323 -14.70 -11.73 -18.51
CA ASP B 323 -15.75 -11.45 -19.48
C ASP B 323 -16.14 -9.97 -19.61
N PHE B 324 -15.61 -9.12 -18.73
CA PHE B 324 -15.69 -7.68 -18.94
C PHE B 324 -14.82 -7.15 -20.08
N SER B 325 -14.03 -8.02 -20.70
CA SER B 325 -13.18 -7.57 -21.81
C SER B 325 -13.98 -7.41 -23.12
N TYR B 326 -15.27 -7.77 -23.07
CA TYR B 326 -16.16 -7.64 -24.20
C TYR B 326 -16.35 -6.17 -24.57
N ASN B 327 -16.45 -5.87 -25.86
CA ASN B 327 -16.61 -4.48 -26.29
C ASN B 327 -18.05 -4.00 -26.29
N PHE B 328 -18.62 -3.89 -25.09
CA PHE B 328 -19.88 -3.19 -24.88
C PHE B 328 -19.71 -1.74 -25.34
N GLY B 329 -20.81 -1.11 -25.76
CA GLY B 329 -20.82 0.29 -26.23
C GLY B 329 -21.19 1.32 -25.17
N TRP B 330 -21.12 0.91 -23.91
CA TRP B 330 -21.37 1.83 -22.79
C TRP B 330 -20.55 3.07 -22.85
N GLN B 331 -21.16 4.22 -22.55
CA GLN B 331 -20.44 5.48 -22.41
C GLN B 331 -20.06 5.77 -20.95
N HIS B 332 -20.85 5.23 -20.05
CA HIS B 332 -20.66 5.38 -18.63
C HIS B 332 -20.77 4.02 -18.01
N LEU B 333 -19.74 3.62 -17.27
CA LEU B 333 -19.74 2.37 -16.56
C LEU B 333 -19.47 2.63 -15.09
N GLU B 334 -20.32 2.06 -14.25
CA GLU B 334 -20.21 2.26 -12.83
C GLU B 334 -20.21 0.91 -12.15
N LEU B 335 -19.18 0.66 -11.38
CA LEU B 335 -19.08 -0.59 -10.65
C LEU B 335 -18.74 -0.19 -9.25
N VAL B 336 -19.71 -0.33 -8.35
CA VAL B 336 -19.48 0.12 -6.99
C VAL B 336 -19.92 -0.88 -5.93
N ASN B 337 -19.08 -0.98 -4.90
CA ASN B 337 -19.29 -1.89 -3.78
C ASN B 337 -19.48 -3.33 -4.24
N CYS B 338 -18.77 -3.69 -5.29
CA CYS B 338 -18.82 -5.03 -5.83
C CYS B 338 -17.65 -5.84 -5.30
N LYS B 339 -17.73 -7.16 -5.45
CA LYS B 339 -16.63 -8.06 -5.15
C LYS B 339 -16.23 -8.81 -6.41
N PHE B 340 -15.00 -8.54 -6.87
CA PHE B 340 -14.48 -9.15 -8.07
C PHE B 340 -13.30 -10.04 -7.70
N GLY B 341 -13.22 -11.21 -8.34
CA GLY B 341 -12.09 -12.10 -8.15
C GLY B 341 -10.81 -11.39 -8.50
N GLN B 342 -10.86 -10.59 -9.56
CA GLN B 342 -9.69 -9.92 -10.12
C GLN B 342 -10.12 -8.51 -10.55
N PHE B 343 -9.17 -7.61 -10.79
CA PHE B 343 -9.51 -6.36 -11.45
C PHE B 343 -10.03 -6.64 -12.86
N PRO B 344 -11.21 -6.12 -13.22
CA PRO B 344 -11.73 -6.38 -14.56
C PRO B 344 -10.82 -5.89 -15.66
N THR B 345 -10.70 -6.66 -16.74
CA THR B 345 -10.03 -6.18 -17.92
C THR B 345 -11.07 -5.46 -18.77
N LEU B 346 -10.83 -4.18 -19.02
CA LEU B 346 -11.80 -3.36 -19.72
C LEU B 346 -11.29 -2.86 -21.05
N LYS B 347 -12.04 -3.18 -22.09
CA LYS B 347 -11.78 -2.71 -23.43
C LYS B 347 -13.11 -2.23 -23.97
N LEU B 348 -13.32 -0.93 -23.89
CA LEU B 348 -14.59 -0.35 -24.21
C LEU B 348 -14.31 0.84 -25.09
N LYS B 349 -14.71 0.78 -26.36
CA LYS B 349 -14.31 1.81 -27.31
C LYS B 349 -14.92 3.15 -26.98
N SER B 350 -16.14 3.15 -26.46
CA SER B 350 -16.92 4.38 -26.34
C SER B 350 -16.99 4.92 -24.91
N LEU B 351 -16.38 4.24 -23.96
CA LEU B 351 -16.49 4.61 -22.55
C LEU B 351 -15.83 5.96 -22.24
N LYS B 352 -16.63 6.91 -21.77
CA LYS B 352 -16.18 8.26 -21.46
C LYS B 352 -15.87 8.45 -19.97
N ARG B 353 -16.59 7.71 -19.13
CA ARG B 353 -16.61 7.90 -17.70
C ARG B 353 -16.63 6.52 -17.08
N LEU B 354 -15.63 6.28 -16.23
CA LEU B 354 -15.60 5.06 -15.46
C LEU B 354 -15.59 5.40 -13.98
N THR B 355 -16.58 4.87 -13.27
CA THR B 355 -16.58 4.85 -11.81
C THR B 355 -16.41 3.40 -11.35
N PHE B 356 -15.24 3.12 -10.77
CA PHE B 356 -14.94 1.81 -10.18
C PHE B 356 -14.50 2.12 -8.75
N THR B 357 -15.43 2.07 -7.80
CA THR B 357 -15.16 2.50 -6.41
C THR B 357 -15.80 1.61 -5.37
N SER B 358 -15.15 1.57 -4.20
CA SER B 358 -15.59 0.79 -3.01
C SER B 358 -15.73 -0.69 -3.25
N ASN B 359 -14.97 -1.21 -4.19
CA ASN B 359 -15.02 -2.60 -4.53
C ASN B 359 -14.05 -3.41 -3.68
N LYS B 360 -14.27 -4.72 -3.60
CA LYS B 360 -13.36 -5.59 -2.85
C LYS B 360 -12.89 -6.79 -3.68
N GLY B 361 -11.93 -7.54 -3.12
CA GLY B 361 -11.46 -8.81 -3.68
C GLY B 361 -10.14 -8.68 -4.41
N GLY B 362 -10.10 -9.18 -5.65
CA GLY B 362 -9.04 -8.90 -6.62
C GLY B 362 -8.93 -7.39 -6.82
N ASN B 363 -7.69 -6.91 -6.81
CA ASN B 363 -7.41 -5.53 -6.43
C ASN B 363 -6.02 -5.05 -6.86
N ALA B 364 -5.32 -5.82 -7.68
CA ALA B 364 -4.20 -5.28 -8.43
C ALA B 364 -4.80 -4.68 -9.68
N PHE B 365 -4.53 -3.40 -9.93
CA PHE B 365 -4.97 -2.77 -11.16
C PHE B 365 -4.20 -3.37 -12.33
N SER B 366 -4.88 -3.62 -13.46
CA SER B 366 -4.18 -4.01 -14.68
C SER B 366 -4.68 -3.16 -15.84
N GLU B 367 -3.82 -2.94 -16.82
CA GLU B 367 -4.11 -1.98 -17.89
C GLU B 367 -5.49 -2.17 -18.51
N VAL B 368 -6.17 -1.06 -18.73
CA VAL B 368 -7.44 -1.04 -19.44
C VAL B 368 -7.24 -0.30 -20.78
N ASP B 369 -8.12 -0.56 -21.74
CA ASP B 369 -8.05 0.07 -23.06
C ASP B 369 -9.30 0.89 -23.31
N LEU B 370 -9.24 2.18 -22.99
CA LEU B 370 -10.44 3.06 -22.96
C LEU B 370 -10.21 4.38 -23.71
N PRO B 371 -10.14 4.32 -25.08
CA PRO B 371 -9.73 5.49 -25.89
C PRO B 371 -10.62 6.71 -25.81
N SER B 372 -11.86 6.54 -25.37
CA SER B 372 -12.79 7.65 -25.23
C SER B 372 -12.83 8.22 -23.81
N LEU B 373 -12.08 7.63 -22.91
CA LEU B 373 -12.20 7.95 -21.49
C LEU B 373 -11.68 9.34 -21.15
N GLU B 374 -12.53 10.10 -20.46
CA GLU B 374 -12.23 11.45 -19.97
C GLU B 374 -12.28 11.55 -18.45
N PHE B 375 -13.06 10.68 -17.82
CA PHE B 375 -13.29 10.73 -16.38
C PHE B 375 -13.02 9.35 -15.80
N LEU B 376 -12.05 9.29 -14.89
CA LEU B 376 -11.65 8.03 -14.28
C LEU B 376 -11.65 8.11 -12.76
N ASP B 377 -12.58 7.38 -12.15
CA ASP B 377 -12.65 7.32 -10.71
C ASP B 377 -12.39 5.90 -10.28
N LEU B 378 -11.21 5.73 -9.69
CA LEU B 378 -10.71 4.42 -9.29
C LEU B 378 -10.48 4.36 -7.78
N SER B 379 -11.21 5.20 -7.04
CA SER B 379 -10.94 5.40 -5.64
C SER B 379 -11.54 4.30 -4.75
N ARG B 380 -10.98 4.19 -3.54
CA ARG B 380 -11.58 3.39 -2.46
C ARG B 380 -11.68 1.90 -2.75
N ASN B 381 -10.72 1.37 -3.49
CA ASN B 381 -10.73 -0.06 -3.79
C ASN B 381 -9.65 -0.85 -3.06
N GLY B 382 -8.78 -0.15 -2.34
CA GLY B 382 -7.55 -0.76 -1.80
C GLY B 382 -6.69 -1.29 -2.93
N LEU B 383 -6.80 -0.70 -4.12
CA LEU B 383 -6.07 -1.15 -5.32
C LEU B 383 -4.56 -0.95 -5.22
N SER B 384 -3.82 -1.94 -5.70
CA SER B 384 -2.42 -1.77 -6.00
C SER B 384 -2.26 -1.37 -7.46
N PHE B 385 -1.23 -0.57 -7.72
CA PHE B 385 -1.00 -0.06 -9.04
C PHE B 385 0.49 -0.12 -9.30
N LYS B 386 0.89 -1.20 -9.98
CA LYS B 386 2.29 -1.58 -10.11
C LYS B 386 3.14 -0.55 -10.84
N GLY B 387 2.55 0.20 -11.78
CA GLY B 387 3.35 1.24 -12.40
C GLY B 387 2.56 2.34 -13.06
N CYS B 388 2.44 3.45 -12.34
CA CYS B 388 1.62 4.59 -12.71
C CYS B 388 2.43 5.81 -13.15
N CYS B 389 1.89 6.69 -14.00
CA CYS B 389 0.73 6.46 -14.86
C CYS B 389 1.04 7.07 -16.23
N SER B 390 0.30 6.63 -17.25
CA SER B 390 0.50 7.03 -18.64
C SER B 390 -0.63 6.47 -19.49
N GLN B 391 -0.70 6.91 -20.75
CA GLN B 391 -1.76 6.51 -21.68
C GLN B 391 -1.85 5.00 -21.79
N SER B 392 -0.74 4.31 -21.65
CA SER B 392 -0.75 2.89 -21.86
C SER B 392 -1.41 2.12 -20.72
N ASP B 393 -1.59 2.74 -19.55
CA ASP B 393 -2.34 2.12 -18.47
C ASP B 393 -3.84 2.20 -18.69
N PHE B 394 -4.28 3.17 -19.48
CA PHE B 394 -5.69 3.49 -19.59
C PHE B 394 -6.20 3.40 -21.02
N GLY B 395 -5.31 3.61 -21.99
CA GLY B 395 -5.62 3.49 -23.40
C GLY B 395 -6.23 4.76 -23.95
N THR B 396 -6.10 5.85 -23.22
CA THR B 396 -6.68 7.11 -23.60
C THR B 396 -5.67 8.24 -23.51
N ILE B 397 -5.82 9.24 -24.36
CA ILE B 397 -5.05 10.47 -24.26
C ILE B 397 -5.94 11.63 -23.81
N SER B 398 -7.22 11.35 -23.58
CA SER B 398 -8.22 12.38 -23.31
C SER B 398 -8.60 12.60 -21.84
N LEU B 399 -7.96 11.87 -20.93
CA LEU B 399 -8.31 11.93 -19.49
C LEU B 399 -8.23 13.32 -18.91
N LYS B 400 -9.30 13.78 -18.28
CA LYS B 400 -9.30 15.10 -17.62
C LYS B 400 -9.29 14.96 -16.11
N TYR B 401 -9.67 13.77 -15.65
CA TYR B 401 -9.98 13.58 -14.26
C TYR B 401 -9.61 12.18 -13.90
N LEU B 402 -8.72 12.08 -12.90
CA LEU B 402 -8.25 10.82 -12.42
C LEU B 402 -8.33 10.80 -10.88
N ASP B 403 -9.19 9.94 -10.35
CA ASP B 403 -9.23 9.72 -8.90
C ASP B 403 -8.70 8.34 -8.53
N LEU B 404 -7.55 8.34 -7.87
CA LEU B 404 -6.89 7.11 -7.46
C LEU B 404 -6.66 7.07 -5.95
N SER B 405 -7.49 7.82 -5.22
CA SER B 405 -7.38 7.92 -3.77
C SER B 405 -7.95 6.68 -3.05
N PHE B 406 -7.58 6.55 -1.77
CA PHE B 406 -8.02 5.45 -0.88
C PHE B 406 -7.76 4.08 -1.46
N ASN B 407 -6.56 3.92 -2.00
CA ASN B 407 -6.12 2.65 -2.53
C ASN B 407 -4.85 2.18 -1.82
N GLY B 408 -4.19 1.17 -2.40
CA GLY B 408 -3.00 0.57 -1.82
C GLY B 408 -1.79 1.33 -2.32
N VAL B 409 -0.72 0.60 -2.55
CA VAL B 409 0.54 1.13 -3.02
C VAL B 409 0.45 1.44 -4.51
N ILE B 410 0.82 2.66 -4.87
CA ILE B 410 0.85 3.12 -6.24
C ILE B 410 2.30 3.50 -6.49
N THR B 411 2.97 2.73 -7.33
CA THR B 411 4.36 2.94 -7.65
C THR B 411 4.41 3.83 -8.87
N MET B 412 5.08 4.97 -8.76
CA MET B 412 5.15 5.89 -9.88
C MET B 412 6.31 5.52 -10.78
N SER B 413 6.01 5.14 -12.03
CA SER B 413 7.08 4.80 -12.97
C SER B 413 7.01 5.61 -14.26
N SER B 414 5.97 6.43 -14.39
CA SER B 414 5.80 7.22 -15.60
C SER B 414 5.15 8.56 -15.23
N ASN B 415 5.67 9.64 -15.81
CA ASN B 415 5.12 10.95 -15.48
C ASN B 415 4.02 11.41 -16.40
N PHE B 416 2.99 10.58 -16.51
CA PHE B 416 1.76 10.96 -17.19
C PHE B 416 1.90 11.26 -18.68
N LEU B 417 2.80 10.55 -19.35
CA LEU B 417 2.87 10.62 -20.80
C LEU B 417 1.54 10.24 -21.41
N GLY B 418 1.04 11.08 -22.30
CA GLY B 418 -0.19 10.80 -23.00
C GLY B 418 -1.39 11.29 -22.23
N LEU B 419 -1.18 11.67 -20.97
CA LEU B 419 -2.25 12.17 -20.11
C LEU B 419 -2.17 13.67 -19.87
N GLU B 420 -1.59 14.38 -20.84
CA GLU B 420 -1.30 15.81 -20.72
C GLU B 420 -2.52 16.69 -20.46
N GLN B 421 -3.71 16.14 -20.70
CA GLN B 421 -4.95 16.88 -20.52
C GLN B 421 -5.54 16.80 -19.12
N LEU B 422 -4.90 16.03 -18.24
CA LEU B 422 -5.39 15.87 -16.87
C LEU B 422 -5.55 17.22 -16.19
N GLU B 423 -6.71 17.43 -15.57
CA GLU B 423 -6.98 18.66 -14.82
C GLU B 423 -7.17 18.41 -13.34
N HIS B 424 -7.46 17.15 -13.00
CA HIS B 424 -7.79 16.78 -11.64
C HIS B 424 -7.16 15.46 -11.34
N LEU B 425 -6.30 15.44 -10.32
CA LEU B 425 -5.62 14.24 -9.91
C LEU B 425 -5.63 14.09 -8.39
N ASP B 426 -6.14 12.95 -7.93
CA ASP B 426 -6.33 12.70 -6.53
C ASP B 426 -5.74 11.37 -6.18
N PHE B 427 -4.76 11.38 -5.27
CA PHE B 427 -4.07 10.18 -4.81
C PHE B 427 -4.26 10.02 -3.28
N GLN B 428 -5.04 10.90 -2.70
CA GLN B 428 -5.28 10.97 -1.26
C GLN B 428 -5.33 9.62 -0.51
N HIS B 429 -4.53 9.47 0.54
CA HIS B 429 -4.52 8.23 1.32
C HIS B 429 -4.11 6.97 0.59
N SER B 430 -3.60 7.10 -0.64
CA SER B 430 -2.97 5.97 -1.31
C SER B 430 -1.49 6.01 -1.00
N ASN B 431 -0.85 4.86 -0.87
CA ASN B 431 0.55 4.85 -0.54
C ASN B 431 1.37 5.06 -1.82
N LEU B 432 1.77 6.29 -2.08
CA LEU B 432 2.58 6.58 -3.25
C LEU B 432 4.00 6.19 -3.03
N LYS B 433 4.63 5.69 -4.07
CA LYS B 433 6.04 5.38 -3.98
C LYS B 433 6.80 5.98 -5.14
N GLN B 434 8.10 6.21 -4.91
CA GLN B 434 9.03 6.70 -5.94
C GLN B 434 8.76 8.14 -6.34
N MET B 435 8.05 8.86 -5.48
CA MET B 435 7.67 10.26 -5.72
C MET B 435 8.83 11.21 -5.88
N SER B 436 9.96 10.90 -5.26
CA SER B 436 11.15 11.75 -5.35
C SER B 436 12.22 11.20 -6.30
N GLU B 437 11.86 10.23 -7.11
CA GLU B 437 12.85 9.59 -7.96
C GLU B 437 12.94 10.22 -9.35
N PHE B 438 11.99 11.11 -9.62
CA PHE B 438 11.94 11.88 -10.87
C PHE B 438 10.76 12.83 -10.75
N SER B 439 10.57 13.68 -11.77
CA SER B 439 9.45 14.62 -11.77
C SER B 439 8.22 13.89 -12.21
N VAL B 440 7.55 13.25 -11.26
CA VAL B 440 6.48 12.31 -11.57
C VAL B 440 5.25 13.00 -12.16
N PHE B 441 5.21 14.33 -12.05
CA PHE B 441 4.08 15.09 -12.59
C PHE B 441 4.45 15.93 -13.81
N LEU B 442 5.63 15.69 -14.38
CA LEU B 442 6.17 16.57 -15.45
C LEU B 442 5.23 16.85 -16.62
N SER B 443 4.50 15.85 -17.10
CA SER B 443 3.63 16.04 -18.27
C SER B 443 2.40 16.90 -17.99
N LEU B 444 2.09 17.13 -16.72
CA LEU B 444 0.80 17.66 -16.31
C LEU B 444 0.66 19.19 -16.37
N ARG B 445 0.88 19.75 -17.55
CA ARG B 445 0.91 21.19 -17.72
C ARG B 445 -0.47 21.84 -17.53
N ASN B 446 -1.52 21.01 -17.56
CA ASN B 446 -2.90 21.48 -17.39
C ASN B 446 -3.52 21.09 -16.07
N LEU B 447 -2.79 20.38 -15.22
CA LEU B 447 -3.36 19.96 -13.95
C LEU B 447 -3.74 21.17 -13.13
N ILE B 448 -4.97 21.16 -12.62
CA ILE B 448 -5.50 22.27 -11.86
C ILE B 448 -5.54 21.92 -10.38
N TYR B 449 -5.78 20.65 -10.09
CA TYR B 449 -6.02 20.16 -8.74
C TYR B 449 -5.19 18.88 -8.53
N LEU B 450 -4.39 18.86 -7.49
CA LEU B 450 -3.63 17.67 -7.09
C LEU B 450 -3.74 17.44 -5.61
N ASP B 451 -4.18 16.25 -5.23
CA ASP B 451 -4.14 15.84 -3.83
C ASP B 451 -3.24 14.60 -3.65
N ILE B 452 -2.11 14.81 -3.01
CA ILE B 452 -1.25 13.71 -2.62
C ILE B 452 -1.16 13.65 -1.10
N SER B 453 -2.22 14.09 -0.42
CA SER B 453 -2.31 14.03 1.03
C SER B 453 -2.26 12.60 1.55
N HIS B 454 -1.55 12.43 2.65
CA HIS B 454 -1.40 11.14 3.34
C HIS B 454 -1.03 10.06 2.38
N THR B 455 0.00 10.32 1.58
CA THR B 455 0.49 9.32 0.63
C THR B 455 1.83 8.75 1.04
N HIS B 456 2.28 9.15 2.23
CA HIS B 456 3.60 8.78 2.76
C HIS B 456 4.69 9.17 1.81
N THR B 457 4.52 10.33 1.21
CA THR B 457 5.55 10.89 0.36
C THR B 457 6.58 11.58 1.25
N ARG B 458 7.81 11.18 1.05
CA ARG B 458 8.91 11.77 1.76
C ARG B 458 9.62 12.58 0.67
N VAL B 459 9.39 13.89 0.66
CA VAL B 459 9.94 14.79 -0.35
C VAL B 459 11.45 14.88 -0.19
N ALA B 460 12.17 14.44 -1.23
CA ALA B 460 13.62 14.48 -1.22
C ALA B 460 14.15 14.89 -2.59
N PHE B 461 13.36 15.67 -3.32
CA PHE B 461 13.71 16.10 -4.67
C PHE B 461 12.98 17.39 -4.98
N ASN B 462 13.73 18.43 -5.29
CA ASN B 462 13.17 19.75 -5.49
C ASN B 462 12.41 19.88 -6.80
N GLY B 463 12.55 18.89 -7.67
CA GLY B 463 11.83 18.89 -8.94
C GLY B 463 10.54 18.11 -8.86
N ILE B 464 10.13 17.72 -7.67
CA ILE B 464 8.92 16.93 -7.50
C ILE B 464 7.67 17.54 -8.15
N PHE B 465 7.57 18.87 -8.16
CA PHE B 465 6.41 19.51 -8.77
C PHE B 465 6.67 20.20 -10.08
N ASN B 466 7.81 19.90 -10.69
CA ASN B 466 8.11 20.43 -12.00
C ASN B 466 7.01 20.00 -12.98
N GLY B 467 6.59 20.96 -13.78
CA GLY B 467 5.59 20.72 -14.83
C GLY B 467 4.22 21.26 -14.47
N LEU B 468 3.99 21.58 -13.20
CA LEU B 468 2.62 21.89 -12.74
C LEU B 468 2.24 23.38 -12.78
N SER B 469 2.43 24.00 -13.94
CA SER B 469 2.25 25.46 -14.08
C SER B 469 0.79 25.95 -14.02
N SER B 470 -0.16 25.06 -14.26
CA SER B 470 -1.56 25.42 -14.14
C SER B 470 -2.14 25.09 -12.77
N LEU B 471 -1.34 24.45 -11.90
CA LEU B 471 -1.84 24.02 -10.60
C LEU B 471 -2.38 25.16 -9.78
N GLU B 472 -3.58 24.94 -9.25
CA GLU B 472 -4.27 25.91 -8.42
C GLU B 472 -4.42 25.39 -6.99
N VAL B 473 -4.68 24.09 -6.84
CA VAL B 473 -4.92 23.49 -5.56
C VAL B 473 -3.91 22.37 -5.35
N LEU B 474 -3.14 22.47 -4.28
CA LEU B 474 -2.18 21.43 -3.93
C LEU B 474 -2.35 20.99 -2.48
N LYS B 475 -2.94 19.81 -2.31
CA LYS B 475 -3.07 19.21 -1.00
C LYS B 475 -1.98 18.17 -0.85
N MET B 476 -1.15 18.31 0.18
CA MET B 476 -0.13 17.33 0.45
C MET B 476 0.08 17.16 1.95
N ALA B 477 -1.02 17.22 2.70
CA ALA B 477 -0.99 17.08 4.16
C ALA B 477 -0.48 15.70 4.52
N GLY B 478 0.20 15.58 5.65
CA GLY B 478 0.54 14.26 6.21
C GLY B 478 1.67 13.54 5.54
N ASN B 479 2.50 14.27 4.83
CA ASN B 479 3.72 13.71 4.28
C ASN B 479 4.89 14.23 5.09
N SER B 480 6.09 14.18 4.56
CA SER B 480 7.22 14.71 5.28
C SER B 480 8.28 15.13 4.30
N PHE B 481 9.32 15.79 4.83
CA PHE B 481 10.34 16.42 4.03
C PHE B 481 11.68 16.06 4.60
N GLN B 482 12.66 15.93 3.72
CA GLN B 482 14.02 15.71 4.13
C GLN B 482 14.37 16.77 5.17
N GLU B 483 14.91 16.33 6.30
CA GLU B 483 15.38 17.25 7.36
C GLU B 483 14.25 18.06 8.00
N ASN B 484 13.02 17.60 7.83
CA ASN B 484 11.82 18.37 8.22
C ASN B 484 11.84 19.83 7.80
N PHE B 485 12.46 20.08 6.64
CA PHE B 485 12.68 21.43 6.11
C PHE B 485 11.91 21.64 4.81
N LEU B 486 11.19 22.75 4.70
CA LEU B 486 10.47 23.03 3.48
C LEU B 486 11.37 23.74 2.48
N PRO B 487 11.77 23.03 1.40
CA PRO B 487 12.65 23.64 0.40
C PRO B 487 11.82 24.34 -0.66
N ASP B 488 12.51 25.01 -1.60
CA ASP B 488 11.87 25.76 -2.69
C ASP B 488 11.41 24.87 -3.81
N ILE B 489 10.32 24.16 -3.58
CA ILE B 489 9.79 23.21 -4.54
C ILE B 489 8.54 23.77 -5.23
N PHE B 490 8.22 25.04 -5.00
CA PHE B 490 6.96 25.64 -5.48
C PHE B 490 7.11 26.78 -6.45
N THR B 491 8.34 27.14 -6.82
CA THR B 491 8.57 28.40 -7.50
C THR B 491 7.87 28.48 -8.88
N GLU B 492 7.58 27.31 -9.44
CA GLU B 492 7.01 27.17 -10.76
C GLU B 492 5.48 27.15 -10.66
N LEU B 493 4.97 27.03 -9.45
CA LEU B 493 3.53 26.92 -9.23
C LEU B 493 2.80 28.27 -9.08
N ARG B 494 3.00 29.17 -10.05
CA ARG B 494 2.49 30.54 -9.97
C ARG B 494 0.98 30.65 -9.76
N ASN B 495 0.20 29.71 -10.28
CA ASN B 495 -1.27 29.82 -10.21
C ASN B 495 -1.90 29.21 -8.97
N LEU B 496 -1.06 28.79 -8.02
CA LEU B 496 -1.55 28.19 -6.79
C LEU B 496 -2.47 29.11 -5.99
N THR B 497 -3.64 28.61 -5.61
CA THR B 497 -4.57 29.34 -4.73
C THR B 497 -4.79 28.66 -3.37
N PHE B 498 -4.56 27.34 -3.32
CA PHE B 498 -4.83 26.54 -2.12
C PHE B 498 -3.64 25.61 -1.93
N LEU B 499 -3.00 25.68 -0.77
CA LEU B 499 -1.87 24.81 -0.48
C LEU B 499 -2.01 24.29 0.92
N ASP B 500 -1.98 22.96 1.04
CA ASP B 500 -2.13 22.29 2.31
C ASP B 500 -0.86 21.53 2.68
N LEU B 501 -0.13 22.05 3.67
CA LEU B 501 1.08 21.42 4.19
C LEU B 501 0.94 20.98 5.65
N SER B 502 -0.28 20.72 6.09
CA SER B 502 -0.51 20.32 7.47
C SER B 502 -0.02 18.90 7.70
N GLN B 503 0.30 18.60 8.96
CA GLN B 503 0.81 17.27 9.36
C GLN B 503 2.03 16.79 8.57
N CYS B 504 2.93 17.70 8.20
CA CYS B 504 4.11 17.30 7.43
C CYS B 504 5.40 17.34 8.24
N GLN B 505 5.29 17.30 9.56
CA GLN B 505 6.44 17.32 10.49
C GLN B 505 7.42 18.44 10.26
N LEU B 506 6.95 19.50 9.64
CA LEU B 506 7.79 20.63 9.32
C LEU B 506 8.32 21.33 10.56
N GLU B 507 9.57 21.77 10.47
CA GLU B 507 10.25 22.47 11.55
C GLU B 507 10.82 23.81 11.06
N GLN B 508 11.28 23.84 9.81
CA GLN B 508 11.95 24.99 9.26
C GLN B 508 11.36 25.25 7.89
N LEU B 509 11.30 26.52 7.52
CA LEU B 509 10.86 26.92 6.21
C LEU B 509 12.03 27.56 5.48
N SER B 510 12.15 27.30 4.19
CA SER B 510 12.99 28.14 3.38
C SER B 510 12.31 29.51 3.34
N PRO B 511 13.05 30.60 3.64
CA PRO B 511 12.44 31.93 3.55
C PRO B 511 11.88 32.22 2.15
N THR B 512 12.18 31.33 1.20
CA THR B 512 11.87 31.59 -0.19
C THR B 512 10.80 30.64 -0.76
N ALA B 513 10.41 29.65 0.05
CA ALA B 513 9.50 28.62 -0.42
C ALA B 513 8.26 29.20 -1.09
N PHE B 514 7.74 30.29 -0.56
CA PHE B 514 6.45 30.78 -0.98
C PHE B 514 6.50 32.02 -1.86
N ASN B 515 7.70 32.52 -2.16
CA ASN B 515 7.86 33.81 -2.87
C ASN B 515 7.09 34.01 -4.18
N SER B 516 6.88 32.94 -4.93
CA SER B 516 6.27 33.07 -6.25
C SER B 516 4.75 33.00 -6.18
N LEU B 517 4.24 32.55 -5.04
CA LEU B 517 2.84 32.16 -4.89
C LEU B 517 1.88 33.34 -4.65
N SER B 518 1.91 34.31 -5.56
CA SER B 518 1.23 35.56 -5.30
C SER B 518 -0.27 35.45 -5.53
N SER B 519 -0.73 34.26 -5.92
CA SER B 519 -2.17 34.00 -6.06
C SER B 519 -2.71 33.13 -4.93
N LEU B 520 -1.85 32.75 -4.00
CA LEU B 520 -2.23 31.85 -2.92
C LEU B 520 -3.22 32.48 -1.94
N GLN B 521 -4.37 31.84 -1.73
CA GLN B 521 -5.41 32.35 -0.82
C GLN B 521 -5.46 31.63 0.52
N VAL B 522 -5.21 30.32 0.48
CA VAL B 522 -5.34 29.48 1.65
C VAL B 522 -4.05 28.69 1.78
N LEU B 523 -3.39 28.87 2.90
CA LEU B 523 -2.19 28.11 3.21
C LEU B 523 -2.42 27.42 4.55
N ASN B 524 -2.28 26.10 4.52
CA ASN B 524 -2.47 25.29 5.70
C ASN B 524 -1.14 24.78 6.26
N MET B 525 -0.74 25.31 7.42
CA MET B 525 0.51 24.90 8.08
C MET B 525 0.23 24.20 9.41
N SER B 526 -1.01 23.71 9.52
CA SER B 526 -1.52 23.10 10.74
C SER B 526 -0.78 21.83 11.12
N HIS B 527 -0.70 21.56 12.42
CA HIS B 527 -0.23 20.28 12.89
C HIS B 527 1.15 19.95 12.38
N ASN B 528 2.04 20.92 12.45
CA ASN B 528 3.44 20.73 12.14
C ASN B 528 4.22 21.01 13.42
N ASN B 529 5.54 21.12 13.33
CA ASN B 529 6.33 21.27 14.55
C ASN B 529 7.04 22.61 14.72
N PHE B 530 6.32 23.69 14.44
CA PHE B 530 6.85 25.03 14.67
C PHE B 530 6.69 25.48 16.11
N PHE B 531 7.74 26.11 16.62
CA PHE B 531 7.79 26.60 17.99
C PHE B 531 7.63 28.10 18.04
N SER B 532 7.81 28.73 16.90
CA SER B 532 7.63 30.17 16.77
C SER B 532 6.89 30.50 15.48
N LEU B 533 6.36 31.72 15.40
CA LEU B 533 5.61 32.14 14.25
C LEU B 533 6.40 33.20 13.52
N ASP B 534 7.10 32.79 12.48
CA ASP B 534 7.91 33.69 11.66
C ASP B 534 7.05 34.11 10.48
N THR B 535 6.77 35.40 10.36
CA THR B 535 5.87 35.88 9.29
C THR B 535 6.60 36.15 7.99
N PHE B 536 7.92 36.23 8.07
CA PHE B 536 8.73 36.57 6.89
C PHE B 536 8.48 35.74 5.61
N PRO B 537 8.51 34.39 5.70
CA PRO B 537 8.25 33.58 4.49
C PRO B 537 6.91 33.87 3.83
N TYR B 538 6.04 34.63 4.48
CA TYR B 538 4.70 34.82 3.97
C TYR B 538 4.50 36.20 3.38
N LYS B 539 5.57 37.01 3.37
CA LYS B 539 5.44 38.43 3.00
C LYS B 539 4.98 38.66 1.56
N CYS B 540 5.37 37.78 0.65
CA CYS B 540 5.00 37.94 -0.76
C CYS B 540 3.63 37.37 -1.11
N LEU B 541 2.96 36.79 -0.12
CA LEU B 541 1.67 36.18 -0.38
C LEU B 541 0.56 37.21 -0.44
N ASN B 542 0.59 38.02 -1.50
CA ASN B 542 -0.35 39.13 -1.70
C ASN B 542 -1.85 38.79 -1.65
N SER B 543 -2.22 37.56 -2.00
CA SER B 543 -3.62 37.12 -1.98
C SER B 543 -3.99 36.30 -0.73
N LEU B 544 -3.03 36.10 0.18
CA LEU B 544 -3.26 35.23 1.33
C LEU B 544 -4.43 35.72 2.14
N GLN B 545 -5.45 34.88 2.29
CA GLN B 545 -6.62 35.20 3.10
C GLN B 545 -6.67 34.35 4.35
N VAL B 546 -6.37 33.07 4.19
CA VAL B 546 -6.47 32.09 5.27
C VAL B 546 -5.11 31.44 5.50
N LEU B 547 -4.64 31.54 6.74
CA LEU B 547 -3.42 30.86 7.14
C LEU B 547 -3.67 30.10 8.41
N ASP B 548 -3.55 28.77 8.31
CA ASP B 548 -3.84 27.90 9.43
C ASP B 548 -2.54 27.47 10.12
N TYR B 549 -2.36 27.94 11.34
CA TYR B 549 -1.16 27.61 12.12
C TYR B 549 -1.49 26.86 13.39
N SER B 550 -2.68 26.29 13.42
CA SER B 550 -3.16 25.59 14.59
C SER B 550 -2.34 24.34 14.80
N LEU B 551 -2.32 23.87 16.05
CA LEU B 551 -1.81 22.53 16.40
C LEU B 551 -0.34 22.37 16.08
N ASN B 552 0.38 23.46 16.23
CA ASN B 552 1.82 23.43 16.18
C ASN B 552 2.27 23.52 17.62
N HIS B 553 3.50 23.97 17.84
CA HIS B 553 3.99 24.09 19.21
C HIS B 553 4.47 25.49 19.46
N ILE B 554 3.82 26.45 18.80
CA ILE B 554 4.19 27.86 18.91
C ILE B 554 4.16 28.30 20.37
N MET B 555 5.29 28.77 20.87
CA MET B 555 5.35 29.27 22.25
C MET B 555 5.64 30.75 22.39
N THR B 556 6.32 31.32 21.40
CA THR B 556 6.73 32.71 21.41
C THR B 556 6.98 33.13 19.99
N SER B 557 7.41 34.37 19.84
CA SER B 557 7.85 34.90 18.57
C SER B 557 8.53 36.23 18.87
N LYS B 558 9.56 36.58 18.11
CA LYS B 558 10.22 37.88 18.27
C LYS B 558 9.36 38.94 17.62
N LYS B 559 9.35 40.13 18.19
CA LYS B 559 8.62 41.25 17.60
C LYS B 559 8.91 41.41 16.10
N GLN B 560 10.19 41.42 15.71
CA GLN B 560 10.57 41.67 14.31
C GLN B 560 10.00 40.66 13.33
N GLU B 561 10.01 39.39 13.73
CA GLU B 561 9.52 38.35 12.83
C GLU B 561 8.00 38.30 12.69
N LEU B 562 7.28 39.16 13.41
CA LEU B 562 5.81 39.14 13.38
C LEU B 562 5.17 40.13 12.40
N GLN B 563 5.99 40.84 11.64
CA GLN B 563 5.56 42.07 10.99
C GLN B 563 5.25 42.01 9.49
N HIS B 564 5.40 40.84 8.90
CA HIS B 564 5.52 40.73 7.45
C HIS B 564 4.31 40.15 6.79
N PHE B 565 3.29 39.87 7.58
CA PHE B 565 2.06 39.29 7.03
C PHE B 565 1.47 40.26 6.05
N PRO B 566 1.00 39.74 4.91
CA PRO B 566 0.25 40.58 3.97
C PRO B 566 -1.07 41.03 4.62
N SER B 567 -1.49 42.26 4.34
CA SER B 567 -2.67 42.77 5.03
C SER B 567 -3.96 42.16 4.47
N SER B 568 -3.85 41.33 3.45
CA SER B 568 -4.99 40.61 2.90
C SER B 568 -5.43 39.50 3.84
N LEU B 569 -4.55 39.16 4.77
CA LEU B 569 -4.80 38.05 5.67
C LEU B 569 -6.01 38.34 6.54
N ALA B 570 -7.02 37.48 6.43
CA ALA B 570 -8.30 37.67 7.15
C ALA B 570 -8.51 36.61 8.25
N PHE B 571 -8.02 35.40 8.02
CA PHE B 571 -8.15 34.35 9.02
C PHE B 571 -6.79 33.71 9.35
N LEU B 572 -6.37 33.92 10.59
CA LEU B 572 -5.19 33.30 11.15
C LEU B 572 -5.66 32.39 12.25
N ASN B 573 -5.35 31.12 12.11
CA ASN B 573 -5.71 30.16 13.11
C ASN B 573 -4.47 29.82 13.92
N LEU B 574 -4.41 30.29 15.16
CA LEU B 574 -3.30 29.97 16.06
C LEU B 574 -3.73 29.10 17.26
N THR B 575 -4.93 28.53 17.19
CA THR B 575 -5.48 27.71 18.27
C THR B 575 -4.61 26.50 18.55
N GLN B 576 -4.59 26.07 19.81
CA GLN B 576 -3.94 24.81 20.23
C GLN B 576 -2.46 24.83 19.91
N ASN B 577 -1.82 25.91 20.33
CA ASN B 577 -0.39 26.01 20.33
C ASN B 577 0.04 26.13 21.80
N ASP B 578 1.35 26.14 22.06
CA ASP B 578 1.89 26.12 23.43
C ASP B 578 2.31 27.49 23.95
N PHE B 579 1.39 28.46 23.88
CA PHE B 579 1.73 29.79 24.30
C PHE B 579 2.33 29.82 25.69
N ALA B 580 3.48 30.48 25.78
CA ALA B 580 4.13 30.78 27.03
C ALA B 580 3.66 32.18 27.44
N CYS B 581 3.01 32.25 28.60
CA CYS B 581 2.38 33.50 29.02
C CYS B 581 3.10 34.17 30.17
N THR B 582 4.36 34.55 29.94
CA THR B 582 5.14 35.33 30.86
C THR B 582 5.41 36.66 30.21
N CYS B 583 5.96 37.60 30.99
CA CYS B 583 6.33 38.92 30.47
C CYS B 583 7.47 38.90 29.45
N GLU B 584 8.27 37.84 29.46
CA GLU B 584 9.31 37.65 28.44
C GLU B 584 8.75 37.70 27.00
N HIS B 585 7.50 37.27 26.84
CA HIS B 585 6.87 37.19 25.52
C HIS B 585 5.77 38.19 25.34
N GLN B 586 5.87 39.31 26.06
CA GLN B 586 4.86 40.38 26.00
C GLN B 586 4.61 40.86 24.58
N SER B 587 5.66 41.01 23.78
CA SER B 587 5.52 41.45 22.38
C SER B 587 4.60 40.54 21.55
N PHE B 588 4.77 39.22 21.71
CA PHE B 588 3.96 38.24 21.01
C PHE B 588 2.52 38.26 21.54
N LEU B 589 2.38 38.27 22.87
CA LEU B 589 1.08 38.32 23.50
C LEU B 589 0.36 39.61 23.12
N GLN B 590 1.07 40.73 23.17
CA GLN B 590 0.54 42.01 22.74
C GLN B 590 0.13 41.95 21.27
N TRP B 591 1.01 41.42 20.43
CA TRP B 591 0.72 41.29 19.01
C TRP B 591 -0.52 40.47 18.78
N ILE B 592 -0.73 39.45 19.60
CA ILE B 592 -1.91 38.61 19.49
C ILE B 592 -3.17 39.44 19.79
N LYS B 593 -3.13 40.24 20.85
CA LYS B 593 -4.23 41.16 21.12
C LYS B 593 -4.50 42.06 19.93
N ASP B 594 -3.43 42.63 19.36
CA ASP B 594 -3.55 43.56 18.23
C ASP B 594 -4.19 42.93 16.98
N GLN B 595 -3.94 41.64 16.78
CA GLN B 595 -4.45 40.96 15.60
C GLN B 595 -5.75 40.23 15.87
N ARG B 596 -6.36 40.49 17.04
CA ARG B 596 -7.60 39.83 17.43
C ARG B 596 -8.60 39.67 16.27
N GLN B 597 -8.71 40.69 15.41
CA GLN B 597 -9.67 40.63 14.29
C GLN B 597 -9.31 39.60 13.20
N LEU B 598 -8.07 39.14 13.18
CA LEU B 598 -7.62 38.09 12.23
C LEU B 598 -7.79 36.70 12.85
N LEU B 599 -7.76 36.66 14.19
CA LEU B 599 -7.67 35.41 14.92
C LEU B 599 -8.98 34.68 15.00
N VAL B 600 -8.86 33.36 14.88
CA VAL B 600 -9.97 32.44 14.82
C VAL B 600 -10.10 31.74 16.18
N GLU B 601 -11.34 31.49 16.62
CA GLU B 601 -11.63 30.71 17.86
C GLU B 601 -10.66 30.99 19.00
N VAL B 602 -10.54 32.26 19.37
CA VAL B 602 -9.57 32.68 20.39
C VAL B 602 -9.72 31.98 21.74
N GLU B 603 -10.93 31.50 22.01
CA GLU B 603 -11.25 30.62 23.15
C GLU B 603 -10.25 29.45 23.22
N ARG B 604 -9.95 28.89 22.04
CA ARG B 604 -9.06 27.75 21.89
C ARG B 604 -7.54 28.10 21.82
N MET B 605 -7.20 29.36 22.08
CA MET B 605 -5.81 29.81 22.24
C MET B 605 -5.49 29.91 23.72
N GLU B 606 -4.73 28.93 24.21
CA GLU B 606 -4.52 28.80 25.65
C GLU B 606 -3.05 28.77 26.03
N CYS B 607 -2.77 29.38 27.17
CA CYS B 607 -1.46 29.31 27.78
C CYS B 607 -1.12 27.86 28.09
N ALA B 608 0.03 27.42 27.59
CA ALA B 608 0.55 26.11 27.93
C ALA B 608 1.44 26.23 29.16
N THR B 609 2.13 27.37 29.28
CA THR B 609 2.99 27.68 30.43
C THR B 609 2.87 29.17 30.83
N PRO B 610 3.30 29.54 32.03
CA PRO B 610 3.69 28.68 33.17
C PRO B 610 2.44 28.01 33.75
N SER B 611 2.61 27.21 34.80
CA SER B 611 1.47 26.49 35.40
C SER B 611 0.49 27.43 36.10
N ASP B 612 0.99 28.60 36.50
CA ASP B 612 0.16 29.71 36.96
C ASP B 612 -0.96 30.01 35.98
N LYS B 613 -0.66 29.90 34.68
CA LYS B 613 -1.56 30.40 33.63
C LYS B 613 -2.09 29.30 32.71
N GLN B 614 -1.61 28.08 32.90
CA GLN B 614 -1.95 26.95 32.04
C GLN B 614 -3.47 26.77 31.91
N GLY B 615 -3.96 26.86 30.67
CA GLY B 615 -5.40 26.77 30.41
C GLY B 615 -6.10 28.10 30.26
N MET B 616 -5.45 29.18 30.71
CA MET B 616 -5.97 30.54 30.56
C MET B 616 -5.94 31.00 29.10
N PRO B 617 -7.09 31.46 28.57
CA PRO B 617 -7.17 32.05 27.23
C PRO B 617 -6.17 33.21 27.07
N VAL B 618 -5.39 33.15 26.01
CA VAL B 618 -4.33 34.14 25.74
C VAL B 618 -4.87 35.58 25.64
N LEU B 619 -6.03 35.76 25.02
CA LEU B 619 -6.62 37.10 24.87
C LEU B 619 -7.08 37.77 26.17
N SER B 620 -7.63 36.97 27.09
CA SER B 620 -8.08 37.48 28.41
C SER B 620 -6.99 37.40 29.48
N LEU B 621 -5.73 37.23 29.06
CA LEU B 621 -4.61 37.02 29.98
C LEU B 621 -4.44 38.19 30.95
N ASN B 622 -4.32 37.89 32.24
CA ASN B 622 -3.96 38.93 33.22
C ASN B 622 -2.47 38.90 33.55
N ILE B 623 -1.72 39.78 32.88
CA ILE B 623 -0.30 39.98 33.16
C ILE B 623 0.04 41.46 33.19
N THR B 624 0.99 41.83 34.04
CA THR B 624 1.44 43.22 34.14
C THR B 624 2.88 43.32 33.63
N CYS B 625 3.03 43.84 32.40
CA CYS B 625 4.34 44.02 31.80
C CYS B 625 4.55 45.46 31.33
N GLN C 3 40.91 12.42 -16.75
CA GLN C 3 40.92 13.90 -16.90
C GLN C 3 39.93 14.39 -17.97
N LYS C 4 39.87 13.65 -19.08
CA LYS C 4 39.17 14.10 -20.29
C LYS C 4 37.71 13.64 -20.42
N GLN C 5 36.96 14.27 -21.32
CA GLN C 5 35.58 13.91 -21.62
C GLN C 5 35.48 12.84 -22.70
N TYR C 6 35.05 11.64 -22.32
CA TYR C 6 34.85 10.55 -23.27
C TYR C 6 33.46 10.62 -23.85
N TRP C 7 33.39 11.01 -25.12
CA TRP C 7 32.13 11.18 -25.84
C TRP C 7 31.64 9.84 -26.30
N VAL C 8 30.47 9.42 -25.82
CA VAL C 8 29.94 8.09 -26.14
C VAL C 8 29.17 8.06 -27.45
N CYS C 9 28.10 8.87 -27.52
CA CYS C 9 27.28 8.98 -28.72
C CYS C 9 26.27 10.10 -28.56
N ASN C 10 25.69 10.51 -29.69
CA ASN C 10 24.59 11.45 -29.75
C ASN C 10 23.42 10.72 -30.39
N SER C 11 22.21 11.14 -30.03
CA SER C 11 21.01 10.64 -30.69
C SER C 11 20.19 11.86 -31.08
N SER C 12 18.93 11.63 -31.44
CA SER C 12 18.04 12.77 -31.71
C SER C 12 17.69 13.52 -30.44
N ASP C 13 17.61 12.80 -29.31
CA ASP C 13 17.21 13.34 -28.02
C ASP C 13 18.37 13.87 -27.22
N ALA C 14 19.50 13.17 -27.32
CA ALA C 14 20.49 13.20 -26.26
C ALA C 14 21.91 13.13 -26.75
N SER C 15 22.82 13.58 -25.87
CA SER C 15 24.25 13.62 -26.15
C SER C 15 24.95 13.10 -24.92
N ILE C 16 25.54 11.92 -25.02
CA ILE C 16 26.08 11.23 -23.86
C ILE C 16 27.61 11.22 -23.88
N SER C 17 28.18 11.51 -22.70
CA SER C 17 29.61 11.49 -22.48
C SER C 17 29.90 11.16 -21.02
N TYR C 18 31.14 10.82 -20.72
CA TYR C 18 31.50 10.56 -19.34
C TYR C 18 32.91 10.98 -19.02
N THR C 19 33.17 11.11 -17.73
CA THR C 19 34.51 11.29 -17.18
C THR C 19 34.61 10.36 -15.98
N TYR C 20 35.80 10.29 -15.37
CA TYR C 20 36.01 9.44 -14.21
C TYR C 20 35.88 10.25 -12.92
N CYS C 21 35.44 9.61 -11.85
CA CYS C 21 35.37 10.24 -10.52
C CYS C 21 36.06 9.40 -9.45
N ASP C 22 37.05 8.61 -9.86
CA ASP C 22 37.87 7.87 -8.91
C ASP C 22 39.35 8.10 -9.21
N LYS C 23 40.22 7.67 -8.29
CA LYS C 23 41.67 7.77 -8.49
C LYS C 23 42.16 6.78 -9.56
N MET C 24 41.60 5.57 -9.55
CA MET C 24 42.06 4.50 -10.45
C MET C 24 41.30 4.46 -11.77
N GLN C 25 41.71 5.31 -12.72
CA GLN C 25 40.93 5.57 -13.94
C GLN C 25 41.06 4.48 -15.02
N TYR C 26 40.65 3.27 -14.66
CA TYR C 26 40.76 2.09 -15.50
C TYR C 26 39.98 2.21 -16.80
N PRO C 27 40.61 1.87 -17.94
CA PRO C 27 39.91 1.96 -19.23
C PRO C 27 38.74 0.97 -19.34
N ILE C 28 37.61 1.48 -19.79
CA ILE C 28 36.43 0.68 -20.09
C ILE C 28 36.12 1.08 -21.50
N SER C 29 35.52 0.18 -22.25
CA SER C 29 35.00 0.54 -23.54
C SER C 29 33.49 0.33 -23.49
N ILE C 30 32.76 1.44 -23.63
CA ILE C 30 31.31 1.47 -23.59
C ILE C 30 30.77 1.90 -24.95
N ASN C 31 29.97 1.05 -25.56
CA ASN C 31 29.33 1.36 -26.83
C ASN C 31 27.86 1.04 -26.79
N VAL C 32 27.07 1.91 -27.40
CA VAL C 32 25.63 1.78 -27.32
C VAL C 32 25.11 1.79 -28.74
N ASN C 33 24.30 0.78 -29.09
CA ASN C 33 23.83 0.65 -30.45
C ASN C 33 22.37 0.23 -30.56
N PRO C 34 21.51 1.10 -31.14
CA PRO C 34 21.81 2.50 -31.50
C PRO C 34 21.92 3.38 -30.26
N CYS C 35 22.29 4.65 -30.44
CA CYS C 35 22.44 5.55 -29.30
C CYS C 35 21.11 5.76 -28.55
N ILE C 36 21.19 6.05 -27.26
CA ILE C 36 19.99 6.21 -26.44
C ILE C 36 19.23 7.45 -26.86
N GLU C 37 17.97 7.25 -27.22
CA GLU C 37 17.01 8.35 -27.24
C GLU C 37 16.20 8.26 -25.96
N LEU C 38 16.28 9.33 -25.16
CA LEU C 38 15.54 9.44 -23.91
C LEU C 38 14.01 9.32 -24.00
N LYS C 39 13.41 9.61 -25.14
CA LYS C 39 11.97 9.40 -25.29
C LYS C 39 11.65 7.90 -25.36
N GLY C 40 12.70 7.09 -25.31
CA GLY C 40 12.55 5.65 -25.31
C GLY C 40 13.37 5.04 -26.42
N SER C 41 14.13 4.00 -26.07
CA SER C 41 14.90 3.23 -27.04
C SER C 41 15.15 1.81 -26.59
N LYS C 42 15.46 0.95 -27.57
CA LYS C 42 16.10 -0.30 -27.29
C LYS C 42 17.41 -0.39 -28.04
N GLY C 43 18.31 -1.22 -27.54
CA GLY C 43 19.57 -1.45 -28.21
C GLY C 43 20.47 -2.42 -27.50
N LEU C 44 21.76 -2.31 -27.78
CA LEU C 44 22.75 -3.19 -27.22
C LEU C 44 23.82 -2.34 -26.59
N LEU C 45 24.17 -2.68 -25.38
CA LEU C 45 25.29 -2.04 -24.71
C LEU C 45 26.44 -3.00 -24.82
N HIS C 46 27.54 -2.56 -25.44
CA HIS C 46 28.74 -3.37 -25.57
C HIS C 46 29.76 -2.90 -24.57
N ILE C 47 30.19 -3.76 -23.69
CA ILE C 47 31.20 -3.40 -22.74
C ILE C 47 32.43 -4.26 -22.90
N PHE C 48 33.57 -3.60 -23.01
CA PHE C 48 34.85 -4.27 -22.90
C PHE C 48 35.56 -3.67 -21.70
N TYR C 49 35.98 -4.53 -20.80
CA TYR C 49 36.55 -4.10 -19.55
C TYR C 49 37.31 -5.26 -18.94
N ILE C 50 38.30 -4.92 -18.13
CA ILE C 50 38.88 -5.90 -17.27
C ILE C 50 38.87 -5.35 -15.84
N PRO C 51 37.97 -5.87 -15.02
CA PRO C 51 37.75 -5.36 -13.68
C PRO C 51 38.98 -5.60 -12.83
N ARG C 52 39.26 -4.75 -11.85
CA ARG C 52 40.35 -5.05 -10.92
C ARG C 52 39.79 -5.71 -9.65
N ARG C 53 38.52 -6.11 -9.71
CA ARG C 53 37.96 -7.03 -8.71
C ARG C 53 36.88 -7.91 -9.31
N ASP C 54 36.50 -8.96 -8.58
CA ASP C 54 35.47 -9.85 -9.06
C ASP C 54 34.18 -9.03 -9.21
N LEU C 55 33.36 -9.39 -10.20
CA LEU C 55 32.10 -8.68 -10.45
C LEU C 55 30.95 -9.19 -9.60
N LYS C 56 31.25 -10.15 -8.73
CA LYS C 56 30.31 -10.74 -7.80
C LYS C 56 29.59 -9.64 -7.04
N GLN C 57 28.27 -9.77 -6.89
CA GLN C 57 27.49 -8.78 -6.12
C GLN C 57 27.69 -7.32 -6.58
N LEU C 58 27.88 -7.15 -7.88
CA LEU C 58 28.01 -5.84 -8.50
C LEU C 58 26.71 -5.09 -8.33
N TYR C 59 26.81 -3.84 -7.90
CA TYR C 59 25.69 -2.95 -7.96
C TYR C 59 26.22 -1.55 -8.22
N PHE C 60 25.31 -0.66 -8.59
CA PHE C 60 25.65 0.71 -8.86
C PHE C 60 24.89 1.59 -7.91
N ASN C 61 25.59 2.49 -7.23
CA ASN C 61 24.99 3.65 -6.65
C ASN C 61 24.93 4.69 -7.78
N LEU C 62 23.73 5.14 -8.10
CA LEU C 62 23.54 6.22 -9.05
C LEU C 62 23.19 7.51 -8.31
N TYR C 63 23.94 8.58 -8.61
CA TYR C 63 23.71 9.93 -8.05
C TYR C 63 23.42 10.82 -9.23
N ILE C 64 22.15 11.09 -9.46
CA ILE C 64 21.68 11.77 -10.65
C ILE C 64 21.42 13.23 -10.32
N THR C 65 21.75 14.12 -11.27
CA THR C 65 21.43 15.54 -11.21
C THR C 65 20.67 15.98 -12.48
N VAL C 66 19.64 16.80 -12.27
CA VAL C 66 18.86 17.43 -13.37
C VAL C 66 19.03 18.92 -13.19
N ASN C 67 19.67 19.58 -14.16
CA ASN C 67 19.90 21.01 -14.06
C ASN C 67 20.09 21.46 -12.61
N THR C 68 21.09 20.89 -11.94
CA THR C 68 21.48 21.31 -10.57
C THR C 68 20.64 20.68 -9.46
N MET C 69 19.51 20.09 -9.82
CA MET C 69 18.62 19.46 -8.85
C MET C 69 19.05 18.01 -8.60
N ASN C 70 19.51 17.73 -7.39
CA ASN C 70 19.94 16.37 -7.02
C ASN C 70 18.80 15.40 -6.78
N LEU C 71 18.97 14.19 -7.30
CA LEU C 71 18.04 13.13 -6.98
C LEU C 71 18.59 12.31 -5.85
N PRO C 72 17.72 11.64 -5.11
CA PRO C 72 18.22 10.72 -4.10
C PRO C 72 19.05 9.60 -4.76
N LYS C 73 20.07 9.12 -4.06
CA LYS C 73 20.85 7.98 -4.49
C LYS C 73 19.92 6.81 -4.93
N ARG C 74 20.23 6.21 -6.06
CA ARG C 74 19.56 4.95 -6.41
C ARG C 74 20.57 3.83 -6.28
N LYS C 75 20.16 2.75 -5.64
CA LYS C 75 20.95 1.54 -5.64
C LYS C 75 20.37 0.62 -6.69
N GLU C 76 21.17 0.26 -7.69
CA GLU C 76 20.76 -0.69 -8.72
C GLU C 76 21.62 -1.93 -8.65
N VAL C 77 21.05 -3.01 -8.13
CA VAL C 77 21.75 -4.29 -8.00
C VAL C 77 21.77 -4.99 -9.35
N ILE C 78 22.99 -5.26 -9.82
CA ILE C 78 23.23 -5.94 -11.08
C ILE C 78 23.43 -7.45 -10.88
N CYS C 79 24.23 -7.83 -9.89
CA CYS C 79 24.54 -9.22 -9.59
C CYS C 79 24.14 -9.54 -8.16
N ARG C 80 23.20 -10.48 -7.98
CA ARG C 80 22.73 -10.88 -6.66
C ARG C 80 23.81 -11.69 -5.92
N GLY C 81 24.63 -12.43 -6.67
CA GLY C 81 25.73 -13.15 -6.06
C GLY C 81 25.69 -14.65 -6.25
N SER C 82 24.50 -15.20 -6.49
CA SER C 82 24.33 -16.64 -6.72
C SER C 82 23.39 -16.89 -7.88
N ASP C 83 23.86 -17.64 -8.88
CA ASP C 83 23.11 -17.94 -10.11
C ASP C 83 22.47 -16.69 -10.70
N ASP C 84 23.33 -15.75 -11.05
CA ASP C 84 22.90 -14.48 -11.56
C ASP C 84 22.44 -14.57 -13.00
N ASP C 85 21.55 -13.66 -13.33
CA ASP C 85 21.01 -13.47 -14.68
C ASP C 85 22.08 -13.20 -15.74
N TYR C 86 23.06 -12.39 -15.38
CA TYR C 86 24.06 -11.88 -16.31
C TYR C 86 25.33 -12.66 -16.15
N SER C 87 25.93 -13.10 -17.25
CA SER C 87 27.10 -13.99 -17.17
C SER C 87 28.32 -13.30 -16.61
N PHE C 88 28.43 -12.01 -16.84
CA PHE C 88 29.59 -11.30 -16.34
C PHE C 88 29.62 -11.21 -14.81
N CYS C 89 28.52 -11.57 -14.15
CA CYS C 89 28.53 -11.59 -12.68
C CYS C 89 29.57 -12.54 -12.15
N ARG C 90 29.96 -13.50 -13.00
CA ARG C 90 30.87 -14.60 -12.70
C ARG C 90 32.32 -14.19 -12.90
N ALA C 91 32.51 -13.09 -13.63
CA ALA C 91 33.84 -12.62 -14.04
C ALA C 91 34.73 -12.27 -12.85
N LEU C 92 35.98 -12.71 -12.93
CA LEU C 92 36.94 -12.52 -11.85
C LEU C 92 37.83 -11.30 -12.07
N LYS C 93 38.56 -10.96 -11.00
CA LYS C 93 39.50 -9.88 -10.98
C LYS C 93 40.25 -9.72 -12.31
N GLY C 94 40.98 -10.71 -12.77
CA GLY C 94 41.81 -10.37 -13.93
C GLY C 94 41.23 -10.66 -15.30
N GLU C 95 39.91 -10.82 -15.34
CA GLU C 95 39.27 -11.49 -16.46
C GLU C 95 38.74 -10.47 -17.44
N THR C 96 38.92 -10.75 -18.72
CA THR C 96 38.38 -9.94 -19.79
C THR C 96 36.88 -10.06 -19.78
N VAL C 97 36.20 -8.96 -19.50
CA VAL C 97 34.76 -8.89 -19.71
C VAL C 97 34.49 -8.25 -21.07
N ASN C 98 34.05 -9.08 -22.00
CA ASN C 98 33.69 -8.62 -23.34
C ASN C 98 32.27 -9.09 -23.59
N THR C 99 31.31 -8.22 -23.37
CA THR C 99 29.91 -8.63 -23.33
C THR C 99 28.95 -7.64 -24.01
N THR C 100 27.76 -8.15 -24.31
CA THR C 100 26.68 -7.38 -24.91
C THR C 100 25.43 -7.50 -24.06
N ILE C 101 24.97 -6.38 -23.55
CA ILE C 101 23.81 -6.34 -22.69
C ILE C 101 22.74 -5.59 -23.46
N SER C 102 21.61 -6.26 -23.70
CA SER C 102 20.50 -5.59 -24.36
C SER C 102 19.83 -4.70 -23.32
N PHE C 103 19.22 -3.63 -23.79
CA PHE C 103 18.45 -2.74 -22.93
C PHE C 103 17.22 -2.27 -23.68
N SER C 104 16.30 -1.70 -22.92
CA SER C 104 15.03 -1.31 -23.47
C SER C 104 14.32 -0.50 -22.41
N PHE C 105 13.67 0.58 -22.83
CA PHE C 105 12.84 1.37 -21.92
C PHE C 105 12.00 2.32 -22.69
N LYS C 106 11.04 2.92 -22.01
CA LYS C 106 10.26 3.99 -22.58
C LYS C 106 9.72 4.81 -21.45
N GLY C 107 9.01 5.87 -21.82
CA GLY C 107 7.91 6.38 -21.02
C GLY C 107 8.24 7.26 -19.85
N ILE C 108 9.34 8.00 -19.94
CA ILE C 108 9.56 9.09 -19.00
C ILE C 108 9.86 10.37 -19.75
N LYS C 109 9.05 11.39 -19.49
CA LYS C 109 9.33 12.74 -19.95
C LYS C 109 10.49 13.25 -19.10
N PHE C 110 11.45 13.90 -19.74
CA PHE C 110 12.59 14.47 -19.03
C PHE C 110 12.62 15.94 -19.32
N SER C 111 12.95 16.75 -18.32
CA SER C 111 13.16 18.17 -18.56
C SER C 111 14.31 18.36 -19.54
N LYS C 112 14.19 19.40 -20.36
CA LYS C 112 15.32 19.86 -21.18
C LYS C 112 16.52 20.16 -20.26
N GLY C 113 17.73 19.90 -20.74
CA GLY C 113 18.91 20.39 -20.03
C GLY C 113 19.97 19.35 -19.80
N LYS C 114 20.73 19.54 -18.73
CA LYS C 114 21.93 18.77 -18.48
C LYS C 114 21.69 17.80 -17.34
N TYR C 115 21.88 16.52 -17.60
CA TYR C 115 21.81 15.50 -16.58
C TYR C 115 23.19 14.96 -16.37
N LYS C 116 23.63 14.97 -15.13
CA LYS C 116 24.79 14.21 -14.79
C LYS C 116 24.31 13.00 -13.99
N CYS C 117 25.04 11.91 -14.10
CA CYS C 117 24.77 10.70 -13.34
C CYS C 117 26.08 10.07 -12.94
N VAL C 118 26.42 10.19 -11.67
CA VAL C 118 27.59 9.53 -11.13
C VAL C 118 27.19 8.06 -10.95
N VAL C 119 27.89 7.18 -11.65
CA VAL C 119 27.73 5.74 -11.41
C VAL C 119 28.95 5.15 -10.71
N GLU C 120 28.75 4.87 -9.44
CA GLU C 120 29.75 4.26 -8.61
C GLU C 120 29.46 2.75 -8.58
N ALA C 121 30.27 1.99 -9.31
CA ALA C 121 30.14 0.52 -9.31
C ALA C 121 30.87 -0.04 -8.11
N ILE C 122 30.21 -0.96 -7.40
CA ILE C 122 30.73 -1.63 -6.22
C ILE C 122 30.51 -3.15 -6.40
N SER C 123 31.49 -3.97 -6.00
CA SER C 123 31.41 -5.43 -6.13
C SER C 123 32.35 -6.21 -5.21
N GLY C 124 32.21 -7.54 -5.23
CA GLY C 124 32.94 -8.45 -4.34
C GLY C 124 32.28 -8.66 -3.00
N SER C 125 32.66 -9.74 -2.30
CA SER C 125 32.40 -9.86 -0.85
C SER C 125 33.58 -9.17 -0.15
N PRO C 126 33.42 -8.73 1.11
CA PRO C 126 33.95 -7.42 1.44
C PRO C 126 33.98 -6.49 0.23
N GLU C 127 32.82 -5.87 -0.02
CA GLU C 127 32.58 -5.05 -1.23
C GLU C 127 33.35 -3.74 -1.24
N GLU C 128 34.05 -3.48 -2.35
CA GLU C 128 34.79 -2.24 -2.58
C GLU C 128 34.38 -1.58 -3.90
N MET C 129 34.84 -0.36 -4.12
CA MET C 129 34.52 0.37 -5.35
C MET C 129 35.21 -0.25 -6.58
N LEU C 130 34.41 -0.65 -7.56
CA LEU C 130 34.93 -1.13 -8.82
C LEU C 130 35.42 0.07 -9.62
N PHE C 131 34.54 1.04 -9.84
CA PHE C 131 34.87 2.29 -10.54
C PHE C 131 33.83 3.36 -10.28
N CYS C 132 34.20 4.60 -10.59
CA CYS C 132 33.26 5.72 -10.56
C CYS C 132 33.31 6.45 -11.89
N LEU C 133 32.17 6.50 -12.57
CA LEU C 133 32.03 7.26 -13.79
C LEU C 133 30.95 8.34 -13.65
N GLU C 134 31.25 9.54 -14.14
CA GLU C 134 30.30 10.65 -14.11
C GLU C 134 29.80 10.88 -15.52
N PHE C 135 28.59 10.40 -15.79
CA PHE C 135 27.97 10.51 -17.10
C PHE C 135 27.29 11.85 -17.22
N VAL C 136 27.56 12.56 -18.31
CA VAL C 136 26.81 13.74 -18.60
C VAL C 136 25.90 13.39 -19.75
N ILE C 137 24.63 13.70 -19.58
CA ILE C 137 23.75 13.62 -20.72
C ILE C 137 22.99 14.94 -20.95
N LEU C 138 23.20 15.51 -22.12
CA LEU C 138 22.48 16.70 -22.52
C LEU C 138 21.22 16.25 -23.25
N HIS C 139 20.09 16.82 -22.87
CA HIS C 139 18.81 16.41 -23.44
C HIS C 139 18.03 17.55 -23.98
N GLN C 140 17.80 17.48 -25.29
CA GLN C 140 16.93 18.39 -25.99
C GLN C 140 15.84 17.52 -26.64
N PRO C 141 14.63 17.51 -26.05
CA PRO C 141 13.48 16.71 -26.52
C PRO C 141 13.04 16.93 -27.99
N ASN C 142 12.17 16.04 -28.47
CA ASN C 142 11.63 16.04 -29.83
C ASN C 142 12.70 15.77 -30.89
N GLN D 3 -33.20 5.81 32.38
CA GLN D 3 -31.96 4.98 32.54
C GLN D 3 -32.28 3.54 32.97
N LYS D 4 -32.31 2.64 31.98
CA LYS D 4 -32.60 1.23 32.19
C LYS D 4 -31.62 0.37 31.35
N GLN D 5 -31.34 -0.83 31.84
CA GLN D 5 -30.51 -1.78 31.12
C GLN D 5 -31.39 -2.76 30.37
N TYR D 6 -31.05 -3.04 29.13
CA TYR D 6 -31.86 -3.87 28.26
C TYR D 6 -31.06 -5.09 27.87
N TRP D 7 -31.41 -6.23 28.47
CA TRP D 7 -30.71 -7.45 28.21
C TRP D 7 -31.12 -8.01 26.87
N VAL D 8 -30.17 -8.16 25.96
CA VAL D 8 -30.47 -8.63 24.59
C VAL D 8 -30.49 -10.14 24.53
N CYS D 9 -29.32 -10.77 24.71
CA CYS D 9 -29.21 -12.24 24.74
C CYS D 9 -27.90 -12.72 25.38
N ASN D 10 -27.88 -14.00 25.75
CA ASN D 10 -26.65 -14.69 26.11
C ASN D 10 -26.32 -15.73 25.04
N SER D 11 -25.04 -15.90 24.72
CA SER D 11 -24.61 -16.97 23.84
C SER D 11 -23.60 -17.82 24.58
N SER D 12 -23.12 -18.87 23.91
CA SER D 12 -22.05 -19.72 24.48
C SER D 12 -20.76 -18.94 24.83
N ASP D 13 -20.66 -17.70 24.35
CA ASP D 13 -19.45 -16.88 24.35
C ASP D 13 -19.64 -15.57 25.09
N ALA D 14 -20.86 -15.08 25.00
CA ALA D 14 -21.10 -13.66 25.16
C ALA D 14 -22.37 -13.38 25.95
N SER D 15 -22.34 -12.26 26.65
CA SER D 15 -23.50 -11.79 27.36
C SER D 15 -23.68 -10.35 26.88
N ILE D 16 -24.85 -10.07 26.28
CA ILE D 16 -25.07 -8.83 25.55
C ILE D 16 -26.24 -8.03 26.12
N SER D 17 -25.97 -6.80 26.54
CA SER D 17 -27.03 -5.89 26.95
C SER D 17 -26.78 -4.48 26.39
N TYR D 18 -27.77 -3.60 26.48
CA TYR D 18 -27.52 -2.20 26.12
C TYR D 18 -28.27 -1.22 26.99
N THR D 19 -27.82 0.03 26.95
CA THR D 19 -28.55 1.15 27.51
C THR D 19 -28.62 2.23 26.44
N TYR D 20 -29.36 3.31 26.70
CA TYR D 20 -29.31 4.49 25.85
C TYR D 20 -28.19 5.43 26.29
N CYS D 21 -27.56 6.12 25.34
CA CYS D 21 -26.63 7.21 25.66
C CYS D 21 -27.09 8.54 25.08
N ASP D 22 -28.39 8.67 24.79
CA ASP D 22 -28.97 9.93 24.34
C ASP D 22 -30.04 10.42 25.30
N LYS D 23 -30.41 11.70 25.16
CA LYS D 23 -31.47 12.29 25.97
C LYS D 23 -32.86 11.73 25.62
N MET D 24 -33.18 11.67 24.33
CA MET D 24 -34.52 11.31 23.87
C MET D 24 -34.57 9.85 23.44
N GLN D 25 -34.85 8.98 24.41
CA GLN D 25 -34.57 7.54 24.31
C GLN D 25 -35.68 6.79 23.59
N TYR D 26 -35.75 6.96 22.26
CA TYR D 26 -36.82 6.38 21.46
C TYR D 26 -36.84 4.86 21.56
N PRO D 27 -38.02 4.27 21.87
CA PRO D 27 -38.14 2.84 21.98
C PRO D 27 -37.62 2.13 20.73
N ILE D 28 -36.74 1.16 20.94
CA ILE D 28 -36.25 0.33 19.85
C ILE D 28 -36.33 -1.12 20.30
N SER D 29 -36.57 -2.01 19.35
CA SER D 29 -36.67 -3.41 19.65
C SER D 29 -35.62 -4.13 18.80
N ILE D 30 -34.70 -4.80 19.48
CA ILE D 30 -33.57 -5.49 18.87
C ILE D 30 -33.51 -6.94 19.35
N ASN D 31 -33.81 -7.88 18.46
CA ASN D 31 -33.64 -9.30 18.72
C ASN D 31 -32.53 -9.87 17.86
N VAL D 32 -31.77 -10.80 18.40
CA VAL D 32 -30.70 -11.47 17.68
C VAL D 32 -30.87 -12.99 17.78
N ASN D 33 -31.00 -13.66 16.64
CA ASN D 33 -31.28 -15.09 16.59
C ASN D 33 -30.36 -15.83 15.61
N PRO D 34 -29.51 -16.74 16.13
CA PRO D 34 -29.22 -16.98 17.54
C PRO D 34 -28.31 -15.90 18.10
N CYS D 35 -28.01 -15.94 19.39
CA CYS D 35 -27.20 -14.91 19.99
C CYS D 35 -25.77 -14.98 19.47
N ILE D 36 -25.15 -13.80 19.33
CA ILE D 36 -23.78 -13.63 18.82
C ILE D 36 -22.76 -14.42 19.62
N GLU D 37 -22.03 -15.28 18.93
CA GLU D 37 -20.87 -15.91 19.50
C GLU D 37 -19.68 -15.22 18.91
N LEU D 38 -18.90 -14.58 19.77
CA LEU D 38 -17.68 -13.88 19.38
C LEU D 38 -16.66 -14.75 18.63
N LYS D 39 -16.68 -16.06 18.86
CA LYS D 39 -15.81 -16.96 18.10
C LYS D 39 -16.18 -16.98 16.61
N GLY D 40 -17.35 -16.43 16.30
CA GLY D 40 -17.89 -16.46 14.95
C GLY D 40 -19.28 -17.07 14.99
N SER D 41 -20.23 -16.43 14.32
CA SER D 41 -21.58 -16.95 14.25
C SER D 41 -22.33 -16.28 13.12
N LYS D 42 -23.50 -16.81 12.84
CA LYS D 42 -24.38 -16.21 11.87
C LYS D 42 -25.74 -16.19 12.48
N GLY D 43 -26.53 -15.21 12.08
CA GLY D 43 -27.91 -15.15 12.52
C GLY D 43 -28.71 -14.02 11.92
N LEU D 44 -29.82 -13.73 12.57
CA LEU D 44 -30.72 -12.71 12.14
C LEU D 44 -30.83 -11.64 13.22
N LEU D 45 -30.69 -10.41 12.79
CA LEU D 45 -30.93 -9.26 13.63
C LEU D 45 -32.31 -8.75 13.27
N HIS D 46 -33.24 -8.80 14.22
CA HIS D 46 -34.56 -8.23 14.03
C HIS D 46 -34.63 -6.89 14.69
N ILE D 47 -35.21 -5.95 13.98
CA ILE D 47 -35.33 -4.59 14.47
C ILE D 47 -36.72 -4.06 14.18
N PHE D 48 -37.34 -3.52 15.22
CA PHE D 48 -38.58 -2.80 15.09
C PHE D 48 -38.33 -1.40 15.58
N TYR D 49 -38.60 -0.41 14.75
CA TYR D 49 -38.25 0.97 15.08
C TYR D 49 -39.08 1.95 14.30
N ILE D 50 -39.51 3.02 14.97
CA ILE D 50 -40.12 4.16 14.31
C ILE D 50 -39.11 5.32 14.45
N PRO D 51 -38.30 5.54 13.41
CA PRO D 51 -37.24 6.55 13.42
C PRO D 51 -37.82 7.96 13.33
N ARG D 52 -37.17 8.91 13.99
CA ARG D 52 -37.62 10.31 14.01
C ARG D 52 -36.86 11.12 12.96
N ARG D 53 -36.13 10.42 12.10
CA ARG D 53 -35.54 11.01 10.90
C ARG D 53 -35.54 9.95 9.83
N ASP D 54 -35.42 10.39 8.58
CA ASP D 54 -35.26 9.48 7.45
C ASP D 54 -34.00 8.66 7.63
N LEU D 55 -34.05 7.38 7.28
CA LEU D 55 -32.89 6.51 7.41
C LEU D 55 -31.85 6.68 6.31
N LYS D 56 -32.17 7.55 5.35
CA LYS D 56 -31.30 7.87 4.24
C LYS D 56 -29.90 8.18 4.78
N GLN D 57 -28.89 7.55 4.22
CA GLN D 57 -27.51 7.85 4.62
C GLN D 57 -27.19 7.54 6.10
N LEU D 58 -27.81 6.48 6.63
CA LEU D 58 -27.51 5.98 7.95
C LEU D 58 -26.05 5.55 8.10
N TYR D 59 -25.43 5.97 9.18
CA TYR D 59 -24.15 5.41 9.57
C TYR D 59 -24.03 5.33 11.07
N PHE D 60 -23.08 4.51 11.50
CA PHE D 60 -22.78 4.35 12.91
C PHE D 60 -21.39 4.88 13.18
N ASN D 61 -21.26 5.71 14.22
CA ASN D 61 -19.98 5.93 14.83
C ASN D 61 -19.96 4.90 15.93
N LEU D 62 -18.87 4.16 16.03
CA LEU D 62 -18.74 3.14 17.06
C LEU D 62 -17.54 3.47 17.90
N TYR D 63 -17.76 3.56 19.21
CA TYR D 63 -16.72 3.80 20.19
C TYR D 63 -16.66 2.56 21.06
N ILE D 64 -15.63 1.77 20.83
CA ILE D 64 -15.51 0.47 21.44
C ILE D 64 -14.45 0.55 22.53
N THR D 65 -14.66 -0.23 23.58
CA THR D 65 -13.72 -0.32 24.71
C THR D 65 -13.54 -1.79 25.11
N VAL D 66 -12.28 -2.17 25.34
CA VAL D 66 -11.91 -3.53 25.75
C VAL D 66 -11.29 -3.39 27.10
N ASN D 67 -11.90 -3.98 28.11
CA ASN D 67 -11.37 -3.92 29.46
C ASN D 67 -10.73 -2.57 29.71
N THR D 68 -11.51 -1.52 29.53
CA THR D 68 -11.05 -0.15 29.81
C THR D 68 -10.26 0.54 28.68
N MET D 69 -9.73 -0.23 27.73
CA MET D 69 -8.85 0.28 26.67
C MET D 69 -9.67 0.73 25.46
N ASN D 70 -9.63 2.03 25.15
CA ASN D 70 -10.43 2.55 24.03
C ASN D 70 -9.89 2.24 22.64
N LEU D 71 -10.80 1.96 21.70
CA LEU D 71 -10.39 1.78 20.32
C LEU D 71 -10.64 3.06 19.58
N PRO D 72 -9.90 3.32 18.50
CA PRO D 72 -10.23 4.48 17.65
C PRO D 72 -11.65 4.35 17.13
N LYS D 73 -12.30 5.50 16.98
CA LYS D 73 -13.63 5.52 16.42
C LYS D 73 -13.65 4.71 15.10
N ARG D 74 -14.71 3.96 14.89
CA ARG D 74 -14.96 3.40 13.58
C ARG D 74 -16.22 4.06 13.05
N LYS D 75 -16.23 4.33 11.76
CA LYS D 75 -17.39 4.89 11.12
C LYS D 75 -17.92 3.83 10.16
N GLU D 76 -19.10 3.30 10.43
CA GLU D 76 -19.65 2.22 9.62
C GLU D 76 -20.86 2.71 8.83
N VAL D 77 -20.66 2.92 7.54
CA VAL D 77 -21.73 3.38 6.65
C VAL D 77 -22.69 2.24 6.32
N ILE D 78 -23.97 2.45 6.64
CA ILE D 78 -25.04 1.46 6.41
C ILE D 78 -25.84 1.78 5.14
N CYS D 79 -26.18 3.04 4.95
CA CYS D 79 -26.92 3.49 3.77
C CYS D 79 -26.10 4.55 3.09
N ARG D 80 -25.68 4.27 1.86
CA ARG D 80 -24.77 5.13 1.11
C ARG D 80 -25.52 6.29 0.45
N GLY D 81 -26.83 6.15 0.29
CA GLY D 81 -27.65 7.25 -0.22
C GLY D 81 -28.61 7.01 -1.38
N SER D 82 -28.27 6.04 -2.23
CA SER D 82 -28.96 5.88 -3.51
C SER D 82 -28.95 4.41 -3.95
N ASP D 83 -30.12 3.80 -4.07
CA ASP D 83 -30.22 2.37 -4.43
C ASP D 83 -29.37 1.55 -3.47
N ASP D 84 -29.75 1.63 -2.21
CA ASP D 84 -29.00 1.04 -1.12
C ASP D 84 -29.30 -0.43 -1.05
N ASP D 85 -28.39 -1.17 -0.45
CA ASP D 85 -28.55 -2.62 -0.30
C ASP D 85 -29.75 -2.97 0.55
N TYR D 86 -29.97 -2.16 1.58
CA TYR D 86 -30.91 -2.45 2.63
C TYR D 86 -32.19 -1.65 2.43
N SER D 87 -33.34 -2.33 2.51
CA SER D 87 -34.63 -1.68 2.25
C SER D 87 -34.96 -0.61 3.27
N PHE D 88 -34.46 -0.77 4.49
CA PHE D 88 -34.80 0.18 5.55
C PHE D 88 -34.17 1.56 5.32
N CYS D 89 -33.23 1.63 4.36
CA CYS D 89 -32.59 2.88 3.98
C CYS D 89 -33.56 3.86 3.38
N ARG D 90 -34.60 3.34 2.75
CA ARG D 90 -35.69 4.11 2.16
C ARG D 90 -36.71 4.62 3.21
N ALA D 91 -36.63 4.13 4.45
CA ALA D 91 -37.61 4.51 5.47
C ALA D 91 -37.58 6.00 5.80
N LEU D 92 -38.77 6.55 6.01
CA LEU D 92 -38.92 7.95 6.36
C LEU D 92 -39.13 8.17 7.85
N LYS D 93 -38.94 9.42 8.29
CA LYS D 93 -39.40 9.87 9.60
C LYS D 93 -40.78 9.27 9.82
N GLY D 94 -40.95 8.59 10.95
CA GLY D 94 -42.25 8.10 11.38
C GLY D 94 -42.71 6.84 10.69
N GLU D 95 -41.87 6.27 9.85
CA GLU D 95 -42.30 5.06 9.18
C GLU D 95 -41.88 3.85 10.02
N THR D 96 -42.74 2.84 10.05
CA THR D 96 -42.42 1.62 10.75
C THR D 96 -41.30 0.88 10.05
N VAL D 97 -40.21 0.68 10.78
CA VAL D 97 -39.17 -0.21 10.35
C VAL D 97 -39.29 -1.48 11.17
N ASN D 98 -39.73 -2.53 10.49
CA ASN D 98 -39.87 -3.84 11.07
C ASN D 98 -39.15 -4.77 10.11
N THR D 99 -37.88 -5.05 10.40
CA THR D 99 -36.99 -5.66 9.43
C THR D 99 -36.06 -6.74 10.01
N THR D 100 -35.56 -7.59 9.13
CA THR D 100 -34.70 -8.67 9.55
C THR D 100 -33.43 -8.57 8.72
N ILE D 101 -32.30 -8.47 9.40
CA ILE D 101 -31.02 -8.30 8.75
C ILE D 101 -30.15 -9.49 9.12
N SER D 102 -29.63 -10.17 8.11
CA SER D 102 -28.73 -11.28 8.36
C SER D 102 -27.31 -10.78 8.61
N PHE D 103 -26.52 -11.58 9.33
CA PHE D 103 -25.13 -11.20 9.62
C PHE D 103 -24.28 -12.45 9.74
N SER D 104 -22.96 -12.24 9.63
CA SER D 104 -21.99 -13.32 9.57
C SER D 104 -20.63 -12.75 9.81
N PHE D 105 -19.83 -13.47 10.56
CA PHE D 105 -18.44 -13.13 10.74
C PHE D 105 -17.71 -14.30 11.39
N LYS D 106 -16.39 -14.29 11.27
CA LYS D 106 -15.53 -15.24 11.96
C LYS D 106 -14.22 -14.51 12.05
N GLY D 107 -13.21 -15.14 12.65
CA GLY D 107 -11.83 -14.82 12.31
C GLY D 107 -11.05 -13.96 13.27
N ILE D 108 -11.70 -13.51 14.34
CA ILE D 108 -10.97 -12.68 15.31
C ILE D 108 -11.07 -13.26 16.72
N LYS D 109 -9.92 -13.51 17.32
CA LYS D 109 -9.85 -13.86 18.72
C LYS D 109 -10.04 -12.58 19.51
N PHE D 110 -10.84 -12.65 20.58
CA PHE D 110 -11.08 -11.51 21.46
C PHE D 110 -10.58 -11.85 22.86
N SER D 111 -9.92 -10.90 23.50
CA SER D 111 -9.56 -11.04 24.91
C SER D 111 -10.81 -11.26 25.72
N LYS D 112 -10.68 -12.06 26.77
CA LYS D 112 -11.70 -12.22 27.78
C LYS D 112 -12.02 -10.85 28.38
N GLY D 113 -13.28 -10.63 28.77
CA GLY D 113 -13.61 -9.46 29.58
C GLY D 113 -14.84 -8.68 29.16
N LYS D 114 -14.75 -7.37 29.38
CA LYS D 114 -15.87 -6.47 29.20
C LYS D 114 -15.61 -5.51 28.02
N TYR D 115 -16.50 -5.58 27.03
CA TYR D 115 -16.51 -4.68 25.90
C TYR D 115 -17.68 -3.72 26.00
N LYS D 116 -17.43 -2.43 25.80
CA LYS D 116 -18.52 -1.50 25.57
C LYS D 116 -18.52 -1.08 24.10
N CYS D 117 -19.72 -0.87 23.55
CA CYS D 117 -19.81 -0.33 22.20
C CYS D 117 -20.89 0.74 22.13
N VAL D 118 -20.43 1.99 22.17
CA VAL D 118 -21.31 3.11 21.99
C VAL D 118 -21.62 3.15 20.50
N VAL D 119 -22.88 2.91 20.17
CA VAL D 119 -23.29 2.99 18.79
C VAL D 119 -24.10 4.26 18.60
N GLU D 120 -23.49 5.19 17.88
CA GLU D 120 -24.07 6.47 17.58
C GLU D 120 -24.61 6.41 16.14
N ALA D 121 -25.92 6.26 16.00
CA ALA D 121 -26.52 6.24 14.69
C ALA D 121 -26.76 7.65 14.23
N ILE D 122 -26.42 7.89 12.97
CA ILE D 122 -26.59 9.19 12.35
C ILE D 122 -27.25 9.00 10.98
N SER D 123 -28.25 9.84 10.69
CA SER D 123 -28.88 9.87 9.38
C SER D 123 -29.54 11.22 9.09
N GLY D 124 -30.23 11.28 7.96
CA GLY D 124 -30.88 12.51 7.50
C GLY D 124 -30.04 13.35 6.55
N SER D 125 -30.57 14.54 6.22
CA SER D 125 -29.93 15.45 5.26
C SER D 125 -28.97 16.44 5.94
N PRO D 126 -29.47 17.29 6.87
CA PRO D 126 -28.46 17.93 7.70
C PRO D 126 -28.06 16.92 8.79
N GLU D 127 -27.50 15.80 8.35
CA GLU D 127 -27.30 14.60 9.17
C GLU D 127 -27.17 14.83 10.68
N GLU D 128 -28.15 14.32 11.42
CA GLU D 128 -28.16 14.40 12.87
C GLU D 128 -28.29 13.02 13.52
N MET D 129 -28.11 12.99 14.83
CA MET D 129 -28.18 11.75 15.59
C MET D 129 -29.59 11.18 15.60
N LEU D 130 -29.71 9.89 15.27
CA LEU D 130 -30.96 9.15 15.33
C LEU D 130 -31.17 8.58 16.71
N PHE D 131 -30.15 7.88 17.20
CA PHE D 131 -30.09 7.37 18.56
C PHE D 131 -28.64 7.17 18.97
N CYS D 132 -28.42 6.91 20.25
CA CYS D 132 -27.15 6.45 20.78
C CYS D 132 -27.45 5.33 21.75
N LEU D 133 -26.92 4.15 21.46
CA LEU D 133 -27.01 3.01 22.36
C LEU D 133 -25.62 2.63 22.85
N GLU D 134 -25.54 2.15 24.09
CA GLU D 134 -24.29 1.69 24.61
C GLU D 134 -24.45 0.21 24.90
N PHE D 135 -23.81 -0.62 24.07
CA PHE D 135 -23.77 -2.05 24.31
C PHE D 135 -22.69 -2.41 25.27
N VAL D 136 -23.02 -3.31 26.20
CA VAL D 136 -22.04 -3.95 27.03
C VAL D 136 -22.05 -5.39 26.56
N ILE D 137 -20.87 -5.86 26.19
CA ILE D 137 -20.73 -7.26 25.92
C ILE D 137 -19.68 -7.95 26.82
N LEU D 138 -20.14 -8.86 27.67
CA LEU D 138 -19.23 -9.66 28.47
C LEU D 138 -18.80 -10.88 27.68
N HIS D 139 -17.48 -11.03 27.52
CA HIS D 139 -16.92 -12.14 26.76
C HIS D 139 -16.21 -13.15 27.61
N GLN D 140 -16.79 -14.34 27.66
CA GLN D 140 -16.22 -15.49 28.35
C GLN D 140 -15.90 -16.57 27.29
N PRO D 141 -14.67 -16.52 26.72
CA PRO D 141 -14.28 -17.36 25.56
C PRO D 141 -14.32 -18.87 25.81
N ASN D 142 -14.45 -19.63 24.70
CA ASN D 142 -14.67 -21.10 24.68
C ASN D 142 -16.11 -21.50 24.99
#